data_3N6Q
#
_entry.id   3N6Q
#
_cell.length_a   91.700
_cell.length_b   98.056
_cell.length_c   98.257
_cell.angle_alpha   90.27
_cell.angle_beta   92.97
_cell.angle_gamma   106.12
#
_symmetry.space_group_name_H-M   'P 1'
#
loop_
_entity.id
_entity.type
_entity.pdbx_description
1 polymer 'YghZ aldo-keto reductase'
2 non-polymer 'MAGNESIUM ION'
3 water water
#
_entity_poly.entity_id   1
_entity_poly.type   'polypeptide(L)'
_entity_poly.pdbx_seq_one_letter_code
;MVWLANPERYGQMQYRYCGKSGLRLPALSLGLWHNFGHVNALESQRAILRKAFDLGITHFDLANNYGPPPGSAEENFGRL
LREDFAAYRDELIISTKAGYDMWPGPYGSGGSRKYLLASLDQSLKRMGLEYVDIFYSHRVDENTPMEETASALAHAVQSG
KALYVGISSYSPERTQKMVELLREWKIPLLIHQPSYNLLNRWVDKSGLLDTLQNNGVGCIAFTPLAQGLLTGKYLNGIPQ
DSRMHREGNKVRGLTPKMLTEANLNSLRLLNEMAQQRGQSMAQMALSWLLKDDRVTSVLIGASRAEQLEENVQALNNLTF
STKELAQIDQHIADGELNLWQASSDK
;
_entity_poly.pdbx_strand_id   A,B,C,D,E,F,G,H
#
loop_
_chem_comp.id
_chem_comp.type
_chem_comp.name
_chem_comp.formula
MG non-polymer 'MAGNESIUM ION' 'Mg 2'
#
# COMPACT_ATOMS: atom_id res chain seq x y z
N VAL A 2 -14.25 -6.36 -52.29
CA VAL A 2 -13.69 -7.39 -51.33
C VAL A 2 -12.15 -7.42 -51.36
N TRP A 3 -11.53 -7.32 -50.19
CA TRP A 3 -10.07 -7.40 -50.12
C TRP A 3 -9.64 -8.65 -49.37
N LEU A 4 -8.78 -9.45 -49.99
CA LEU A 4 -8.27 -10.67 -49.34
CA LEU A 4 -8.25 -10.67 -49.38
C LEU A 4 -6.83 -10.42 -48.90
N ALA A 5 -6.58 -10.50 -47.59
CA ALA A 5 -5.18 -10.33 -47.12
C ALA A 5 -4.25 -11.42 -47.66
N ASN A 6 -2.95 -11.12 -47.75
CA ASN A 6 -1.94 -12.05 -48.23
C ASN A 6 -2.00 -13.38 -47.40
N PRO A 7 -2.24 -14.53 -48.04
CA PRO A 7 -2.40 -15.80 -47.32
C PRO A 7 -1.10 -16.18 -46.61
N GLU A 8 0.00 -15.63 -47.08
CA GLU A 8 1.32 -15.94 -46.49
CA GLU A 8 1.36 -15.89 -46.54
C GLU A 8 1.81 -14.88 -45.47
N ARG A 9 0.90 -14.01 -45.01
CA ARG A 9 1.27 -12.87 -44.15
C ARG A 9 1.96 -13.27 -42.85
N TYR A 10 1.70 -14.46 -42.33
CA TYR A 10 2.31 -14.82 -41.04
C TYR A 10 3.60 -15.59 -41.19
N GLY A 11 4.04 -15.78 -42.44
CA GLY A 11 5.12 -16.73 -42.73
C GLY A 11 6.53 -16.18 -42.50
N GLN A 12 6.70 -14.86 -42.53
CA GLN A 12 8.03 -14.28 -42.43
CA GLN A 12 8.03 -14.32 -42.39
C GLN A 12 8.23 -13.35 -41.22
N MET A 13 7.16 -12.69 -40.78
CA MET A 13 7.28 -11.72 -39.67
C MET A 13 7.78 -12.41 -38.43
N GLN A 14 8.59 -11.74 -37.63
CA GLN A 14 8.98 -12.35 -36.35
C GLN A 14 8.03 -11.79 -35.28
N TYR A 15 7.52 -12.66 -34.40
CA TYR A 15 6.67 -12.22 -33.29
C TYR A 15 7.38 -12.41 -31.94
N ARG A 16 7.18 -11.46 -31.00
CA ARG A 16 7.80 -11.58 -29.67
C ARG A 16 6.73 -11.54 -28.62
N TYR A 17 6.80 -12.44 -27.65
CA TYR A 17 5.92 -12.27 -26.49
C TYR A 17 6.20 -10.97 -25.79
N CYS A 18 5.14 -10.33 -25.34
CA CYS A 18 5.26 -9.00 -24.74
C CYS A 18 5.50 -9.21 -23.23
N GLY A 19 6.72 -8.98 -22.79
CA GLY A 19 7.13 -9.23 -21.41
C GLY A 19 6.81 -10.67 -21.03
N LYS A 20 6.21 -10.85 -19.88
CA LYS A 20 5.83 -12.19 -19.37
CA LYS A 20 5.88 -12.22 -19.46
C LYS A 20 4.47 -12.63 -19.89
N SER A 21 3.81 -11.77 -20.66
CA SER A 21 2.40 -12.11 -21.03
C SER A 21 2.33 -13.18 -22.12
N GLY A 22 1.11 -13.61 -22.45
CA GLY A 22 1.02 -14.53 -23.58
C GLY A 22 0.68 -13.79 -24.88
N LEU A 23 0.76 -12.47 -24.86
CA LEU A 23 0.42 -11.70 -26.12
C LEU A 23 1.69 -11.53 -26.98
N ARG A 24 1.62 -11.98 -28.23
CA ARG A 24 2.74 -11.85 -29.15
C ARG A 24 2.57 -10.65 -30.06
N LEU A 25 3.53 -9.71 -30.05
CA LEU A 25 3.48 -8.54 -30.96
C LEU A 25 4.43 -8.79 -32.11
N PRO A 26 4.10 -8.26 -33.31
CA PRO A 26 5.08 -8.26 -34.39
C PRO A 26 6.30 -7.45 -33.96
N ALA A 27 7.48 -7.87 -34.40
CA ALA A 27 8.71 -7.21 -33.99
C ALA A 27 8.71 -5.78 -34.59
N LEU A 28 7.98 -5.56 -35.70
CA LEU A 28 7.74 -4.17 -36.19
C LEU A 28 6.24 -3.90 -36.15
N SER A 29 5.83 -2.83 -35.49
CA SER A 29 4.40 -2.45 -35.39
C SER A 29 4.21 -1.19 -36.22
N LEU A 30 2.97 -0.90 -36.60
CA LEU A 30 2.70 0.40 -37.32
C LEU A 30 2.12 1.45 -36.36
N GLY A 31 2.77 2.61 -36.32
CA GLY A 31 2.26 3.76 -35.57
C GLY A 31 1.54 4.74 -36.49
N LEU A 32 0.49 5.37 -35.97
CA LEU A 32 -0.38 6.25 -36.83
C LEU A 32 -0.22 7.70 -36.39
N TRP A 33 0.89 8.01 -35.74
CA TRP A 33 1.11 9.37 -35.24
C TRP A 33 0.92 10.41 -36.37
N HIS A 34 1.57 10.15 -37.51
CA HIS A 34 1.37 10.98 -38.71
C HIS A 34 0.85 10.17 -39.85
N ASN A 35 0.39 10.86 -40.90
CA ASN A 35 -0.06 10.20 -42.12
C ASN A 35 -1.51 9.69 -42.15
N PHE A 36 -2.28 9.81 -41.05
CA PHE A 36 -3.63 9.22 -41.01
C PHE A 36 -4.66 10.25 -40.63
N GLY A 37 -4.30 11.53 -40.82
CA GLY A 37 -5.21 12.59 -40.44
C GLY A 37 -6.17 12.98 -41.58
N HIS A 38 -7.01 13.99 -41.34
CA HIS A 38 -7.90 14.45 -42.43
C HIS A 38 -7.09 15.24 -43.45
N VAL A 39 -5.85 15.59 -43.10
CA VAL A 39 -4.91 16.14 -44.10
C VAL A 39 -4.26 15.18 -45.08
N ASN A 40 -4.45 13.88 -44.86
CA ASN A 40 -3.89 12.82 -45.72
C ASN A 40 -5.01 12.14 -46.46
N ALA A 41 -4.89 12.03 -47.79
CA ALA A 41 -5.88 11.26 -48.57
C ALA A 41 -6.06 9.81 -48.02
N LEU A 42 -7.31 9.38 -47.95
CA LEU A 42 -7.62 8.01 -47.46
C LEU A 42 -7.06 6.89 -48.32
N GLU A 43 -6.91 7.12 -49.63
CA GLU A 43 -6.32 6.05 -50.45
C GLU A 43 -4.86 5.76 -50.02
N SER A 44 -4.10 6.79 -49.65
CA SER A 44 -2.71 6.53 -49.21
CA SER A 44 -2.71 6.56 -49.21
C SER A 44 -2.72 5.78 -47.89
N GLN A 45 -3.61 6.19 -46.99
CA GLN A 45 -3.79 5.43 -45.71
C GLN A 45 -4.17 4.00 -45.96
N ARG A 46 -5.12 3.77 -46.85
CA ARG A 46 -5.54 2.40 -47.15
C ARG A 46 -4.38 1.50 -47.60
N ALA A 47 -3.52 2.05 -48.44
CA ALA A 47 -2.46 1.24 -49.04
C ALA A 47 -1.39 0.88 -47.93
N ILE A 48 -1.21 1.77 -46.97
CA ILE A 48 -0.28 1.54 -45.86
C ILE A 48 -0.85 0.41 -44.96
N LEU A 49 -2.13 0.53 -44.61
CA LEU A 49 -2.71 -0.48 -43.67
C LEU A 49 -2.72 -1.85 -44.29
N ARG A 50 -3.11 -1.93 -45.57
CA ARG A 50 -3.15 -3.21 -46.25
C ARG A 50 -1.75 -3.84 -46.37
N LYS A 51 -0.76 -3.02 -46.71
CA LYS A 51 0.60 -3.52 -46.86
C LYS A 51 1.09 -4.02 -45.49
N ALA A 52 0.88 -3.24 -44.44
CA ALA A 52 1.32 -3.63 -43.10
C ALA A 52 0.77 -5.01 -42.72
N PHE A 53 -0.54 -5.18 -42.88
CA PHE A 53 -1.16 -6.50 -42.50
C PHE A 53 -0.63 -7.60 -43.43
N ASP A 54 -0.44 -7.29 -44.73
CA ASP A 54 0.11 -8.31 -45.68
C ASP A 54 1.54 -8.74 -45.32
N LEU A 55 2.27 -7.84 -44.63
CA LEU A 55 3.61 -8.17 -44.14
C LEU A 55 3.58 -8.89 -42.78
N GLY A 56 2.39 -9.12 -42.21
CA GLY A 56 2.31 -9.77 -40.89
C GLY A 56 2.32 -8.79 -39.74
N ILE A 57 2.30 -7.48 -40.04
CA ILE A 57 2.22 -6.49 -38.95
C ILE A 57 0.80 -6.44 -38.44
N THR A 58 0.58 -6.87 -37.19
CA THR A 58 -0.76 -7.08 -36.66
C THR A 58 -1.06 -6.03 -35.62
N HIS A 59 -0.09 -5.16 -35.30
CA HIS A 59 -0.31 -4.19 -34.21
C HIS A 59 -0.29 -2.79 -34.78
N PHE A 60 -1.39 -2.09 -34.57
CA PHE A 60 -1.63 -0.72 -35.08
C PHE A 60 -1.79 0.18 -33.89
N ASP A 61 -0.89 1.14 -33.75
CA ASP A 61 -0.86 1.94 -32.53
C ASP A 61 -1.36 3.37 -32.78
N LEU A 62 -2.37 3.79 -32.01
CA LEU A 62 -3.04 5.10 -32.22
C LEU A 62 -3.00 5.83 -30.90
N ALA A 63 -3.52 7.06 -30.84
CA ALA A 63 -3.71 7.78 -29.56
C ALA A 63 -4.83 8.75 -29.90
N ASN A 64 -5.50 9.27 -28.87
CA ASN A 64 -6.66 10.13 -29.13
C ASN A 64 -6.30 11.33 -30.02
N ASN A 65 -5.14 11.91 -29.81
CA ASN A 65 -4.87 13.18 -30.51
C ASN A 65 -4.14 13.05 -31.83
N TYR A 66 -3.92 11.84 -32.32
CA TYR A 66 -3.23 11.65 -33.58
C TYR A 66 -4.07 12.17 -34.78
N GLY A 67 -3.39 12.78 -35.73
CA GLY A 67 -4.12 13.38 -36.88
C GLY A 67 -3.08 14.01 -37.80
N PRO A 68 -3.22 15.30 -38.08
CA PRO A 68 -4.17 16.27 -37.55
C PRO A 68 -5.42 16.31 -38.43
N PRO A 69 -6.54 16.81 -37.90
CA PRO A 69 -6.68 17.31 -36.55
C PRO A 69 -6.83 16.16 -35.51
N PRO A 70 -6.83 16.48 -34.20
CA PRO A 70 -6.93 15.44 -33.15
C PRO A 70 -8.15 14.56 -33.37
N GLY A 71 -7.98 13.25 -33.21
CA GLY A 71 -9.09 12.33 -33.37
C GLY A 71 -9.24 11.81 -34.77
N SER A 72 -8.63 12.48 -35.78
CA SER A 72 -8.94 12.05 -37.13
C SER A 72 -8.24 10.78 -37.51
N ALA A 73 -7.07 10.45 -36.90
CA ALA A 73 -6.46 9.13 -37.23
C ALA A 73 -7.31 8.00 -36.72
N GLU A 74 -7.87 8.13 -35.51
CA GLU A 74 -8.83 7.15 -35.03
C GLU A 74 -10.06 7.02 -35.97
N GLU A 75 -10.66 8.15 -36.37
CA GLU A 75 -11.79 8.10 -37.33
C GLU A 75 -11.46 7.38 -38.62
N ASN A 76 -10.36 7.78 -39.26
CA ASN A 76 -9.95 7.20 -40.53
C ASN A 76 -9.61 5.72 -40.40
N PHE A 77 -8.87 5.41 -39.35
CA PHE A 77 -8.60 3.99 -39.07
C PHE A 77 -9.91 3.19 -38.92
N GLY A 78 -10.86 3.74 -38.18
CA GLY A 78 -12.18 3.12 -37.99
C GLY A 78 -12.94 2.89 -39.31
N ARG A 79 -12.85 3.85 -40.21
CA ARG A 79 -13.49 3.69 -41.55
CA ARG A 79 -13.51 3.67 -41.51
C ARG A 79 -12.83 2.56 -42.31
N LEU A 80 -11.52 2.51 -42.26
CA LEU A 80 -10.78 1.54 -42.99
C LEU A 80 -10.92 0.15 -42.41
N LEU A 81 -10.96 0.07 -41.08
CA LEU A 81 -11.29 -1.19 -40.40
C LEU A 81 -12.63 -1.76 -40.88
N ARG A 82 -13.65 -0.91 -40.92
CA ARG A 82 -14.99 -1.23 -41.47
CA ARG A 82 -14.94 -1.33 -41.45
C ARG A 82 -14.90 -1.70 -42.93
N GLU A 83 -14.15 -0.98 -43.76
CA GLU A 83 -14.13 -1.28 -45.20
C GLU A 83 -13.33 -2.52 -45.54
N ASP A 84 -12.18 -2.70 -44.90
CA ASP A 84 -11.18 -3.66 -45.40
C ASP A 84 -10.89 -4.75 -44.39
N PHE A 85 -11.16 -4.47 -43.12
CA PHE A 85 -10.72 -5.38 -42.05
C PHE A 85 -11.86 -5.94 -41.22
N ALA A 86 -13.05 -5.87 -41.78
CA ALA A 86 -14.22 -6.43 -41.09
C ALA A 86 -14.03 -7.91 -40.68
N ALA A 87 -13.47 -8.76 -41.51
CA ALA A 87 -13.22 -10.18 -41.10
C ALA A 87 -11.96 -10.40 -40.28
N TYR A 88 -11.18 -9.35 -40.08
CA TYR A 88 -9.80 -9.53 -39.50
C TYR A 88 -9.62 -8.89 -38.14
N ARG A 89 -10.66 -8.28 -37.55
CA ARG A 89 -10.40 -7.50 -36.32
C ARG A 89 -9.75 -8.38 -35.24
N ASP A 90 -10.12 -9.66 -35.18
CA ASP A 90 -9.58 -10.48 -34.10
C ASP A 90 -8.16 -10.98 -34.39
N GLU A 91 -7.63 -10.58 -35.55
CA GLU A 91 -6.20 -10.81 -35.91
C GLU A 91 -5.37 -9.55 -35.61
N LEU A 92 -6.00 -8.47 -35.14
CA LEU A 92 -5.26 -7.23 -34.91
C LEU A 92 -5.15 -6.89 -33.41
N ILE A 93 -4.11 -6.14 -33.07
CA ILE A 93 -4.00 -5.53 -31.76
C ILE A 93 -4.02 -4.05 -31.99
N ILE A 94 -5.04 -3.44 -31.46
CA ILE A 94 -5.25 -2.00 -31.68
C ILE A 94 -5.07 -1.31 -30.34
N SER A 95 -4.20 -0.30 -30.30
CA SER A 95 -4.09 0.47 -29.04
C SER A 95 -4.56 1.88 -29.20
N THR A 96 -5.00 2.48 -28.09
CA THR A 96 -5.04 3.93 -28.10
C THR A 96 -4.66 4.45 -26.73
N LYS A 97 -4.66 5.78 -26.55
CA LYS A 97 -4.09 6.38 -25.39
C LYS A 97 -4.80 7.66 -25.02
N ALA A 98 -4.56 8.12 -23.78
CA ALA A 98 -4.97 9.48 -23.33
C ALA A 98 -3.92 9.99 -22.36
N GLY A 99 -3.59 11.28 -22.47
CA GLY A 99 -2.62 11.91 -21.56
C GLY A 99 -2.21 13.30 -22.06
N TYR A 100 -2.14 13.44 -23.37
CA TYR A 100 -1.68 14.73 -23.93
C TYR A 100 -2.91 15.59 -24.16
N ASP A 101 -2.71 16.81 -24.65
CA ASP A 101 -3.81 17.72 -24.82
C ASP A 101 -4.68 17.16 -25.95
N MET A 102 -5.97 17.05 -25.70
CA MET A 102 -6.88 16.50 -26.67
C MET A 102 -8.04 17.45 -26.94
N TRP A 103 -8.70 17.91 -25.88
CA TRP A 103 -9.82 18.83 -26.06
C TRP A 103 -9.59 19.95 -25.04
N PRO A 104 -10.26 21.10 -25.24
CA PRO A 104 -9.99 22.30 -24.42
C PRO A 104 -10.43 22.14 -22.94
N GLY A 105 -9.77 22.84 -22.01
CA GLY A 105 -10.24 22.92 -20.63
C GLY A 105 -9.61 21.86 -19.76
N PRO A 106 -9.94 21.90 -18.48
CA PRO A 106 -9.21 21.16 -17.43
C PRO A 106 -9.44 19.64 -17.47
N TYR A 107 -10.33 19.14 -18.34
CA TYR A 107 -10.61 17.67 -18.40
C TYR A 107 -10.11 17.08 -19.69
N GLY A 108 -9.37 17.89 -20.48
CA GLY A 108 -9.00 17.51 -21.84
C GLY A 108 -7.52 17.12 -21.99
N SER A 109 -6.87 16.91 -20.85
CA SER A 109 -5.48 16.60 -20.80
C SER A 109 -5.16 15.98 -19.45
N GLY A 110 -4.07 15.21 -19.36
CA GLY A 110 -3.55 14.76 -18.07
C GLY A 110 -3.89 13.32 -17.72
N GLY A 111 -4.05 13.04 -16.41
CA GLY A 111 -4.17 11.65 -15.93
C GLY A 111 -5.44 11.38 -15.11
N SER A 112 -6.40 12.29 -15.15
CA SER A 112 -7.61 12.10 -14.29
C SER A 112 -8.54 11.02 -14.76
N ARG A 113 -9.34 10.52 -13.83
CA ARG A 113 -10.31 9.49 -14.13
C ARG A 113 -11.30 10.05 -15.20
N LYS A 114 -11.72 11.30 -15.01
CA LYS A 114 -12.66 11.97 -15.93
C LYS A 114 -12.08 11.94 -17.33
N TYR A 115 -10.80 12.37 -17.47
CA TYR A 115 -10.23 12.52 -18.81
C TYR A 115 -10.03 11.12 -19.43
N LEU A 116 -9.41 10.21 -18.68
CA LEU A 116 -9.06 8.91 -19.25
C LEU A 116 -10.33 8.17 -19.71
N LEU A 117 -11.35 8.18 -18.89
CA LEU A 117 -12.52 7.36 -19.20
C LEU A 117 -13.41 8.05 -20.24
N ALA A 118 -13.54 9.39 -20.16
CA ALA A 118 -14.32 10.06 -21.24
C ALA A 118 -13.53 9.92 -22.53
N SER A 119 -12.19 10.02 -22.47
CA SER A 119 -11.40 9.90 -23.72
C SER A 119 -11.48 8.52 -24.35
N LEU A 120 -11.46 7.48 -23.51
CA LEU A 120 -11.53 6.14 -24.03
C LEU A 120 -12.88 5.96 -24.73
N ASP A 121 -13.96 6.44 -24.09
CA ASP A 121 -15.27 6.34 -24.75
C ASP A 121 -15.29 7.06 -26.14
N GLN A 122 -14.69 8.24 -26.19
CA GLN A 122 -14.55 8.96 -27.51
C GLN A 122 -13.80 8.17 -28.53
N SER A 123 -12.69 7.54 -28.12
CA SER A 123 -11.84 6.78 -29.05
C SER A 123 -12.62 5.56 -29.57
N LEU A 124 -13.32 4.84 -28.68
CA LEU A 124 -14.05 3.63 -29.11
C LEU A 124 -15.12 4.06 -30.13
N LYS A 125 -15.76 5.22 -29.85
CA LYS A 125 -16.79 5.70 -30.81
C LYS A 125 -16.18 6.13 -32.13
N ARG A 126 -15.04 6.85 -32.09
CA ARG A 126 -14.42 7.26 -33.35
C ARG A 126 -13.94 6.03 -34.15
N MET A 127 -13.37 5.04 -33.48
CA MET A 127 -12.89 3.87 -34.21
C MET A 127 -13.98 2.84 -34.54
N GLY A 128 -15.17 2.97 -33.95
CA GLY A 128 -16.26 1.99 -34.21
C GLY A 128 -15.96 0.65 -33.51
N LEU A 129 -15.23 0.67 -32.39
CA LEU A 129 -14.85 -0.56 -31.70
C LEU A 129 -15.59 -0.75 -30.39
N GLU A 130 -15.83 -2.02 -30.03
CA GLU A 130 -16.32 -2.35 -28.70
CA GLU A 130 -16.31 -2.36 -28.70
C GLU A 130 -15.21 -2.17 -27.64
N TYR A 131 -13.98 -2.48 -28.01
CA TYR A 131 -12.87 -2.33 -27.07
C TYR A 131 -11.59 -2.12 -27.84
N VAL A 132 -10.55 -1.62 -27.16
CA VAL A 132 -9.22 -1.67 -27.76
C VAL A 132 -8.41 -2.81 -27.10
N ASP A 133 -7.40 -3.31 -27.79
CA ASP A 133 -6.63 -4.35 -27.16
C ASP A 133 -5.72 -3.79 -26.12
N ILE A 134 -5.21 -2.55 -26.31
CA ILE A 134 -4.36 -1.93 -25.27
C ILE A 134 -4.76 -0.50 -25.09
N PHE A 135 -5.11 -0.11 -23.85
CA PHE A 135 -5.36 1.29 -23.52
C PHE A 135 -4.17 1.85 -22.67
N TYR A 136 -3.57 2.95 -23.14
CA TYR A 136 -2.42 3.59 -22.42
C TYR A 136 -2.81 4.85 -21.68
N SER A 137 -2.18 5.04 -20.51
CA SER A 137 -1.84 6.39 -20.05
C SER A 137 -0.64 6.92 -20.88
N HIS A 138 -0.86 8.01 -21.60
CA HIS A 138 0.11 8.43 -22.66
C HIS A 138 1.33 9.19 -22.11
N ARG A 139 1.21 9.69 -20.89
CA ARG A 139 2.30 10.43 -20.23
C ARG A 139 2.02 10.55 -18.75
N VAL A 140 3.03 10.98 -18.00
CA VAL A 140 2.87 11.18 -16.57
C VAL A 140 2.14 12.47 -16.30
N ASP A 141 1.19 12.42 -15.37
CA ASP A 141 0.60 13.67 -14.85
C ASP A 141 0.98 13.75 -13.38
N GLU A 142 1.93 14.66 -13.08
CA GLU A 142 2.38 14.85 -11.70
C GLU A 142 1.26 15.37 -10.79
N ASN A 143 0.19 15.85 -11.40
CA ASN A 143 -0.89 16.42 -10.58
C ASN A 143 -2.10 15.50 -10.33
N THR A 144 -2.13 14.30 -10.93
CA THR A 144 -3.08 13.30 -10.54
C THR A 144 -2.34 12.20 -9.78
N PRO A 145 -2.90 11.74 -8.67
CA PRO A 145 -2.24 10.65 -7.94
C PRO A 145 -2.24 9.40 -8.86
N MET A 146 -1.13 8.70 -8.96
CA MET A 146 -1.18 7.43 -9.74
C MET A 146 -2.23 6.40 -9.35
N GLU A 147 -2.67 6.40 -8.07
CA GLU A 147 -3.81 5.59 -7.66
C GLU A 147 -5.02 5.87 -8.56
N GLU A 148 -5.26 7.14 -8.85
CA GLU A 148 -6.44 7.53 -9.66
C GLU A 148 -6.27 7.06 -11.11
N THR A 149 -5.09 7.31 -11.68
CA THR A 149 -4.83 6.90 -13.06
C THR A 149 -4.91 5.39 -13.16
N ALA A 150 -4.28 4.69 -12.20
CA ALA A 150 -4.34 3.21 -12.23
C ALA A 150 -5.74 2.66 -12.11
N SER A 151 -6.55 3.23 -11.21
CA SER A 151 -7.94 2.79 -11.06
CA SER A 151 -7.93 2.78 -11.07
C SER A 151 -8.76 3.01 -12.34
N ALA A 152 -8.42 4.07 -13.07
CA ALA A 152 -9.16 4.33 -14.31
C ALA A 152 -8.74 3.26 -15.34
N LEU A 153 -7.42 3.00 -15.46
CA LEU A 153 -7.04 1.86 -16.35
C LEU A 153 -7.72 0.54 -15.95
N ALA A 154 -7.73 0.29 -14.65
CA ALA A 154 -8.40 -0.94 -14.16
C ALA A 154 -9.89 -0.97 -14.54
N HIS A 155 -10.56 0.18 -14.40
CA HIS A 155 -11.96 0.24 -14.79
C HIS A 155 -12.13 -0.11 -16.30
N ALA A 156 -11.26 0.44 -17.17
CA ALA A 156 -11.30 0.14 -18.60
C ALA A 156 -11.24 -1.36 -18.87
N VAL A 157 -10.40 -2.08 -18.14
CA VAL A 157 -10.31 -3.54 -18.29
C VAL A 157 -11.57 -4.24 -17.71
N GLN A 158 -11.96 -3.84 -16.50
CA GLN A 158 -13.06 -4.56 -15.83
C GLN A 158 -14.30 -4.40 -16.64
N SER A 159 -14.48 -3.21 -17.20
CA SER A 159 -15.70 -2.96 -17.97
C SER A 159 -15.67 -3.52 -19.37
N GLY A 160 -14.57 -4.12 -19.81
CA GLY A 160 -14.60 -4.75 -21.12
C GLY A 160 -14.25 -3.75 -22.26
N LYS A 161 -13.70 -2.56 -21.94
CA LYS A 161 -13.38 -1.56 -23.03
C LYS A 161 -11.90 -1.65 -23.42
N ALA A 162 -11.09 -2.36 -22.65
CA ALA A 162 -9.68 -2.59 -23.01
C ALA A 162 -9.32 -4.00 -22.55
N LEU A 163 -8.58 -4.76 -23.37
CA LEU A 163 -8.16 -6.12 -22.92
C LEU A 163 -6.97 -6.01 -21.98
N TYR A 164 -6.10 -5.02 -22.24
CA TYR A 164 -4.83 -4.87 -21.49
C TYR A 164 -4.53 -3.40 -21.34
N VAL A 165 -3.60 -3.07 -20.45
CA VAL A 165 -3.23 -1.68 -20.28
C VAL A 165 -1.72 -1.43 -20.40
N GLY A 166 -1.38 -0.22 -20.84
CA GLY A 166 0.02 0.18 -21.04
C GLY A 166 0.26 1.57 -20.44
N ILE A 167 1.53 1.92 -20.29
CA ILE A 167 1.87 3.31 -19.98
C ILE A 167 2.95 3.78 -20.94
N SER A 168 3.09 5.10 -21.07
CA SER A 168 4.07 5.65 -22.01
C SER A 168 4.79 6.84 -21.30
N SER A 169 6.12 6.83 -21.43
CA SER A 169 7.01 7.86 -20.91
C SER A 169 7.03 8.03 -19.37
N TYR A 170 6.85 6.91 -18.66
CA TYR A 170 6.91 6.89 -17.21
C TYR A 170 8.34 6.53 -16.82
N SER A 171 8.94 7.29 -15.91
CA SER A 171 10.21 6.87 -15.26
C SER A 171 10.22 5.44 -14.72
N PRO A 172 11.43 4.91 -14.39
CA PRO A 172 11.46 3.61 -13.73
C PRO A 172 10.70 3.61 -12.41
N GLU A 173 10.89 4.63 -11.58
CA GLU A 173 10.19 4.63 -10.27
C GLU A 173 8.66 4.67 -10.46
N ARG A 174 8.18 5.57 -11.31
CA ARG A 174 6.70 5.64 -11.54
C ARG A 174 6.17 4.35 -12.20
N THR A 175 6.95 3.75 -13.10
CA THR A 175 6.52 2.49 -13.73
C THR A 175 6.40 1.41 -12.68
N GLN A 176 7.38 1.35 -11.77
CA GLN A 176 7.28 0.38 -10.68
C GLN A 176 6.02 0.59 -9.84
N LYS A 177 5.71 1.85 -9.52
CA LYS A 177 4.55 2.16 -8.75
C LYS A 177 3.26 1.78 -9.51
N MET A 178 3.23 2.08 -10.82
CA MET A 178 2.04 1.67 -11.59
C MET A 178 1.85 0.15 -11.61
N VAL A 179 2.95 -0.59 -11.74
CA VAL A 179 2.90 -2.08 -11.66
C VAL A 179 2.28 -2.51 -10.36
N GLU A 180 2.79 -1.95 -9.24
CA GLU A 180 2.22 -2.26 -7.92
C GLU A 180 0.75 -1.89 -7.77
N LEU A 181 0.36 -0.69 -8.23
CA LEU A 181 -1.03 -0.26 -8.12
C LEU A 181 -1.99 -1.11 -8.94
N LEU A 182 -1.60 -1.45 -10.17
CA LEU A 182 -2.42 -2.35 -11.00
C LEU A 182 -2.48 -3.76 -10.45
N ARG A 183 -1.42 -4.22 -9.80
CA ARG A 183 -1.50 -5.53 -9.13
C ARG A 183 -2.54 -5.61 -8.03
N GLU A 184 -2.89 -4.47 -7.42
CA GLU A 184 -3.94 -4.46 -6.40
C GLU A 184 -5.32 -4.78 -6.99
N TRP A 185 -5.46 -4.53 -8.30
CA TRP A 185 -6.64 -4.88 -9.04
C TRP A 185 -6.45 -6.24 -9.78
N LYS A 186 -5.34 -6.94 -9.49
CA LYS A 186 -4.99 -8.18 -10.17
C LYS A 186 -4.86 -8.03 -11.70
N ILE A 187 -4.30 -6.89 -12.10
CA ILE A 187 -4.06 -6.64 -13.53
C ILE A 187 -2.55 -6.42 -13.72
N PRO A 188 -1.92 -7.21 -14.60
CA PRO A 188 -0.52 -6.97 -14.89
C PRO A 188 -0.40 -5.81 -15.86
N LEU A 189 0.48 -4.86 -15.62
CA LEU A 189 0.86 -3.89 -16.69
C LEU A 189 1.48 -4.62 -17.86
N LEU A 190 0.84 -4.47 -19.03
CA LEU A 190 1.29 -5.22 -20.20
C LEU A 190 2.58 -4.67 -20.80
N ILE A 191 2.67 -3.35 -20.92
CA ILE A 191 3.64 -2.77 -21.88
C ILE A 191 3.92 -1.30 -21.52
N HIS A 192 5.16 -0.90 -21.80
CA HIS A 192 5.64 0.48 -21.70
C HIS A 192 6.16 0.90 -23.09
N GLN A 193 5.74 2.08 -23.53
CA GLN A 193 6.13 2.66 -24.79
C GLN A 193 6.99 3.94 -24.51
N PRO A 194 8.33 3.78 -24.38
CA PRO A 194 9.22 4.91 -24.32
C PRO A 194 9.77 5.31 -25.69
N SER A 195 10.28 6.53 -25.81
CA SER A 195 11.17 6.88 -26.95
C SER A 195 12.49 6.16 -26.73
N TYR A 196 12.96 5.47 -27.76
CA TYR A 196 14.15 4.67 -27.64
C TYR A 196 14.72 4.43 -29.05
N ASN A 197 15.99 4.76 -29.25
CA ASN A 197 16.67 4.57 -30.54
C ASN A 197 18.20 4.68 -30.28
N LEU A 198 18.98 4.41 -31.33
CA LEU A 198 20.45 4.43 -31.26
C LEU A 198 20.98 5.67 -30.53
N LEU A 199 20.30 6.79 -30.69
CA LEU A 199 20.73 8.08 -30.20
C LEU A 199 20.10 8.60 -28.93
N ASN A 200 19.17 7.84 -28.37
CA ASN A 200 18.50 8.29 -27.20
C ASN A 200 18.30 7.04 -26.34
N ARG A 201 19.21 6.84 -25.39
CA ARG A 201 19.17 5.64 -24.58
C ARG A 201 18.83 5.92 -23.13
N TRP A 202 18.04 6.95 -22.88
CA TRP A 202 17.49 7.15 -21.51
C TRP A 202 16.95 5.82 -20.88
N VAL A 203 16.27 4.98 -21.66
CA VAL A 203 15.57 3.82 -21.06
C VAL A 203 16.60 2.88 -20.47
N ASP A 204 17.79 2.87 -21.07
CA ASP A 204 18.83 1.96 -20.61
C ASP A 204 19.55 2.54 -19.40
N LYS A 205 20.08 3.76 -19.55
CA LYS A 205 20.83 4.42 -18.45
C LYS A 205 19.97 4.63 -17.21
N SER A 206 18.67 4.92 -17.37
CA SER A 206 17.84 5.22 -16.24
C SER A 206 17.51 3.97 -15.44
N GLY A 207 17.75 2.80 -16.03
CA GLY A 207 17.35 1.50 -15.42
C GLY A 207 15.94 1.05 -15.84
N LEU A 208 15.28 1.80 -16.69
CA LEU A 208 13.92 1.38 -17.13
C LEU A 208 13.92 -0.02 -17.77
N LEU A 209 14.81 -0.32 -18.72
CA LEU A 209 14.75 -1.64 -19.33
C LEU A 209 14.82 -2.73 -18.26
N ASP A 210 15.68 -2.54 -17.26
CA ASP A 210 15.72 -3.50 -16.12
C ASP A 210 14.36 -3.58 -15.38
N THR A 211 13.78 -2.42 -15.09
CA THR A 211 12.50 -2.35 -14.39
C THR A 211 11.42 -3.12 -15.16
N LEU A 212 11.43 -2.93 -16.48
CA LEU A 212 10.45 -3.64 -17.35
C LEU A 212 10.69 -5.15 -17.28
N GLN A 213 11.93 -5.60 -17.46
CA GLN A 213 12.18 -7.05 -17.40
C GLN A 213 11.87 -7.62 -16.04
N ASN A 214 12.28 -6.92 -14.99
CA ASN A 214 12.02 -7.35 -13.60
C ASN A 214 10.55 -7.53 -13.26
N ASN A 215 9.68 -6.82 -13.99
CA ASN A 215 8.27 -6.90 -13.75
C ASN A 215 7.46 -7.61 -14.88
N GLY A 216 8.16 -8.17 -15.87
CA GLY A 216 7.47 -8.89 -16.99
C GLY A 216 6.69 -7.94 -17.85
N VAL A 217 7.16 -6.69 -17.95
CA VAL A 217 6.47 -5.68 -18.81
C VAL A 217 7.17 -5.61 -20.17
N GLY A 218 6.39 -5.54 -21.26
CA GLY A 218 7.03 -5.44 -22.59
C GLY A 218 7.41 -3.99 -22.88
N CYS A 219 8.16 -3.81 -23.94
CA CYS A 219 8.76 -2.51 -24.29
C CYS A 219 8.61 -2.33 -25.79
N ILE A 220 7.89 -1.26 -26.17
CA ILE A 220 7.75 -0.94 -27.57
C ILE A 220 8.33 0.44 -27.87
N ALA A 221 9.35 0.46 -28.73
CA ALA A 221 10.17 1.67 -28.95
C ALA A 221 9.48 2.65 -29.84
N PHE A 222 9.24 3.85 -29.32
CA PHE A 222 8.63 4.91 -30.10
C PHE A 222 9.81 5.71 -30.73
N THR A 223 9.57 6.28 -31.90
CA THR A 223 10.61 6.98 -32.74
C THR A 223 11.93 6.21 -32.81
N PRO A 224 11.88 4.91 -33.24
CA PRO A 224 13.09 4.07 -33.38
C PRO A 224 14.03 4.63 -34.44
N LEU A 225 13.52 5.49 -35.33
CA LEU A 225 14.44 6.08 -36.33
C LEU A 225 14.81 7.54 -36.00
N ALA A 226 14.58 7.95 -34.75
CA ALA A 226 14.93 9.29 -34.27
C ALA A 226 14.43 10.40 -35.19
N GLN A 227 13.19 10.25 -35.64
CA GLN A 227 12.56 11.22 -36.53
C GLN A 227 13.35 11.61 -37.76
N GLY A 228 13.93 10.62 -38.45
CA GLY A 228 14.70 10.89 -39.66
C GLY A 228 16.19 10.93 -39.45
N LEU A 229 16.63 11.25 -38.24
CA LEU A 229 18.07 11.27 -38.06
C LEU A 229 18.71 9.93 -38.42
N LEU A 230 17.99 8.81 -38.20
CA LEU A 230 18.60 7.48 -38.43
C LEU A 230 18.13 6.89 -39.75
N THR A 231 17.90 7.73 -40.74
CA THR A 231 17.51 7.23 -42.06
C THR A 231 18.44 7.70 -43.18
N GLY A 232 19.43 8.51 -42.85
CA GLY A 232 20.25 9.14 -43.91
C GLY A 232 19.47 10.14 -44.78
N LYS A 233 18.31 10.55 -44.27
CA LYS A 233 17.59 11.71 -44.78
C LYS A 233 18.49 12.94 -44.75
N TYR A 234 19.35 13.04 -43.74
CA TYR A 234 20.19 14.23 -43.58
C TYR A 234 21.63 14.10 -44.07
N LEU A 235 21.97 12.96 -44.67
CA LEU A 235 23.35 12.73 -45.11
C LEU A 235 23.68 13.55 -46.36
N LEU A 259 21.72 20.54 -37.18
CA LEU A 259 22.75 19.56 -36.80
C LEU A 259 24.15 20.16 -36.96
N THR A 260 25.07 19.83 -36.04
CA THR A 260 26.49 20.28 -36.17
C THR A 260 27.30 19.52 -37.23
N GLU A 261 28.48 20.05 -37.58
CA GLU A 261 29.37 19.30 -38.49
C GLU A 261 29.80 17.95 -37.85
N ALA A 262 30.09 17.94 -36.54
CA ALA A 262 30.47 16.69 -35.90
C ALA A 262 29.26 15.68 -35.85
N ASN A 263 28.05 16.20 -35.67
CA ASN A 263 26.83 15.35 -35.76
C ASN A 263 26.81 14.63 -37.13
N LEU A 264 26.89 15.44 -38.17
CA LEU A 264 26.77 14.97 -39.52
C LEU A 264 27.87 13.99 -39.84
N ASN A 265 29.05 14.28 -39.32
CA ASN A 265 30.18 13.36 -39.57
C ASN A 265 29.94 11.99 -38.95
N SER A 266 29.43 11.96 -37.73
CA SER A 266 29.15 10.70 -37.06
C SER A 266 27.97 9.95 -37.69
N LEU A 267 26.96 10.67 -38.19
CA LEU A 267 25.88 10.04 -38.96
C LEU A 267 26.43 9.39 -40.22
N ARG A 268 27.32 10.06 -40.94
CA ARG A 268 27.90 9.41 -42.12
CA ARG A 268 27.98 9.44 -42.11
C ARG A 268 28.69 8.14 -41.74
N LEU A 269 29.40 8.14 -40.63
CA LEU A 269 30.18 6.97 -40.22
C LEU A 269 29.25 5.82 -39.79
N LEU A 270 28.19 6.17 -39.08
CA LEU A 270 27.12 5.17 -38.83
C LEU A 270 26.56 4.61 -40.11
N ASN A 271 26.31 5.46 -41.10
CA ASN A 271 25.73 4.95 -42.30
C ASN A 271 26.73 4.01 -43.00
N GLU A 272 28.00 4.35 -42.91
CA GLU A 272 29.02 3.40 -43.45
C GLU A 272 28.95 2.04 -42.78
N MET A 273 28.82 2.02 -41.45
CA MET A 273 28.68 0.71 -40.79
C MET A 273 27.48 -0.07 -41.28
N ALA A 274 26.37 0.64 -41.47
CA ALA A 274 25.17 0.00 -42.02
C ALA A 274 25.50 -0.63 -43.39
N GLN A 275 26.17 0.14 -44.25
CA GLN A 275 26.50 -0.36 -45.61
C GLN A 275 27.40 -1.59 -45.53
N GLN A 276 28.32 -1.60 -44.56
CA GLN A 276 29.19 -2.80 -44.37
C GLN A 276 28.38 -4.03 -44.00
N ARG A 277 27.23 -3.81 -43.36
CA ARG A 277 26.31 -4.90 -42.98
C ARG A 277 25.34 -5.32 -44.07
N GLY A 278 25.40 -4.69 -45.23
CA GLY A 278 24.38 -4.89 -46.24
C GLY A 278 23.03 -4.28 -45.88
N GLN A 279 23.05 -3.24 -45.07
CA GLN A 279 21.81 -2.61 -44.57
C GLN A 279 21.75 -1.13 -44.92
N SER A 280 20.52 -0.59 -45.05
CA SER A 280 20.41 0.86 -45.02
C SER A 280 20.58 1.32 -43.60
N MET A 281 20.78 2.61 -43.45
CA MET A 281 20.87 3.17 -42.10
CA MET A 281 20.84 3.21 -42.12
C MET A 281 19.60 2.88 -41.27
N ALA A 282 18.41 3.05 -41.87
CA ALA A 282 17.12 2.74 -41.15
C ALA A 282 17.12 1.31 -40.67
N GLN A 283 17.51 0.41 -41.56
CA GLN A 283 17.49 -1.02 -41.23
C GLN A 283 18.44 -1.35 -40.09
N MET A 284 19.66 -0.80 -40.11
CA MET A 284 20.54 -1.04 -38.99
C MET A 284 20.02 -0.50 -37.65
N ALA A 285 19.48 0.72 -37.66
CA ALA A 285 18.86 1.32 -36.46
C ALA A 285 17.76 0.42 -35.85
N LEU A 286 16.92 -0.18 -36.69
CA LEU A 286 15.86 -1.08 -36.24
C LEU A 286 16.45 -2.41 -35.76
N SER A 287 17.38 -2.97 -36.52
CA SER A 287 18.02 -4.21 -36.08
C SER A 287 18.70 -4.02 -34.75
N TRP A 288 19.30 -2.84 -34.54
CA TRP A 288 20.01 -2.55 -33.29
C TRP A 288 19.05 -2.62 -32.09
N LEU A 289 17.84 -2.08 -32.25
CA LEU A 289 16.84 -2.15 -31.18
C LEU A 289 16.43 -3.62 -30.97
N LEU A 290 16.37 -4.38 -32.05
CA LEU A 290 15.81 -5.75 -32.02
C LEU A 290 16.95 -6.80 -31.76
N LYS A 291 18.15 -6.34 -31.38
CA LYS A 291 19.33 -7.24 -31.40
C LYS A 291 19.27 -8.25 -30.27
N ASP A 292 18.43 -7.95 -29.29
CA ASP A 292 18.28 -8.87 -28.14
C ASP A 292 16.82 -8.82 -27.65
N ASP A 293 16.58 -9.42 -26.49
CA ASP A 293 15.20 -9.55 -25.99
C ASP A 293 14.70 -8.40 -25.14
N ARG A 294 15.45 -7.31 -25.05
CA ARG A 294 15.03 -6.19 -24.20
C ARG A 294 13.93 -5.29 -24.80
N VAL A 295 13.68 -5.44 -26.10
CA VAL A 295 12.64 -4.69 -26.84
C VAL A 295 11.68 -5.73 -27.41
N THR A 296 10.39 -5.51 -27.19
CA THR A 296 9.32 -6.33 -27.78
C THR A 296 9.05 -5.99 -29.24
N SER A 297 9.05 -4.69 -29.57
CA SER A 297 8.66 -4.26 -30.91
C SER A 297 9.22 -2.86 -31.16
N VAL A 298 9.32 -2.44 -32.42
CA VAL A 298 9.69 -1.04 -32.73
C VAL A 298 8.52 -0.47 -33.57
N LEU A 299 8.13 0.78 -33.30
CA LEU A 299 6.98 1.39 -33.92
C LEU A 299 7.41 2.15 -35.12
N ILE A 300 7.02 1.69 -36.29
CA ILE A 300 7.37 2.35 -37.55
CA ILE A 300 7.39 2.42 -37.48
C ILE A 300 6.25 3.30 -37.97
N GLY A 301 6.60 4.55 -38.28
CA GLY A 301 5.60 5.48 -38.73
C GLY A 301 5.63 5.76 -40.21
N ALA A 302 5.18 4.80 -41.01
CA ALA A 302 5.32 4.85 -42.48
C ALA A 302 4.45 5.88 -43.21
N SER A 303 5.00 6.51 -44.25
CA SER A 303 4.20 7.38 -45.12
C SER A 303 3.85 6.74 -46.46
N ARG A 304 4.45 5.60 -46.75
CA ARG A 304 4.13 4.88 -47.99
C ARG A 304 4.40 3.40 -47.77
N ALA A 305 3.72 2.60 -48.58
CA ALA A 305 3.80 1.14 -48.46
C ALA A 305 5.22 0.64 -48.58
N GLU A 306 6.04 1.23 -49.48
CA GLU A 306 7.43 0.79 -49.74
C GLU A 306 8.34 0.91 -48.52
N GLN A 307 7.99 1.84 -47.62
CA GLN A 307 8.88 2.06 -46.48
C GLN A 307 8.78 0.82 -45.64
N LEU A 308 7.55 0.28 -45.53
CA LEU A 308 7.36 -0.93 -44.70
C LEU A 308 8.13 -2.12 -45.24
N GLU A 309 8.04 -2.35 -46.55
CA GLU A 309 8.76 -3.47 -47.18
CA GLU A 309 8.77 -3.48 -47.18
C GLU A 309 10.26 -3.35 -46.87
N GLU A 310 10.81 -2.14 -47.00
CA GLU A 310 12.22 -1.89 -46.68
C GLU A 310 12.53 -2.10 -45.19
N ASN A 311 11.71 -1.57 -44.28
CA ASN A 311 12.05 -1.64 -42.84
C ASN A 311 11.96 -3.06 -42.30
N VAL A 312 11.01 -3.87 -42.79
CA VAL A 312 10.86 -5.20 -42.21
C VAL A 312 12.06 -6.11 -42.58
N GLN A 313 12.81 -5.73 -43.61
CA GLN A 313 14.08 -6.44 -43.89
C GLN A 313 15.15 -6.36 -42.82
N ALA A 314 15.01 -5.39 -41.90
CA ALA A 314 15.91 -5.33 -40.73
C ALA A 314 16.01 -6.71 -40.04
N LEU A 315 14.91 -7.48 -40.11
CA LEU A 315 14.83 -8.80 -39.44
C LEU A 315 15.80 -9.83 -40.01
N ASN A 316 16.34 -9.52 -41.19
CA ASN A 316 17.30 -10.42 -41.82
C ASN A 316 18.70 -10.34 -41.24
N ASN A 317 18.97 -9.31 -40.43
CA ASN A 317 20.31 -9.21 -39.81
C ASN A 317 20.21 -8.58 -38.43
N LEU A 318 19.87 -9.39 -37.45
CA LEU A 318 19.72 -8.89 -36.08
C LEU A 318 20.99 -9.03 -35.25
N THR A 319 22.08 -9.46 -35.86
CA THR A 319 23.26 -9.79 -35.05
C THR A 319 24.32 -8.67 -35.18
N PHE A 320 24.90 -8.30 -34.04
CA PHE A 320 25.99 -7.31 -33.99
C PHE A 320 27.11 -7.90 -33.16
N SER A 321 28.34 -7.71 -33.61
CA SER A 321 29.48 -8.18 -32.83
C SER A 321 29.79 -7.21 -31.69
N THR A 322 30.58 -7.64 -30.73
CA THR A 322 30.96 -6.76 -29.62
CA THR A 322 30.90 -6.74 -29.64
C THR A 322 31.71 -5.55 -30.18
N LYS A 323 32.53 -5.79 -31.18
CA LYS A 323 33.29 -4.72 -31.81
C LYS A 323 32.35 -3.72 -32.50
N GLU A 324 31.35 -4.22 -33.24
CA GLU A 324 30.37 -3.35 -33.88
C GLU A 324 29.65 -2.49 -32.86
N LEU A 325 29.22 -3.10 -31.77
CA LEU A 325 28.45 -2.32 -30.79
C LEU A 325 29.33 -1.22 -30.17
N ALA A 326 30.62 -1.55 -29.97
CA ALA A 326 31.55 -0.57 -29.43
C ALA A 326 31.82 0.58 -30.39
N GLN A 327 31.95 0.30 -31.67
CA GLN A 327 32.24 1.30 -32.69
C GLN A 327 31.03 2.23 -32.92
N ILE A 328 29.84 1.65 -32.89
CA ILE A 328 28.61 2.46 -32.97
C ILE A 328 28.60 3.47 -31.85
N ASP A 329 28.79 3.01 -30.62
CA ASP A 329 28.80 3.91 -29.49
C ASP A 329 29.92 4.94 -29.61
N GLN A 330 31.10 4.53 -30.12
CA GLN A 330 32.21 5.50 -30.23
C GLN A 330 31.84 6.65 -31.19
N HIS A 331 31.26 6.30 -32.34
CA HIS A 331 30.89 7.30 -33.33
C HIS A 331 29.88 8.24 -32.73
N ILE A 332 28.95 7.68 -31.98
CA ILE A 332 27.92 8.51 -31.35
C ILE A 332 28.51 9.50 -30.32
N ALA A 333 29.42 9.00 -29.48
CA ALA A 333 30.13 9.85 -28.51
C ALA A 333 30.97 10.93 -29.22
N ASP A 334 31.68 10.52 -30.26
CA ASP A 334 32.55 11.45 -31.01
C ASP A 334 31.73 12.55 -31.65
N GLY A 335 30.54 12.21 -32.14
CA GLY A 335 29.71 13.24 -32.81
C GLY A 335 28.80 13.98 -31.88
N GLU A 336 28.90 13.69 -30.59
CA GLU A 336 27.95 14.22 -29.59
C GLU A 336 26.47 14.06 -30.04
N LEU A 337 26.16 12.84 -30.51
CA LEU A 337 24.88 12.56 -31.15
C LEU A 337 23.78 12.21 -30.15
N ASN A 338 24.12 12.15 -28.87
CA ASN A 338 23.07 12.12 -27.85
C ASN A 338 22.16 13.35 -27.79
N VAL B 2 -43.31 -27.86 -34.75
CA VAL B 2 -43.17 -27.73 -33.26
C VAL B 2 -42.67 -29.09 -32.79
N TRP B 3 -41.63 -29.12 -31.95
CA TRP B 3 -41.11 -30.40 -31.49
C TRP B 3 -41.28 -30.51 -29.98
N LEU B 4 -41.83 -31.64 -29.53
CA LEU B 4 -42.07 -31.84 -28.10
C LEU B 4 -41.13 -32.96 -27.58
N ALA B 5 -40.25 -32.61 -26.66
CA ALA B 5 -39.24 -33.55 -26.19
C ALA B 5 -39.99 -34.65 -25.39
N ASN B 6 -39.40 -35.83 -25.34
CA ASN B 6 -39.94 -36.98 -24.58
C ASN B 6 -40.29 -36.58 -23.15
N PRO B 7 -41.56 -36.73 -22.77
CA PRO B 7 -41.95 -36.29 -21.43
C PRO B 7 -41.30 -37.12 -20.36
N GLU B 8 -40.79 -38.30 -20.71
CA GLU B 8 -40.17 -39.24 -19.79
C GLU B 8 -38.63 -39.15 -19.81
N ARG B 9 -38.10 -38.07 -20.42
CA ARG B 9 -36.64 -37.97 -20.62
C ARG B 9 -35.79 -38.02 -19.36
N TYR B 10 -36.31 -37.54 -18.24
CA TYR B 10 -35.53 -37.51 -17.00
C TYR B 10 -35.69 -38.78 -16.14
N GLY B 11 -36.37 -39.78 -16.68
CA GLY B 11 -36.85 -40.89 -15.85
C GLY B 11 -35.83 -41.98 -15.64
N GLN B 12 -34.94 -42.18 -16.60
CA GLN B 12 -33.98 -43.28 -16.53
C GLN B 12 -32.49 -42.90 -16.54
N MET B 13 -32.18 -41.71 -17.07
CA MET B 13 -30.78 -41.27 -17.06
C MET B 13 -30.28 -41.09 -15.64
N GLN B 14 -29.02 -41.45 -15.43
CA GLN B 14 -28.34 -41.19 -14.18
C GLN B 14 -27.61 -39.82 -14.28
N TYR B 15 -27.78 -39.00 -13.26
CA TYR B 15 -27.09 -37.71 -13.16
C TYR B 15 -26.10 -37.78 -12.00
N ARG B 16 -24.95 -37.15 -12.19
CA ARG B 16 -23.89 -37.10 -11.17
C ARG B 16 -23.52 -35.68 -10.88
N TYR B 17 -23.46 -35.33 -9.58
CA TYR B 17 -22.94 -34.01 -9.19
C TYR B 17 -21.54 -33.87 -9.68
N CYS B 18 -21.21 -32.69 -10.23
CA CYS B 18 -19.88 -32.51 -10.85
C CYS B 18 -18.92 -32.04 -9.73
N GLY B 19 -18.03 -32.91 -9.23
CA GLY B 19 -17.12 -32.56 -8.15
C GLY B 19 -17.90 -32.16 -6.89
N LYS B 20 -17.48 -31.08 -6.24
CA LYS B 20 -18.16 -30.55 -5.05
CA LYS B 20 -18.24 -30.66 -5.06
C LYS B 20 -19.33 -29.62 -5.37
N SER B 21 -19.57 -29.35 -6.66
CA SER B 21 -20.58 -28.35 -7.03
C SER B 21 -21.98 -28.88 -6.88
N GLY B 22 -22.95 -28.00 -7.15
CA GLY B 22 -24.34 -28.39 -7.19
C GLY B 22 -24.82 -28.71 -8.61
N LEU B 23 -23.93 -28.71 -9.59
CA LEU B 23 -24.35 -28.94 -10.97
C LEU B 23 -24.30 -30.45 -11.27
N ARG B 24 -25.43 -31.00 -11.71
CA ARG B 24 -25.51 -32.45 -12.05
C ARG B 24 -25.39 -32.65 -13.56
N LEU B 25 -24.42 -33.44 -13.99
CA LEU B 25 -24.28 -33.76 -15.41
C LEU B 25 -24.92 -35.14 -15.61
N PRO B 26 -25.51 -35.38 -16.80
CA PRO B 26 -25.84 -36.76 -17.18
C PRO B 26 -24.58 -37.60 -17.20
N ALA B 27 -24.67 -38.89 -16.78
CA ALA B 27 -23.51 -39.75 -16.79
C ALA B 27 -22.98 -39.99 -18.18
N LEU B 28 -23.83 -39.82 -19.20
CA LEU B 28 -23.31 -39.79 -20.57
C LEU B 28 -23.67 -38.39 -21.15
N SER B 29 -22.66 -37.71 -21.69
CA SER B 29 -22.88 -36.39 -22.37
C SER B 29 -22.65 -36.55 -23.84
N LEU B 30 -23.18 -35.61 -24.64
CA LEU B 30 -22.95 -35.67 -26.07
C LEU B 30 -21.83 -34.68 -26.49
N GLY B 31 -20.81 -35.17 -27.18
CA GLY B 31 -19.73 -34.28 -27.70
C GLY B 31 -19.93 -34.05 -29.20
N LEU B 32 -19.57 -32.85 -29.67
CA LEU B 32 -19.80 -32.46 -31.07
C LEU B 32 -18.51 -32.28 -31.79
N TRP B 33 -17.50 -33.02 -31.36
CA TRP B 33 -16.20 -32.99 -32.02
C TRP B 33 -16.27 -33.35 -33.51
N HIS B 34 -17.01 -34.40 -33.83
CA HIS B 34 -17.37 -34.70 -35.22
C HIS B 34 -18.86 -34.79 -35.43
N ASN B 35 -19.26 -34.83 -36.71
CA ASN B 35 -20.64 -35.12 -37.14
C ASN B 35 -21.52 -33.89 -37.22
N PHE B 36 -21.00 -32.72 -36.81
CA PHE B 36 -21.75 -31.46 -36.77
C PHE B 36 -21.17 -30.34 -37.59
N GLY B 37 -20.35 -30.68 -38.57
CA GLY B 37 -19.71 -29.68 -39.44
C GLY B 37 -20.58 -29.35 -40.62
N HIS B 38 -20.11 -28.40 -41.45
CA HIS B 38 -20.86 -28.12 -42.71
C HIS B 38 -20.74 -29.30 -43.66
N VAL B 39 -19.80 -30.21 -43.38
CA VAL B 39 -19.75 -31.43 -44.19
C VAL B 39 -20.78 -32.52 -43.86
N ASN B 40 -21.58 -32.29 -42.83
CA ASN B 40 -22.58 -33.22 -42.38
C ASN B 40 -23.94 -32.59 -42.61
N ALA B 41 -24.86 -33.35 -43.19
CA ALA B 41 -26.23 -32.82 -43.37
C ALA B 41 -26.90 -32.42 -42.06
N LEU B 42 -27.66 -31.32 -42.05
CA LEU B 42 -28.24 -30.88 -40.79
C LEU B 42 -29.36 -31.81 -40.31
N GLU B 43 -30.03 -32.51 -41.24
CA GLU B 43 -31.06 -33.46 -40.77
C GLU B 43 -30.47 -34.56 -39.90
N SER B 44 -29.27 -35.03 -40.24
CA SER B 44 -28.58 -36.04 -39.40
C SER B 44 -28.24 -35.49 -38.05
N GLN B 45 -27.68 -34.28 -38.03
CA GLN B 45 -27.43 -33.58 -36.76
C GLN B 45 -28.70 -33.43 -35.91
N ARG B 46 -29.82 -33.07 -36.53
CA ARG B 46 -31.01 -32.77 -35.79
C ARG B 46 -31.49 -34.04 -35.06
N ALA B 47 -31.40 -35.16 -35.75
CA ALA B 47 -31.88 -36.45 -35.20
C ALA B 47 -31.04 -36.85 -33.97
N ILE B 48 -29.72 -36.67 -34.08
CA ILE B 48 -28.81 -36.85 -32.94
C ILE B 48 -29.15 -35.99 -31.73
N LEU B 49 -29.31 -34.65 -31.88
CA LEU B 49 -29.61 -33.82 -30.70
C LEU B 49 -30.93 -34.19 -30.07
N ARG B 50 -31.92 -34.42 -30.93
CA ARG B 50 -33.24 -34.69 -30.38
C ARG B 50 -33.25 -36.00 -29.60
N LYS B 51 -32.60 -36.99 -30.15
CA LYS B 51 -32.48 -38.28 -29.46
C LYS B 51 -31.71 -38.13 -28.16
N ALA B 52 -30.56 -37.42 -28.20
CA ALA B 52 -29.81 -37.16 -26.97
C ALA B 52 -30.69 -36.61 -25.88
N PHE B 53 -31.42 -35.54 -26.18
CA PHE B 53 -32.24 -34.86 -25.17
C PHE B 53 -33.42 -35.75 -24.70
N ASP B 54 -34.02 -36.49 -25.64
CA ASP B 54 -35.13 -37.43 -25.26
C ASP B 54 -34.60 -38.56 -24.34
N LEU B 55 -33.31 -38.84 -24.42
CA LEU B 55 -32.67 -39.82 -23.47
C LEU B 55 -32.21 -39.24 -22.14
N GLY B 56 -32.47 -37.95 -21.91
CA GLY B 56 -32.03 -37.29 -20.69
C GLY B 56 -30.62 -36.70 -20.78
N ILE B 57 -29.98 -36.81 -21.93
CA ILE B 57 -28.65 -36.19 -22.06
C ILE B 57 -28.84 -34.68 -22.19
N THR B 58 -28.42 -33.96 -21.16
CA THR B 58 -28.69 -32.52 -21.06
C THR B 58 -27.38 -31.73 -21.30
N HIS B 59 -26.28 -32.44 -21.55
CA HIS B 59 -24.96 -31.73 -21.67
C HIS B 59 -24.39 -32.02 -23.06
N PHE B 60 -24.20 -30.90 -23.80
CA PHE B 60 -23.75 -30.82 -25.18
C PHE B 60 -22.42 -30.09 -25.12
N ASP B 61 -21.37 -30.75 -25.58
CA ASP B 61 -20.02 -30.23 -25.39
C ASP B 61 -19.44 -29.83 -26.77
N LEU B 62 -19.06 -28.56 -26.88
CA LEU B 62 -18.58 -27.97 -28.15
C LEU B 62 -17.16 -27.44 -27.93
N ALA B 63 -16.54 -26.93 -28.99
CA ALA B 63 -15.31 -26.14 -28.83
C ALA B 63 -15.31 -25.24 -30.08
N ASN B 64 -14.53 -24.17 -30.03
CA ASN B 64 -14.52 -23.21 -31.18
C ASN B 64 -14.15 -23.86 -32.50
N ASN B 65 -13.20 -24.81 -32.45
CA ASN B 65 -12.74 -25.39 -33.67
C ASN B 65 -13.43 -26.64 -34.22
N TYR B 66 -14.53 -27.07 -33.60
CA TYR B 66 -15.19 -28.32 -34.00
C TYR B 66 -15.91 -28.09 -35.34
N GLY B 67 -15.79 -29.03 -36.25
CA GLY B 67 -16.52 -29.00 -37.53
C GLY B 67 -16.34 -30.29 -38.29
N PRO B 68 -15.68 -30.25 -39.46
CA PRO B 68 -15.08 -29.07 -40.10
C PRO B 68 -16.11 -28.36 -40.99
N PRO B 69 -15.82 -27.11 -41.41
CA PRO B 69 -14.65 -26.33 -40.98
C PRO B 69 -14.78 -25.75 -39.54
N PRO B 70 -13.71 -25.10 -39.03
CA PRO B 70 -13.77 -24.59 -37.65
C PRO B 70 -14.92 -23.64 -37.42
N GLY B 71 -15.64 -23.87 -36.33
CA GLY B 71 -16.72 -22.99 -35.95
C GLY B 71 -18.05 -23.50 -36.46
N SER B 72 -18.03 -24.47 -37.37
CA SER B 72 -19.32 -24.84 -38.02
C SER B 72 -20.18 -25.66 -37.08
N ALA B 73 -19.56 -26.46 -36.20
CA ALA B 73 -20.37 -27.17 -35.17
C ALA B 73 -21.12 -26.22 -34.27
N GLU B 74 -20.48 -25.15 -33.82
CA GLU B 74 -21.19 -24.14 -33.04
C GLU B 74 -22.34 -23.50 -33.84
N GLU B 75 -22.05 -23.09 -35.08
CA GLU B 75 -23.14 -22.48 -35.93
C GLU B 75 -24.35 -23.42 -36.12
N ASN B 76 -24.05 -24.68 -36.40
CA ASN B 76 -25.11 -25.68 -36.68
C ASN B 76 -25.87 -25.97 -35.43
N PHE B 77 -25.13 -26.17 -34.33
CA PHE B 77 -25.80 -26.24 -33.05
C PHE B 77 -26.66 -25.02 -32.76
N GLY B 78 -26.11 -23.83 -32.99
CA GLY B 78 -26.96 -22.63 -32.75
C GLY B 78 -28.27 -22.65 -33.56
N ARG B 79 -28.20 -23.09 -34.78
CA ARG B 79 -29.41 -23.12 -35.64
C ARG B 79 -30.42 -24.11 -35.06
N LEU B 80 -29.91 -25.29 -34.70
CA LEU B 80 -30.81 -26.34 -34.16
C LEU B 80 -31.37 -25.96 -32.83
N LEU B 81 -30.59 -25.21 -32.01
CA LEU B 81 -31.09 -24.71 -30.73
C LEU B 81 -32.28 -23.78 -30.97
N ARG B 82 -32.13 -22.87 -31.94
CA ARG B 82 -33.20 -21.93 -32.26
CA ARG B 82 -33.18 -21.94 -32.28
C ARG B 82 -34.41 -22.66 -32.83
N GLU B 83 -34.19 -23.66 -33.69
CA GLU B 83 -35.30 -24.35 -34.36
C GLU B 83 -36.06 -25.29 -33.40
N ASP B 84 -35.31 -26.06 -32.59
CA ASP B 84 -35.91 -27.17 -31.82
C ASP B 84 -35.85 -27.01 -30.31
N PHE B 85 -34.96 -26.15 -29.81
CA PHE B 85 -34.71 -26.10 -28.38
C PHE B 85 -34.96 -24.72 -27.78
N ALA B 86 -35.74 -23.86 -28.45
CA ALA B 86 -36.06 -22.53 -27.89
C ALA B 86 -36.74 -22.56 -26.54
N ALA B 87 -37.54 -23.57 -26.26
CA ALA B 87 -38.16 -23.61 -24.96
C ALA B 87 -37.30 -24.38 -23.94
N TYR B 88 -36.15 -24.93 -24.38
CA TYR B 88 -35.46 -25.90 -23.51
C TYR B 88 -34.05 -25.45 -23.14
N ARG B 89 -33.65 -24.23 -23.51
CA ARG B 89 -32.25 -23.86 -23.23
C ARG B 89 -31.86 -23.98 -21.77
N ASP B 90 -32.78 -23.64 -20.86
CA ASP B 90 -32.46 -23.64 -19.44
C ASP B 90 -32.43 -25.06 -18.82
N GLU B 91 -32.74 -26.04 -19.64
CA GLU B 91 -32.57 -27.45 -19.28
C GLU B 91 -31.24 -28.04 -19.81
N LEU B 92 -30.46 -27.23 -20.56
CA LEU B 92 -29.25 -27.72 -21.22
C LEU B 92 -28.00 -27.15 -20.57
N ILE B 93 -26.93 -27.94 -20.55
CA ILE B 93 -25.58 -27.43 -20.17
C ILE B 93 -24.71 -27.44 -21.41
N ILE B 94 -24.44 -26.23 -21.89
CA ILE B 94 -23.72 -26.09 -23.15
C ILE B 94 -22.31 -25.63 -22.81
N SER B 95 -21.29 -26.30 -23.35
CA SER B 95 -19.96 -25.82 -23.12
C SER B 95 -19.24 -25.40 -24.43
N THR B 96 -18.29 -24.48 -24.31
CA THR B 96 -17.31 -24.36 -25.39
C THR B 96 -15.93 -24.04 -24.84
N LYS B 97 -14.94 -23.95 -25.73
CA LYS B 97 -13.53 -23.97 -25.30
C LYS B 97 -12.73 -23.08 -26.23
N ALA B 98 -11.51 -22.72 -25.79
CA ALA B 98 -10.56 -22.08 -26.73
C ALA B 98 -9.20 -22.55 -26.26
N GLY B 99 -8.33 -22.89 -27.19
CA GLY B 99 -6.95 -23.17 -26.88
C GLY B 99 -6.18 -23.72 -28.05
N TYR B 100 -6.87 -24.51 -28.88
CA TYR B 100 -6.23 -25.07 -30.10
C TYR B 100 -6.27 -24.09 -31.25
N ASP B 101 -5.74 -24.47 -32.42
CA ASP B 101 -5.67 -23.50 -33.54
C ASP B 101 -7.10 -23.28 -34.01
N MET B 102 -7.49 -22.02 -34.13
CA MET B 102 -8.84 -21.72 -34.53
C MET B 102 -8.80 -20.75 -35.72
N TRP B 103 -8.11 -19.62 -35.57
CA TRP B 103 -7.96 -18.69 -36.72
C TRP B 103 -6.48 -18.38 -36.95
N PRO B 104 -6.15 -17.81 -38.11
CA PRO B 104 -4.71 -17.70 -38.48
C PRO B 104 -4.05 -16.64 -37.60
N GLY B 105 -2.74 -16.77 -37.40
CA GLY B 105 -1.97 -15.69 -36.76
C GLY B 105 -1.73 -15.90 -35.27
N PRO B 106 -1.02 -14.96 -34.65
CA PRO B 106 -0.60 -15.16 -33.26
C PRO B 106 -1.71 -15.06 -32.18
N TYR B 107 -2.94 -14.61 -32.55
CA TYR B 107 -4.02 -14.50 -31.54
C TYR B 107 -5.05 -15.60 -31.72
N GLY B 108 -4.80 -16.56 -32.62
CA GLY B 108 -5.83 -17.54 -32.98
C GLY B 108 -5.59 -18.94 -32.39
N SER B 109 -4.73 -19.00 -31.37
CA SER B 109 -4.37 -20.26 -30.71
C SER B 109 -3.78 -19.90 -29.36
N GLY B 110 -3.70 -20.87 -28.46
CA GLY B 110 -2.96 -20.71 -27.17
C GLY B 110 -3.84 -20.29 -25.99
N GLY B 111 -3.29 -19.56 -25.01
CA GLY B 111 -3.99 -19.30 -23.74
C GLY B 111 -4.13 -17.82 -23.38
N SER B 112 -3.89 -16.96 -24.35
CA SER B 112 -3.77 -15.48 -24.03
C SER B 112 -5.17 -14.92 -23.68
N ARG B 113 -5.21 -13.80 -22.96
CA ARG B 113 -6.49 -13.16 -22.70
C ARG B 113 -7.16 -12.71 -24.05
N LYS B 114 -6.34 -12.19 -24.97
CA LYS B 114 -6.80 -11.79 -26.32
C LYS B 114 -7.54 -12.95 -27.03
N TYR B 115 -6.90 -14.12 -27.10
CA TYR B 115 -7.51 -15.22 -27.80
C TYR B 115 -8.72 -15.77 -27.10
N LEU B 116 -8.61 -15.97 -25.79
CA LEU B 116 -9.71 -16.60 -25.06
C LEU B 116 -10.95 -15.68 -25.11
N LEU B 117 -10.78 -14.39 -24.87
CA LEU B 117 -11.95 -13.56 -24.76
C LEU B 117 -12.53 -13.23 -26.16
N ALA B 118 -11.65 -13.02 -27.14
CA ALA B 118 -12.17 -12.81 -28.53
C ALA B 118 -12.88 -14.09 -28.96
N SER B 119 -12.29 -15.25 -28.64
CA SER B 119 -12.85 -16.51 -29.13
C SER B 119 -14.24 -16.75 -28.48
N LEU B 120 -14.34 -16.49 -27.18
CA LEU B 120 -15.64 -16.73 -26.48
C LEU B 120 -16.71 -15.81 -27.13
N ASP B 121 -16.33 -14.55 -27.40
CA ASP B 121 -17.34 -13.69 -28.13
C ASP B 121 -17.72 -14.35 -29.46
N GLN B 122 -16.74 -14.84 -30.22
CA GLN B 122 -17.06 -15.48 -31.51
C GLN B 122 -18.00 -16.66 -31.31
N SER B 123 -17.70 -17.49 -30.29
CA SER B 123 -18.54 -18.69 -30.03
C SER B 123 -19.99 -18.32 -29.66
N LEU B 124 -20.16 -17.34 -28.78
CA LEU B 124 -21.50 -16.93 -28.37
C LEU B 124 -22.28 -16.39 -29.60
N LYS B 125 -21.59 -15.65 -30.43
CA LYS B 125 -22.23 -15.20 -31.70
C LYS B 125 -22.61 -16.30 -32.63
N ARG B 126 -21.72 -17.28 -32.85
CA ARG B 126 -22.04 -18.43 -33.67
C ARG B 126 -23.23 -19.23 -33.13
N MET B 127 -23.28 -19.43 -31.82
CA MET B 127 -24.30 -20.32 -31.22
C MET B 127 -25.58 -19.53 -30.94
N GLY B 128 -25.50 -18.19 -31.03
CA GLY B 128 -26.68 -17.38 -30.70
C GLY B 128 -27.05 -17.40 -29.24
N LEU B 129 -26.07 -17.46 -28.34
CA LEU B 129 -26.30 -17.57 -26.92
C LEU B 129 -25.83 -16.32 -26.20
N GLU B 130 -26.50 -15.96 -25.11
CA GLU B 130 -26.03 -14.90 -24.22
CA GLU B 130 -25.99 -14.90 -24.27
C GLU B 130 -24.81 -15.36 -23.43
N TYR B 131 -24.81 -16.65 -23.06
CA TYR B 131 -23.69 -17.20 -22.29
C TYR B 131 -23.62 -18.72 -22.53
N VAL B 132 -22.48 -19.31 -22.20
CA VAL B 132 -22.36 -20.77 -22.20
C VAL B 132 -22.40 -21.22 -20.73
N ASP B 133 -22.80 -22.45 -20.47
CA ASP B 133 -22.78 -22.89 -19.05
C ASP B 133 -21.34 -23.18 -18.57
N ILE B 134 -20.51 -23.69 -19.46
CA ILE B 134 -19.09 -23.93 -19.09
C ILE B 134 -18.17 -23.43 -20.17
N PHE B 135 -17.19 -22.60 -19.80
CA PHE B 135 -16.19 -22.18 -20.77
C PHE B 135 -14.86 -22.81 -20.37
N TYR B 136 -14.17 -23.50 -21.28
CA TYR B 136 -12.88 -24.19 -20.96
C TYR B 136 -11.67 -23.45 -21.56
N SER B 137 -10.54 -23.49 -20.84
CA SER B 137 -9.25 -23.53 -21.51
C SER B 137 -9.05 -24.93 -22.11
N HIS B 138 -8.88 -25.02 -23.44
CA HIS B 138 -8.92 -26.35 -24.16
C HIS B 138 -7.63 -27.16 -23.98
N ARG B 139 -6.55 -26.47 -23.65
CA ARG B 139 -5.23 -27.11 -23.51
C ARG B 139 -4.29 -26.21 -22.79
N VAL B 140 -3.15 -26.77 -22.38
CA VAL B 140 -2.10 -25.94 -21.78
C VAL B 140 -1.36 -25.08 -22.85
N ASP B 141 -1.12 -23.81 -22.54
CA ASP B 141 -0.18 -22.98 -23.33
C ASP B 141 1.00 -22.67 -22.42
N GLU B 142 2.15 -23.28 -22.68
CA GLU B 142 3.34 -23.07 -21.78
C GLU B 142 3.89 -21.64 -21.87
N ASN B 143 3.47 -20.95 -22.91
CA ASN B 143 3.96 -19.60 -23.17
C ASN B 143 3.06 -18.47 -22.67
N THR B 144 1.92 -18.79 -22.07
CA THR B 144 1.12 -17.76 -21.44
C THR B 144 1.14 -18.09 -19.97
N PRO B 145 1.38 -17.11 -19.10
CA PRO B 145 1.29 -17.42 -17.67
C PRO B 145 -0.10 -17.88 -17.30
N MET B 146 -0.22 -18.85 -16.41
CA MET B 146 -1.57 -19.28 -16.08
C MET B 146 -2.34 -18.21 -15.34
N GLU B 147 -1.67 -17.21 -14.79
CA GLU B 147 -2.42 -16.14 -14.16
C GLU B 147 -3.29 -15.38 -15.25
N GLU B 148 -2.70 -15.22 -16.41
CA GLU B 148 -3.40 -14.54 -17.54
C GLU B 148 -4.59 -15.40 -18.01
N THR B 149 -4.34 -16.70 -18.26
CA THR B 149 -5.42 -17.59 -18.65
C THR B 149 -6.52 -17.61 -17.58
N ALA B 150 -6.13 -17.73 -16.28
CA ALA B 150 -7.14 -17.73 -15.19
C ALA B 150 -7.96 -16.47 -15.14
N SER B 151 -7.29 -15.31 -15.30
CA SER B 151 -7.96 -14.00 -15.27
CA SER B 151 -7.99 -14.06 -15.23
C SER B 151 -8.96 -13.91 -16.40
N ALA B 152 -8.55 -14.43 -17.55
CA ALA B 152 -9.50 -14.48 -18.71
C ALA B 152 -10.77 -15.31 -18.38
N LEU B 153 -10.58 -16.53 -17.89
CA LEU B 153 -11.72 -17.31 -17.43
C LEU B 153 -12.53 -16.53 -16.39
N ALA B 154 -11.87 -15.85 -15.43
CA ALA B 154 -12.60 -15.11 -14.41
C ALA B 154 -13.45 -13.98 -15.01
N HIS B 155 -12.87 -13.29 -15.99
CA HIS B 155 -13.61 -12.25 -16.68
C HIS B 155 -14.85 -12.82 -17.41
N ALA B 156 -14.73 -14.01 -18.00
CA ALA B 156 -15.89 -14.64 -18.67
C ALA B 156 -17.01 -14.83 -17.67
N VAL B 157 -16.63 -15.28 -16.48
CA VAL B 157 -17.67 -15.47 -15.43
C VAL B 157 -18.21 -14.14 -14.89
N GLN B 158 -17.33 -13.19 -14.62
CA GLN B 158 -17.82 -11.95 -13.99
C GLN B 158 -18.67 -11.20 -14.98
N SER B 159 -18.34 -11.31 -16.27
CA SER B 159 -19.08 -10.54 -17.27
C SER B 159 -20.42 -11.17 -17.62
N GLY B 160 -20.69 -12.37 -17.10
CA GLY B 160 -21.93 -13.05 -17.38
C GLY B 160 -21.91 -13.83 -18.71
N LYS B 161 -20.75 -14.09 -19.31
CA LYS B 161 -20.71 -14.84 -20.57
C LYS B 161 -20.49 -16.36 -20.33
N ALA B 162 -20.10 -16.73 -19.13
CA ALA B 162 -19.99 -18.18 -18.78
C ALA B 162 -20.48 -18.36 -17.32
N LEU B 163 -21.26 -19.40 -17.05
CA LEU B 163 -21.72 -19.62 -15.66
C LEU B 163 -20.58 -20.25 -14.82
N TYR B 164 -19.83 -21.16 -15.44
CA TYR B 164 -18.76 -21.92 -14.78
C TYR B 164 -17.56 -22.06 -15.72
N VAL B 165 -16.41 -22.43 -15.18
CA VAL B 165 -15.26 -22.60 -16.04
C VAL B 165 -14.60 -23.97 -15.85
N GLY B 166 -13.93 -24.43 -16.89
CA GLY B 166 -13.33 -25.80 -16.96
C GLY B 166 -11.93 -25.70 -17.56
N ILE B 167 -11.13 -26.73 -17.37
CA ILE B 167 -9.93 -26.89 -18.12
C ILE B 167 -9.86 -28.25 -18.76
N SER B 168 -9.03 -28.36 -19.78
CA SER B 168 -8.85 -29.63 -20.50
C SER B 168 -7.39 -29.94 -20.75
N SER B 169 -7.00 -31.17 -20.37
CA SER B 169 -5.66 -31.69 -20.57
C SER B 169 -4.54 -30.96 -19.85
N TYR B 170 -4.81 -30.51 -18.63
CA TYR B 170 -3.81 -29.90 -17.75
C TYR B 170 -3.29 -31.01 -16.87
N SER B 171 -1.97 -31.07 -16.71
CA SER B 171 -1.39 -31.95 -15.66
C SER B 171 -1.96 -31.71 -14.26
N PRO B 172 -1.72 -32.68 -13.33
CA PRO B 172 -2.06 -32.43 -11.93
C PRO B 172 -1.53 -31.10 -11.37
N GLU B 173 -0.24 -30.84 -11.57
CA GLU B 173 0.39 -29.67 -10.97
C GLU B 173 -0.25 -28.39 -11.57
N ARG B 174 -0.40 -28.36 -12.90
CA ARG B 174 -1.06 -27.20 -13.56
C ARG B 174 -2.54 -27.04 -13.14
N THR B 175 -3.26 -28.17 -13.02
CA THR B 175 -4.62 -28.16 -12.46
C THR B 175 -4.67 -27.56 -11.09
N GLN B 176 -3.75 -27.99 -10.24
CA GLN B 176 -3.73 -27.42 -8.91
C GLN B 176 -3.46 -25.90 -8.91
N LYS B 177 -2.53 -25.46 -9.77
CA LYS B 177 -2.26 -24.04 -9.88
C LYS B 177 -3.55 -23.29 -10.35
N MET B 178 -4.23 -23.84 -11.35
CA MET B 178 -5.43 -23.11 -11.88
C MET B 178 -6.48 -23.01 -10.80
N VAL B 179 -6.61 -24.06 -9.98
CA VAL B 179 -7.57 -24.01 -8.88
C VAL B 179 -7.26 -22.88 -7.96
N GLU B 180 -5.96 -22.76 -7.59
CA GLU B 180 -5.56 -21.71 -6.64
C GLU B 180 -5.77 -20.34 -7.29
N LEU B 181 -5.40 -20.22 -8.57
CA LEU B 181 -5.52 -18.92 -9.28
C LEU B 181 -6.97 -18.49 -9.39
N LEU B 182 -7.85 -19.41 -9.76
CA LEU B 182 -9.24 -19.03 -9.84
C LEU B 182 -9.80 -18.74 -8.45
N ARG B 183 -9.32 -19.45 -7.41
CA ARG B 183 -9.81 -19.14 -6.06
C ARG B 183 -9.48 -17.69 -5.63
N GLU B 184 -8.44 -17.09 -6.22
CA GLU B 184 -8.19 -15.66 -5.88
C GLU B 184 -9.31 -14.76 -6.36
N TRP B 185 -10.07 -15.23 -7.37
CA TRP B 185 -11.23 -14.51 -7.92
C TRP B 185 -12.54 -15.02 -7.31
N LYS B 186 -12.40 -15.86 -6.27
CA LYS B 186 -13.52 -16.54 -5.65
C LYS B 186 -14.35 -17.36 -6.65
N ILE B 187 -13.66 -18.02 -7.58
CA ILE B 187 -14.35 -18.88 -8.53
C ILE B 187 -13.77 -20.29 -8.37
N PRO B 188 -14.64 -21.30 -8.16
CA PRO B 188 -14.10 -22.67 -8.13
C PRO B 188 -13.93 -23.22 -9.53
N LEU B 189 -12.87 -23.96 -9.78
CA LEU B 189 -12.75 -24.69 -11.06
C LEU B 189 -13.85 -25.74 -11.08
N LEU B 190 -14.75 -25.73 -12.08
CA LEU B 190 -15.86 -26.72 -12.08
C LEU B 190 -15.41 -28.15 -12.40
N ILE B 191 -14.57 -28.28 -13.42
CA ILE B 191 -14.47 -29.51 -14.19
C ILE B 191 -13.16 -29.57 -14.96
N HIS B 192 -12.67 -30.81 -15.13
CA HIS B 192 -11.49 -31.10 -15.92
C HIS B 192 -11.94 -32.11 -16.97
N GLN B 193 -11.62 -31.86 -18.23
CA GLN B 193 -11.83 -32.82 -19.29
C GLN B 193 -10.54 -33.43 -19.80
N PRO B 194 -10.17 -34.66 -19.30
CA PRO B 194 -8.99 -35.39 -19.81
C PRO B 194 -9.42 -36.43 -20.83
N SER B 195 -8.49 -36.87 -21.66
CA SER B 195 -8.76 -38.08 -22.43
C SER B 195 -8.57 -39.19 -21.41
N TYR B 196 -9.48 -40.15 -21.41
CA TYR B 196 -9.50 -41.19 -20.34
C TYR B 196 -10.36 -42.35 -20.81
N ASN B 197 -9.78 -43.55 -20.87
CA ASN B 197 -10.55 -44.72 -21.25
C ASN B 197 -9.78 -45.96 -20.79
N LEU B 198 -10.26 -47.12 -21.21
CA LEU B 198 -9.66 -48.35 -20.71
C LEU B 198 -8.20 -48.47 -21.10
N LEU B 199 -7.84 -47.91 -22.25
CA LEU B 199 -6.50 -48.07 -22.83
C LEU B 199 -5.62 -46.89 -22.49
N ASN B 200 -6.17 -45.87 -21.85
CA ASN B 200 -5.39 -44.65 -21.61
C ASN B 200 -5.60 -44.14 -20.21
N ARG B 201 -4.73 -44.57 -19.30
CA ARG B 201 -4.93 -44.27 -17.88
C ARG B 201 -3.96 -43.29 -17.31
N TRP B 202 -3.54 -42.32 -18.12
CA TRP B 202 -2.70 -41.25 -17.64
CA TRP B 202 -2.69 -41.29 -17.62
C TRP B 202 -3.32 -40.54 -16.43
N VAL B 203 -4.64 -40.37 -16.43
CA VAL B 203 -5.24 -39.62 -15.34
C VAL B 203 -5.06 -40.35 -13.99
N ASP B 204 -5.08 -41.66 -14.05
CA ASP B 204 -4.90 -42.54 -12.87
CA ASP B 204 -4.90 -42.44 -12.84
C ASP B 204 -3.43 -42.46 -12.43
N LYS B 205 -2.55 -42.82 -13.34
CA LYS B 205 -1.15 -42.93 -13.07
C LYS B 205 -0.50 -41.60 -12.69
N SER B 206 -0.99 -40.50 -13.27
CA SER B 206 -0.35 -39.22 -13.01
C SER B 206 -0.60 -38.65 -11.65
N GLY B 207 -1.68 -39.04 -11.02
CA GLY B 207 -2.12 -38.31 -9.86
C GLY B 207 -3.27 -37.35 -10.13
N LEU B 208 -3.66 -37.17 -11.40
CA LEU B 208 -4.83 -36.27 -11.67
C LEU B 208 -6.10 -36.57 -10.86
N LEU B 209 -6.47 -37.83 -10.78
CA LEU B 209 -7.70 -38.14 -10.05
C LEU B 209 -7.58 -37.75 -8.54
N ASP B 210 -6.38 -37.77 -7.97
CA ASP B 210 -6.17 -37.32 -6.57
C ASP B 210 -6.43 -35.79 -6.56
N THR B 211 -5.78 -35.06 -7.47
CA THR B 211 -5.91 -33.58 -7.55
C THR B 211 -7.40 -33.18 -7.67
N LEU B 212 -8.14 -33.86 -8.54
CA LEU B 212 -9.56 -33.48 -8.79
C LEU B 212 -10.39 -33.72 -7.53
N GLN B 213 -10.20 -34.89 -6.92
CA GLN B 213 -10.91 -35.15 -5.66
C GLN B 213 -10.58 -34.17 -4.53
N ASN B 214 -9.31 -33.90 -4.31
CA ASN B 214 -8.86 -33.01 -3.24
C ASN B 214 -9.44 -31.61 -3.39
N ASN B 215 -9.82 -31.24 -4.62
CA ASN B 215 -10.22 -29.85 -4.85
C ASN B 215 -11.67 -29.75 -5.28
N GLY B 216 -12.35 -30.89 -5.30
CA GLY B 216 -13.77 -30.89 -5.60
C GLY B 216 -14.06 -30.57 -7.07
N VAL B 217 -13.16 -30.92 -7.97
CA VAL B 217 -13.36 -30.64 -9.42
C VAL B 217 -13.94 -31.89 -10.09
N GLY B 218 -14.93 -31.70 -10.97
CA GLY B 218 -15.43 -32.88 -11.70
C GLY B 218 -14.50 -33.35 -12.82
N CYS B 219 -14.84 -34.49 -13.40
CA CYS B 219 -14.01 -35.11 -14.41
C CYS B 219 -14.94 -35.63 -15.51
N ILE B 220 -14.75 -35.16 -16.76
CA ILE B 220 -15.54 -35.62 -17.84
C ILE B 220 -14.62 -36.27 -18.85
N ALA B 221 -14.81 -37.57 -19.09
CA ALA B 221 -13.89 -38.31 -19.93
C ALA B 221 -14.08 -38.08 -21.45
N PHE B 222 -13.02 -37.58 -22.10
CA PHE B 222 -13.03 -37.38 -23.56
C PHE B 222 -12.47 -38.64 -24.21
N THR B 223 -13.02 -39.01 -25.37
CA THR B 223 -12.67 -40.27 -26.11
C THR B 223 -12.75 -41.54 -25.21
N PRO B 224 -13.85 -41.68 -24.49
CA PRO B 224 -14.01 -42.89 -23.61
C PRO B 224 -14.07 -44.20 -24.39
N LEU B 225 -14.32 -44.11 -25.71
CA LEU B 225 -14.24 -45.30 -26.59
C LEU B 225 -12.97 -45.41 -27.41
N ALA B 226 -11.94 -44.63 -27.03
CA ALA B 226 -10.59 -44.72 -27.67
C ALA B 226 -10.68 -44.66 -29.18
N GLN B 227 -11.54 -43.76 -29.67
CA GLN B 227 -11.81 -43.54 -31.09
C GLN B 227 -12.12 -44.80 -31.90
N GLY B 228 -12.94 -45.68 -31.33
CA GLY B 228 -13.35 -46.89 -32.03
C GLY B 228 -12.57 -48.09 -31.59
N LEU B 229 -11.43 -47.92 -30.94
CA LEU B 229 -10.71 -49.13 -30.51
C LEU B 229 -11.56 -49.95 -29.52
N LEU B 230 -12.43 -49.29 -28.77
CA LEU B 230 -13.19 -50.01 -27.73
C LEU B 230 -14.65 -50.21 -28.13
N THR B 231 -14.86 -50.50 -29.41
CA THR B 231 -16.19 -50.78 -29.95
C THR B 231 -16.10 -52.08 -30.76
N GLY B 232 -17.15 -52.39 -31.51
CA GLY B 232 -17.06 -53.43 -32.56
C GLY B 232 -16.02 -53.20 -33.66
N LYS B 233 -15.60 -51.95 -33.85
CA LYS B 233 -15.06 -51.50 -35.13
C LYS B 233 -13.89 -52.29 -35.71
N TYR B 234 -12.91 -52.63 -34.88
CA TYR B 234 -11.66 -53.17 -35.42
C TYR B 234 -11.48 -54.68 -35.27
N LEU B 235 -12.50 -55.36 -34.75
CA LEU B 235 -12.39 -56.77 -34.41
C LEU B 235 -12.22 -57.70 -35.62
N MET B 258 -1.52 -48.68 -37.09
CA MET B 258 -2.27 -49.89 -37.41
C MET B 258 -2.15 -50.91 -36.28
N LEU B 259 -3.18 -51.74 -36.07
CA LEU B 259 -3.19 -52.64 -34.94
C LEU B 259 -2.38 -53.89 -35.23
N THR B 260 -1.64 -54.35 -34.22
CA THR B 260 -0.88 -55.60 -34.34
C THR B 260 -1.78 -56.83 -34.17
N GLU B 261 -1.29 -58.01 -34.54
CA GLU B 261 -2.00 -59.23 -34.20
C GLU B 261 -2.19 -59.35 -32.67
N ALA B 262 -1.18 -58.99 -31.88
CA ALA B 262 -1.31 -59.06 -30.42
C ALA B 262 -2.36 -58.09 -29.91
N ASN B 263 -2.37 -56.86 -30.44
CA ASN B 263 -3.41 -55.90 -30.08
C ASN B 263 -4.79 -56.49 -30.30
N LEU B 264 -5.02 -57.00 -31.50
CA LEU B 264 -6.31 -57.53 -31.89
C LEU B 264 -6.76 -58.71 -31.06
N ASN B 265 -5.80 -59.59 -30.75
CA ASN B 265 -6.09 -60.74 -29.90
C ASN B 265 -6.63 -60.29 -28.52
N SER B 266 -5.95 -59.33 -27.92
CA SER B 266 -6.43 -58.80 -26.66
C SER B 266 -7.75 -58.07 -26.79
N LEU B 267 -7.97 -57.31 -27.85
CA LEU B 267 -9.30 -56.67 -28.01
C LEU B 267 -10.43 -57.70 -28.17
N ARG B 268 -10.13 -58.81 -28.87
CA ARG B 268 -11.05 -59.92 -28.99
CA ARG B 268 -11.04 -59.96 -28.97
C ARG B 268 -11.39 -60.50 -27.61
N LEU B 269 -10.40 -60.69 -26.76
CA LEU B 269 -10.65 -61.27 -25.43
C LEU B 269 -11.41 -60.27 -24.53
N LEU B 270 -11.09 -59.00 -24.68
CA LEU B 270 -11.92 -58.00 -23.99
C LEU B 270 -13.39 -58.01 -24.45
N ASN B 271 -13.63 -58.21 -25.74
CA ASN B 271 -15.00 -58.24 -26.26
C ASN B 271 -15.74 -59.48 -25.73
N GLU B 272 -14.98 -60.59 -25.62
CA GLU B 272 -15.53 -61.78 -24.97
C GLU B 272 -15.94 -61.55 -23.51
N MET B 273 -15.11 -60.82 -22.76
CA MET B 273 -15.48 -60.42 -21.39
C MET B 273 -16.75 -59.64 -21.42
N ALA B 274 -16.83 -58.65 -22.32
CA ALA B 274 -18.03 -57.81 -22.38
C ALA B 274 -19.28 -58.71 -22.63
N GLN B 275 -19.16 -59.63 -23.57
CA GLN B 275 -20.32 -60.48 -23.91
C GLN B 275 -20.80 -61.30 -22.74
N GLN B 276 -19.84 -61.75 -21.91
CA GLN B 276 -20.15 -62.53 -20.69
C GLN B 276 -20.94 -61.67 -19.70
N ARG B 277 -20.73 -60.35 -19.74
CA ARG B 277 -21.46 -59.45 -18.87
C ARG B 277 -22.79 -59.08 -19.53
N GLY B 278 -23.06 -59.59 -20.73
CA GLY B 278 -24.27 -59.18 -21.46
C GLY B 278 -24.20 -57.74 -22.05
N GLN B 279 -22.97 -57.34 -22.39
CA GLN B 279 -22.66 -55.97 -22.90
C GLN B 279 -21.97 -56.07 -24.23
N SER B 280 -22.12 -55.02 -25.05
CA SER B 280 -21.20 -54.83 -26.17
C SER B 280 -19.87 -54.37 -25.61
N MET B 281 -18.86 -54.41 -26.44
CA MET B 281 -17.57 -53.85 -26.04
CA MET B 281 -17.56 -53.84 -26.11
C MET B 281 -17.67 -52.37 -25.64
N ALA B 282 -18.41 -51.58 -26.41
CA ALA B 282 -18.56 -50.13 -26.10
C ALA B 282 -19.26 -49.93 -24.75
N GLN B 283 -20.30 -50.71 -24.48
CA GLN B 283 -21.01 -50.57 -23.23
C GLN B 283 -20.06 -50.92 -22.08
N MET B 284 -19.30 -52.02 -22.21
CA MET B 284 -18.35 -52.37 -21.09
C MET B 284 -17.31 -51.23 -20.87
N ALA B 285 -16.77 -50.70 -21.96
CA ALA B 285 -15.80 -49.58 -21.90
C ALA B 285 -16.37 -48.34 -21.14
N LEU B 286 -17.63 -47.97 -21.41
CA LEU B 286 -18.30 -46.91 -20.72
C LEU B 286 -18.64 -47.26 -19.27
N SER B 287 -19.08 -48.49 -19.02
CA SER B 287 -19.41 -48.89 -17.65
C SER B 287 -18.16 -48.84 -16.79
N TRP B 288 -17.05 -49.25 -17.37
CA TRP B 288 -15.77 -49.24 -16.66
C TRP B 288 -15.37 -47.87 -16.17
N LEU B 289 -15.52 -46.86 -17.02
CA LEU B 289 -15.27 -45.49 -16.56
C LEU B 289 -16.21 -45.09 -15.46
N LEU B 290 -17.48 -45.47 -15.57
CA LEU B 290 -18.55 -45.01 -14.69
C LEU B 290 -18.74 -45.96 -13.44
N LYS B 291 -17.78 -46.86 -13.22
CA LYS B 291 -17.93 -47.94 -12.23
C LYS B 291 -17.86 -47.43 -10.81
N ASP B 292 -17.32 -46.23 -10.66
CA ASP B 292 -17.26 -45.58 -9.37
C ASP B 292 -17.41 -44.06 -9.55
N ASP B 293 -17.08 -43.28 -8.52
CA ASP B 293 -17.55 -41.92 -8.57
C ASP B 293 -16.44 -40.97 -8.97
N ARG B 294 -15.38 -41.51 -9.55
CA ARG B 294 -14.18 -40.74 -9.94
C ARG B 294 -14.44 -39.99 -11.27
N VAL B 295 -15.48 -40.40 -11.97
CA VAL B 295 -15.78 -39.83 -13.28
C VAL B 295 -17.18 -39.28 -13.18
N THR B 296 -17.36 -38.00 -13.52
CA THR B 296 -18.70 -37.39 -13.53
C THR B 296 -19.54 -37.80 -14.75
N SER B 297 -18.90 -37.93 -15.90
CA SER B 297 -19.62 -38.18 -17.16
C SER B 297 -18.63 -38.70 -18.19
N VAL B 298 -19.15 -39.36 -19.24
CA VAL B 298 -18.32 -39.79 -20.35
C VAL B 298 -18.88 -39.12 -21.59
N LEU B 299 -17.98 -38.59 -22.39
CA LEU B 299 -18.38 -37.86 -23.61
C LEU B 299 -18.49 -38.76 -24.79
N ILE B 300 -19.71 -38.95 -25.26
CA ILE B 300 -19.98 -39.84 -26.36
C ILE B 300 -20.09 -39.00 -27.64
N GLY B 301 -19.35 -39.41 -28.67
CA GLY B 301 -19.38 -38.66 -29.93
C GLY B 301 -20.17 -39.35 -31.01
N ALA B 302 -21.49 -39.39 -30.85
CA ALA B 302 -22.37 -40.19 -31.70
C ALA B 302 -22.52 -39.68 -33.11
N SER B 303 -22.50 -40.59 -34.07
CA SER B 303 -22.76 -40.27 -35.46
C SER B 303 -24.19 -40.63 -35.92
N ARG B 304 -24.96 -41.30 -35.07
CA ARG B 304 -26.37 -41.58 -35.40
C ARG B 304 -27.17 -41.80 -34.15
N ALA B 305 -28.48 -41.64 -34.23
CA ALA B 305 -29.35 -41.73 -33.04
C ALA B 305 -29.18 -43.06 -32.32
N GLU B 306 -29.06 -44.15 -33.09
CA GLU B 306 -29.05 -45.51 -32.53
C GLU B 306 -27.89 -45.72 -31.58
N GLN B 307 -26.75 -45.10 -31.91
CA GLN B 307 -25.58 -45.25 -31.09
C GLN B 307 -25.86 -44.78 -29.69
N LEU B 308 -26.61 -43.68 -29.56
CA LEU B 308 -26.92 -43.14 -28.23
C LEU B 308 -27.79 -44.14 -27.46
N GLU B 309 -28.82 -44.68 -28.13
CA GLU B 309 -29.67 -45.67 -27.47
C GLU B 309 -28.81 -46.83 -26.94
N GLU B 310 -27.83 -47.29 -27.72
CA GLU B 310 -27.03 -48.45 -27.33
C GLU B 310 -26.11 -48.05 -26.18
N ASN B 311 -25.51 -46.88 -26.29
CA ASN B 311 -24.47 -46.49 -25.25
C ASN B 311 -25.05 -46.24 -23.84
N VAL B 312 -26.24 -45.67 -23.77
CA VAL B 312 -26.80 -45.29 -22.48
CA VAL B 312 -26.80 -45.29 -22.50
C VAL B 312 -27.16 -46.54 -21.68
N GLN B 313 -27.31 -47.66 -22.37
CA GLN B 313 -27.57 -48.95 -21.69
C GLN B 313 -26.38 -49.48 -20.91
N ALA B 314 -25.24 -48.83 -21.08
CA ALA B 314 -24.09 -49.11 -20.17
C ALA B 314 -24.51 -48.92 -18.69
N LEU B 315 -25.46 -47.99 -18.46
CA LEU B 315 -25.89 -47.74 -17.10
C LEU B 315 -26.56 -48.97 -16.43
N ASN B 316 -26.94 -49.96 -17.22
CA ASN B 316 -27.61 -51.17 -16.66
C ASN B 316 -26.66 -52.12 -15.95
N ASN B 317 -25.35 -51.90 -16.15
CA ASN B 317 -24.38 -52.76 -15.51
C ASN B 317 -23.13 -51.97 -15.18
N LEU B 318 -23.11 -51.28 -14.05
CA LEU B 318 -21.94 -50.49 -13.67
C LEU B 318 -21.03 -51.27 -12.70
N THR B 319 -21.32 -52.55 -12.50
CA THR B 319 -20.50 -53.24 -11.46
C THR B 319 -19.47 -54.17 -12.08
N PHE B 320 -18.27 -54.15 -11.50
CA PHE B 320 -17.21 -55.07 -11.88
C PHE B 320 -16.66 -55.74 -10.61
N SER B 321 -16.40 -57.04 -10.67
CA SER B 321 -15.70 -57.69 -9.56
C SER B 321 -14.20 -57.37 -9.62
N THR B 322 -13.52 -57.57 -8.48
CA THR B 322 -12.09 -57.45 -8.44
C THR B 322 -11.40 -58.36 -9.44
N LYS B 323 -11.89 -59.60 -9.58
CA LYS B 323 -11.31 -60.52 -10.53
C LYS B 323 -11.42 -59.99 -11.99
N GLU B 324 -12.59 -59.46 -12.34
CA GLU B 324 -12.85 -58.92 -13.67
C GLU B 324 -11.93 -57.74 -13.93
N LEU B 325 -11.81 -56.84 -12.97
CA LEU B 325 -10.91 -55.70 -13.15
C LEU B 325 -9.44 -56.10 -13.43
N ALA B 326 -8.96 -57.11 -12.67
CA ALA B 326 -7.62 -57.58 -12.80
C ALA B 326 -7.47 -58.29 -14.16
N GLN B 327 -8.49 -58.99 -14.59
CA GLN B 327 -8.49 -59.71 -15.87
CA GLN B 327 -8.38 -59.67 -15.86
C GLN B 327 -8.46 -58.72 -17.07
N ILE B 328 -9.25 -57.68 -16.95
CA ILE B 328 -9.25 -56.59 -17.95
C ILE B 328 -7.83 -56.01 -18.07
N ASP B 329 -7.22 -55.65 -16.94
CA ASP B 329 -5.85 -55.10 -16.99
C ASP B 329 -4.85 -56.08 -17.58
N GLN B 330 -4.95 -57.34 -17.17
CA GLN B 330 -4.06 -58.32 -17.75
C GLN B 330 -4.15 -58.44 -19.29
N HIS B 331 -5.36 -58.50 -19.86
CA HIS B 331 -5.50 -58.58 -21.32
C HIS B 331 -4.86 -57.33 -21.93
N ILE B 332 -4.99 -56.20 -21.25
CA ILE B 332 -4.38 -54.93 -21.79
C ILE B 332 -2.86 -54.99 -21.83
N ALA B 333 -2.28 -55.43 -20.73
CA ALA B 333 -0.82 -55.67 -20.63
C ALA B 333 -0.34 -56.72 -21.65
N ASP B 334 -1.01 -57.88 -21.70
CA ASP B 334 -0.63 -58.94 -22.65
C ASP B 334 -0.67 -58.47 -24.10
N GLY B 335 -1.63 -57.61 -24.43
CA GLY B 335 -1.79 -57.20 -25.82
C GLY B 335 -1.01 -55.93 -26.15
N GLU B 336 -0.30 -55.40 -25.15
CA GLU B 336 0.37 -54.09 -25.21
C GLU B 336 -0.52 -52.95 -25.65
N LEU B 337 -1.73 -52.93 -25.10
CA LEU B 337 -2.76 -52.01 -25.55
C LEU B 337 -2.70 -50.60 -24.93
N ASN B 338 -1.77 -50.33 -24.04
CA ASN B 338 -1.46 -48.91 -23.70
C ASN B 338 -0.72 -48.15 -24.80
N VAL C 2 -56.54 5.31 -16.25
CA VAL C 2 -55.55 5.96 -15.32
C VAL C 2 -55.96 5.75 -13.87
N TRP C 3 -55.06 5.16 -13.09
CA TRP C 3 -55.35 4.88 -11.68
C TRP C 3 -54.48 5.75 -10.77
N LEU C 4 -55.14 6.50 -9.87
CA LEU C 4 -54.44 7.31 -8.89
C LEU C 4 -54.48 6.63 -7.50
N ALA C 5 -53.31 6.25 -6.99
CA ALA C 5 -53.22 5.56 -5.69
C ALA C 5 -53.74 6.53 -4.61
N ASN C 6 -54.27 5.99 -3.52
CA ASN C 6 -54.70 6.79 -2.38
C ASN C 6 -53.63 7.77 -1.83
N PRO C 7 -53.91 9.11 -1.83
CA PRO C 7 -52.88 10.07 -1.43
C PRO C 7 -52.48 9.92 0.02
N GLU C 8 -53.36 9.31 0.81
CA GLU C 8 -53.11 9.10 2.24
C GLU C 8 -52.51 7.74 2.55
N ARG C 9 -52.06 7.02 1.52
CA ARG C 9 -51.57 5.67 1.68
C ARG C 9 -50.45 5.48 2.68
N TYR C 10 -49.60 6.47 2.94
CA TYR C 10 -48.48 6.28 3.88
C TYR C 10 -48.80 6.77 5.30
N GLY C 11 -50.04 7.17 5.54
CA GLY C 11 -50.38 7.90 6.74
C GLY C 11 -50.74 7.05 7.95
N GLN C 12 -51.13 5.79 7.75
CA GLN C 12 -51.45 4.89 8.88
C GLN C 12 -50.62 3.60 9.04
N MET C 13 -50.05 3.09 7.93
CA MET C 13 -49.26 1.88 7.98
C MET C 13 -48.02 2.09 8.86
N GLN C 14 -47.66 1.07 9.63
CA GLN C 14 -46.40 1.02 10.34
C GLN C 14 -45.32 0.38 9.45
N TYR C 15 -44.15 1.00 9.39
CA TYR C 15 -42.97 0.50 8.66
C TYR C 15 -41.89 0.14 9.67
N ARG C 16 -41.20 -0.99 9.45
CA ARG C 16 -40.14 -1.43 10.33
C ARG C 16 -38.89 -1.56 9.49
N TYR C 17 -37.77 -1.09 10.04
CA TYR C 17 -36.47 -1.28 9.43
C TYR C 17 -36.16 -2.75 9.39
N CYS C 18 -35.62 -3.18 8.25
CA CYS C 18 -35.37 -4.60 8.10
C CYS C 18 -34.01 -4.95 8.67
N GLY C 19 -33.96 -5.61 9.85
CA GLY C 19 -32.66 -5.94 10.47
C GLY C 19 -31.85 -4.66 10.70
N LYS C 20 -30.55 -4.67 10.38
CA LYS C 20 -29.74 -3.48 10.62
C LYS C 20 -29.80 -2.52 9.42
N SER C 21 -30.49 -2.94 8.37
CA SER C 21 -30.44 -2.22 7.09
C SER C 21 -31.18 -0.90 7.18
N GLY C 22 -31.08 -0.08 6.13
CA GLY C 22 -31.90 1.09 6.06
C GLY C 22 -33.22 0.88 5.31
N LEU C 23 -33.55 -0.36 4.96
CA LEU C 23 -34.77 -0.61 4.16
C LEU C 23 -35.97 -0.86 5.09
N ARG C 24 -37.02 -0.06 4.94
CA ARG C 24 -38.20 -0.15 5.81
C ARG C 24 -39.28 -0.94 5.12
N LEU C 25 -39.71 -2.04 5.74
CA LEU C 25 -40.79 -2.83 5.17
C LEU C 25 -42.11 -2.49 5.91
N PRO C 26 -43.24 -2.56 5.22
CA PRO C 26 -44.48 -2.34 5.99
C PRO C 26 -44.65 -3.52 6.94
N ALA C 27 -45.30 -3.29 8.07
CA ALA C 27 -45.48 -4.37 9.06
C ALA C 27 -46.33 -5.50 8.51
N LEU C 28 -47.22 -5.20 7.57
CA LEU C 28 -47.90 -6.26 6.79
C LEU C 28 -47.51 -6.13 5.32
N SER C 29 -47.07 -7.25 4.74
CA SER C 29 -46.72 -7.32 3.32
C SER C 29 -47.72 -8.23 2.61
N LEU C 30 -47.83 -8.07 1.29
CA LEU C 30 -48.68 -8.94 0.47
C LEU C 30 -47.89 -10.08 -0.16
N GLY C 31 -48.28 -11.30 0.15
CA GLY C 31 -47.74 -12.50 -0.56
C GLY C 31 -48.59 -13.00 -1.72
N LEU C 32 -47.95 -13.54 -2.77
CA LEU C 32 -48.67 -13.90 -3.97
C LEU C 32 -48.57 -15.36 -4.20
N TRP C 33 -48.35 -16.10 -3.12
CA TRP C 33 -48.34 -17.57 -3.18
C TRP C 33 -49.59 -18.17 -3.87
N HIS C 34 -50.76 -17.70 -3.47
CA HIS C 34 -52.02 -18.06 -4.15
C HIS C 34 -52.77 -16.84 -4.60
N ASN C 35 -53.75 -17.05 -5.49
CA ASN C 35 -54.72 -16.01 -5.90
C ASN C 35 -54.26 -15.18 -7.10
N PHE C 36 -53.03 -15.45 -7.56
CA PHE C 36 -52.49 -14.70 -8.70
C PHE C 36 -52.08 -15.60 -9.84
N GLY C 37 -52.65 -16.79 -9.90
CA GLY C 37 -52.37 -17.67 -10.99
C GLY C 37 -53.19 -17.33 -12.23
N HIS C 38 -52.95 -18.13 -13.26
CA HIS C 38 -53.81 -18.16 -14.44
C HIS C 38 -55.18 -18.78 -14.11
N VAL C 39 -55.28 -19.48 -12.98
CA VAL C 39 -56.60 -19.95 -12.50
C VAL C 39 -57.45 -18.89 -11.81
N ASN C 40 -56.89 -17.70 -11.62
CA ASN C 40 -57.56 -16.59 -10.93
C ASN C 40 -57.81 -15.46 -11.92
N ALA C 41 -59.05 -14.98 -12.01
CA ALA C 41 -59.32 -13.82 -12.85
C ALA C 41 -58.43 -12.63 -12.49
N LEU C 42 -57.96 -11.93 -13.53
CA LEU C 42 -57.08 -10.80 -13.31
C LEU C 42 -57.82 -9.65 -12.60
N GLU C 43 -59.15 -9.53 -12.81
CA GLU C 43 -59.84 -8.42 -12.11
C GLU C 43 -59.77 -8.57 -10.62
N SER C 44 -59.82 -9.79 -10.11
CA SER C 44 -59.73 -9.96 -8.67
CA SER C 44 -59.72 -9.97 -8.66
C SER C 44 -58.31 -9.64 -8.18
N GLN C 45 -57.30 -10.09 -8.93
CA GLN C 45 -55.89 -9.73 -8.59
C GLN C 45 -55.67 -8.21 -8.57
N ARG C 46 -56.18 -7.52 -9.57
CA ARG C 46 -56.06 -6.07 -9.65
C ARG C 46 -56.62 -5.42 -8.42
N ALA C 47 -57.82 -5.84 -7.99
CA ALA C 47 -58.42 -5.18 -6.82
C ALA C 47 -57.56 -5.43 -5.58
N ILE C 48 -56.97 -6.62 -5.47
CA ILE C 48 -56.10 -6.90 -4.32
C ILE C 48 -54.84 -6.00 -4.27
N LEU C 49 -54.09 -5.93 -5.38
CA LEU C 49 -52.85 -5.09 -5.45
C LEU C 49 -53.14 -3.62 -5.23
N ARG C 50 -54.18 -3.10 -5.87
CA ARG C 50 -54.56 -1.70 -5.63
C ARG C 50 -54.94 -1.40 -4.15
N LYS C 51 -55.71 -2.29 -3.55
CA LYS C 51 -56.04 -2.12 -2.14
C LYS C 51 -54.77 -2.12 -1.26
N ALA C 52 -53.87 -3.09 -1.52
CA ALA C 52 -52.65 -3.22 -0.73
C ALA C 52 -51.89 -1.91 -0.73
N PHE C 53 -51.68 -1.38 -1.93
CA PHE C 53 -50.86 -0.17 -2.07
C PHE C 53 -51.58 1.01 -1.45
N ASP C 54 -52.92 1.00 -1.57
CA ASP C 54 -53.74 2.08 -0.97
C ASP C 54 -53.70 2.09 0.56
N LEU C 55 -53.45 0.91 1.15
CA LEU C 55 -53.25 0.79 2.60
C LEU C 55 -51.81 1.04 3.02
N GLY C 56 -50.93 1.35 2.06
CA GLY C 56 -49.51 1.53 2.39
C GLY C 56 -48.67 0.28 2.39
N ILE C 57 -49.22 -0.82 1.87
CA ILE C 57 -48.46 -2.09 1.79
C ILE C 57 -47.60 -1.99 0.53
N THR C 58 -46.30 -1.84 0.73
CA THR C 58 -45.37 -1.50 -0.37
C THR C 58 -44.49 -2.69 -0.76
N HIS C 59 -44.66 -3.81 -0.04
CA HIS C 59 -43.90 -5.01 -0.32
C HIS C 59 -44.81 -6.11 -0.86
N PHE C 60 -44.40 -6.63 -2.04
CA PHE C 60 -45.08 -7.68 -2.74
C PHE C 60 -44.13 -8.84 -2.96
N ASP C 61 -44.50 -9.98 -2.39
CA ASP C 61 -43.57 -11.11 -2.31
C ASP C 61 -43.97 -12.24 -3.26
N LEU C 62 -43.07 -12.56 -4.22
CA LEU C 62 -43.33 -13.60 -5.23
C LEU C 62 -42.30 -14.69 -5.14
N ALA C 63 -42.43 -15.70 -5.99
CA ALA C 63 -41.36 -16.71 -6.22
C ALA C 63 -41.61 -17.25 -7.58
N ASN C 64 -40.59 -17.88 -8.15
CA ASN C 64 -40.74 -18.37 -9.48
C ASN C 64 -41.96 -19.25 -9.69
N ASN C 65 -42.22 -20.16 -8.75
CA ASN C 65 -43.15 -21.21 -9.07
C ASN C 65 -44.55 -20.87 -8.55
N TYR C 66 -44.76 -19.62 -8.12
CA TYR C 66 -46.13 -19.23 -7.64
C TYR C 66 -47.11 -19.21 -8.79
N GLY C 67 -48.35 -19.68 -8.55
CA GLY C 67 -49.33 -19.79 -9.61
C GLY C 67 -50.63 -20.31 -9.00
N PRO C 68 -51.18 -21.41 -9.54
CA PRO C 68 -50.67 -22.17 -10.67
C PRO C 68 -51.19 -21.62 -11.99
N PRO C 69 -50.54 -22.01 -13.12
CA PRO C 69 -49.31 -22.82 -13.16
C PRO C 69 -48.04 -22.02 -12.79
N PRO C 70 -46.89 -22.71 -12.61
CA PRO C 70 -45.68 -22.02 -12.16
C PRO C 70 -45.32 -20.88 -13.14
N GLY C 71 -44.90 -19.77 -12.54
CA GLY C 71 -44.51 -18.57 -13.27
C GLY C 71 -45.68 -17.63 -13.48
N SER C 72 -46.91 -18.12 -13.29
CA SER C 72 -48.02 -17.29 -13.76
C SER C 72 -48.25 -16.11 -12.82
N ALA C 73 -47.91 -16.25 -11.52
CA ALA C 73 -48.10 -15.11 -10.61
C ALA C 73 -47.16 -13.97 -10.98
N GLU C 74 -45.89 -14.32 -11.27
CA GLU C 74 -44.96 -13.32 -11.82
C GLU C 74 -45.48 -12.66 -13.09
N GLU C 75 -45.97 -13.42 -14.07
CA GLU C 75 -46.52 -12.85 -15.34
C GLU C 75 -47.67 -11.89 -15.06
N ASN C 76 -48.59 -12.30 -14.19
CA ASN C 76 -49.78 -11.46 -13.93
C ASN C 76 -49.44 -10.22 -13.15
N PHE C 77 -48.58 -10.39 -12.18
CA PHE C 77 -48.13 -9.24 -11.45
C PHE C 77 -47.41 -8.27 -12.40
N GLY C 78 -46.60 -8.83 -13.29
CA GLY C 78 -45.92 -7.98 -14.31
C GLY C 78 -46.90 -7.19 -15.16
N ARG C 79 -47.96 -7.82 -15.61
CA ARG C 79 -49.01 -7.11 -16.38
CA ARG C 79 -49.03 -7.15 -16.37
C ARG C 79 -49.66 -6.00 -15.57
N LEU C 80 -50.00 -6.29 -14.31
CA LEU C 80 -50.65 -5.30 -13.49
C LEU C 80 -49.68 -4.19 -13.12
N LEU C 81 -48.40 -4.54 -12.95
CA LEU C 81 -47.42 -3.48 -12.75
C LEU C 81 -47.40 -2.52 -13.93
N ARG C 82 -47.41 -3.03 -15.17
CA ARG C 82 -47.41 -2.15 -16.38
C ARG C 82 -48.70 -1.31 -16.50
N GLU C 83 -49.81 -1.92 -16.15
CA GLU C 83 -51.09 -1.25 -16.33
C GLU C 83 -51.34 -0.19 -15.25
N ASP C 84 -51.00 -0.49 -14.00
CA ASP C 84 -51.48 0.30 -12.88
C ASP C 84 -50.36 0.89 -12.05
N PHE C 85 -49.14 0.34 -12.15
CA PHE C 85 -48.11 0.82 -11.30
C PHE C 85 -46.90 1.38 -12.03
N ALA C 86 -47.08 1.79 -13.29
CA ALA C 86 -45.98 2.33 -14.09
C ALA C 86 -45.30 3.50 -13.39
N ALA C 87 -46.06 4.32 -12.70
CA ALA C 87 -45.47 5.45 -12.04
C ALA C 87 -44.98 5.14 -10.62
N TYR C 88 -45.21 3.91 -10.14
CA TYR C 88 -45.07 3.67 -8.71
C TYR C 88 -44.00 2.61 -8.41
N ARG C 89 -43.32 2.09 -9.41
CA ARG C 89 -42.40 0.95 -9.15
C ARG C 89 -41.33 1.28 -8.13
N ASP C 90 -40.79 2.50 -8.18
CA ASP C 90 -39.81 2.92 -7.18
C ASP C 90 -40.33 3.10 -5.73
N GLU C 91 -41.64 2.97 -5.54
CA GLU C 91 -42.22 2.95 -4.21
C GLU C 91 -42.46 1.51 -3.75
N LEU C 92 -42.20 0.51 -4.62
CA LEU C 92 -42.52 -0.90 -4.27
C LEU C 92 -41.25 -1.65 -3.89
N ILE C 93 -41.38 -2.68 -3.05
CA ILE C 93 -40.30 -3.64 -2.84
C ILE C 93 -40.83 -4.96 -3.37
N ILE C 94 -40.20 -5.45 -4.43
CA ILE C 94 -40.65 -6.66 -5.12
C ILE C 94 -39.64 -7.78 -4.92
N SER C 95 -40.07 -8.90 -4.35
CA SER C 95 -39.13 -10.01 -4.25
C SER C 95 -39.46 -11.16 -5.21
N THR C 96 -38.45 -11.94 -5.58
CA THR C 96 -38.71 -13.27 -6.04
C THR C 96 -37.70 -14.27 -5.51
N LYS C 97 -37.78 -15.54 -5.95
CA LYS C 97 -37.03 -16.60 -5.22
C LYS C 97 -36.77 -17.70 -6.19
N ALA C 98 -35.75 -18.51 -5.92
CA ALA C 98 -35.59 -19.79 -6.64
C ALA C 98 -35.07 -20.82 -5.63
N GLY C 99 -35.57 -22.05 -5.72
CA GLY C 99 -35.10 -23.13 -4.83
C GLY C 99 -35.95 -24.39 -4.94
N TYR C 100 -37.25 -24.20 -5.09
CA TYR C 100 -38.18 -25.33 -5.22
C TYR C 100 -38.31 -25.79 -6.68
N ASP C 101 -39.07 -26.86 -6.93
CA ASP C 101 -39.32 -27.33 -8.30
C ASP C 101 -39.98 -26.28 -9.16
N MET C 102 -39.31 -25.92 -10.25
CA MET C 102 -39.85 -24.92 -11.15
C MET C 102 -40.06 -25.45 -12.53
N TRP C 103 -39.00 -26.07 -13.09
CA TRP C 103 -39.05 -26.64 -14.42
C TRP C 103 -38.38 -28.01 -14.34
N PRO C 104 -38.69 -28.88 -15.31
CA PRO C 104 -38.28 -30.29 -15.32
C PRO C 104 -36.77 -30.43 -15.38
N GLY C 105 -36.22 -31.46 -14.75
CA GLY C 105 -34.82 -31.80 -14.96
C GLY C 105 -33.94 -31.31 -13.84
N PRO C 106 -32.64 -31.63 -13.95
CA PRO C 106 -31.65 -31.41 -12.91
C PRO C 106 -31.28 -29.95 -12.68
N TYR C 107 -31.71 -29.05 -13.57
CA TYR C 107 -31.37 -27.62 -13.35
C TYR C 107 -32.55 -26.80 -12.90
N GLY C 108 -33.70 -27.47 -12.69
CA GLY C 108 -34.96 -26.74 -12.45
C GLY C 108 -35.43 -26.71 -11.00
N SER C 109 -34.52 -27.04 -10.09
CA SER C 109 -34.75 -27.09 -8.69
C SER C 109 -33.43 -26.93 -7.95
N GLY C 110 -33.47 -26.56 -6.67
CA GLY C 110 -32.28 -26.71 -5.82
C GLY C 110 -31.52 -25.41 -5.72
N GLY C 111 -30.21 -25.49 -5.46
CA GLY C 111 -29.45 -24.29 -5.09
C GLY C 111 -28.29 -23.91 -6.02
N SER C 112 -28.20 -24.52 -7.18
CA SER C 112 -27.01 -24.37 -8.06
C SER C 112 -26.97 -22.97 -8.72
N ARG C 113 -25.77 -22.56 -9.09
CA ARG C 113 -25.60 -21.27 -9.81
C ARG C 113 -26.41 -21.30 -11.09
N LYS C 114 -26.37 -22.42 -11.84
CA LYS C 114 -27.19 -22.60 -13.07
C LYS C 114 -28.66 -22.28 -12.83
N TYR C 115 -29.23 -22.92 -11.81
CA TYR C 115 -30.67 -22.78 -11.54
C TYR C 115 -31.01 -21.38 -11.05
N LEU C 116 -30.24 -20.88 -10.08
CA LEU C 116 -30.60 -19.61 -9.46
C LEU C 116 -30.50 -18.47 -10.52
N LEU C 117 -29.43 -18.49 -11.32
CA LEU C 117 -29.27 -17.35 -12.24
C LEU C 117 -30.16 -17.48 -13.47
N ALA C 118 -30.32 -18.69 -14.01
CA ALA C 118 -31.28 -18.85 -15.13
C ALA C 118 -32.68 -18.46 -14.62
N SER C 119 -33.00 -18.89 -13.40
CA SER C 119 -34.34 -18.61 -12.85
C SER C 119 -34.58 -17.13 -12.65
N LEU C 120 -33.60 -16.45 -12.08
CA LEU C 120 -33.75 -14.98 -11.90
C LEU C 120 -33.97 -14.31 -13.26
N ASP C 121 -33.18 -14.68 -14.29
CA ASP C 121 -33.43 -14.10 -15.66
C ASP C 121 -34.88 -14.39 -16.08
N GLN C 122 -35.33 -15.63 -15.91
CA GLN C 122 -36.76 -15.93 -16.24
C GLN C 122 -37.76 -15.06 -15.48
N SER C 123 -37.55 -14.89 -14.19
CA SER C 123 -38.43 -14.07 -13.33
C SER C 123 -38.48 -12.60 -13.77
N LEU C 124 -37.31 -12.03 -14.15
CA LEU C 124 -37.25 -10.62 -14.56
C LEU C 124 -38.04 -10.47 -15.87
N LYS C 125 -37.89 -11.45 -16.76
CA LYS C 125 -38.61 -11.43 -18.02
C LYS C 125 -40.11 -11.55 -17.84
N ARG C 126 -40.54 -12.54 -17.06
CA ARG C 126 -41.98 -12.66 -16.74
C ARG C 126 -42.56 -11.39 -16.10
N MET C 127 -41.82 -10.78 -15.19
CA MET C 127 -42.32 -9.63 -14.45
C MET C 127 -42.13 -8.30 -15.23
N GLY C 128 -41.30 -8.35 -16.27
CA GLY C 128 -40.95 -7.13 -17.02
C GLY C 128 -40.14 -6.12 -16.23
N LEU C 129 -39.21 -6.59 -15.39
CA LEU C 129 -38.46 -5.74 -14.51
C LEU C 129 -36.99 -5.79 -14.91
N GLU C 130 -36.28 -4.72 -14.63
CA GLU C 130 -34.83 -4.71 -14.81
CA GLU C 130 -34.83 -4.68 -14.81
C GLU C 130 -34.18 -5.40 -13.63
N TYR C 131 -34.77 -5.26 -12.42
CA TYR C 131 -34.21 -5.94 -11.23
C TYR C 131 -35.33 -6.13 -10.20
N VAL C 132 -35.17 -7.13 -9.34
CA VAL C 132 -36.04 -7.20 -8.17
C VAL C 132 -35.37 -6.53 -6.98
N ASP C 133 -36.14 -6.10 -5.99
CA ASP C 133 -35.53 -5.52 -4.83
C ASP C 133 -34.91 -6.56 -3.93
N ILE C 134 -35.51 -7.76 -3.86
CA ILE C 134 -34.93 -8.85 -3.07
C ILE C 134 -35.00 -10.11 -3.85
N PHE C 135 -33.86 -10.80 -3.97
CA PHE C 135 -33.85 -12.11 -4.55
C PHE C 135 -33.52 -13.09 -3.44
N TYR C 136 -34.30 -14.17 -3.33
CA TYR C 136 -34.06 -15.23 -2.29
C TYR C 136 -33.57 -16.54 -2.85
N SER C 137 -32.71 -17.23 -2.09
CA SER C 137 -32.66 -18.69 -2.14
C SER C 137 -33.91 -19.20 -1.35
N HIS C 138 -34.80 -19.92 -2.03
CA HIS C 138 -36.13 -20.23 -1.48
C HIS C 138 -36.10 -21.39 -0.45
N ARG C 139 -35.05 -22.19 -0.45
CA ARG C 139 -34.94 -23.31 0.49
CA ARG C 139 -34.95 -23.32 0.48
C ARG C 139 -33.53 -23.80 0.52
N VAL C 140 -33.23 -24.66 1.48
CA VAL C 140 -31.89 -25.22 1.57
C VAL C 140 -31.72 -26.30 0.54
N ASP C 141 -30.56 -26.32 -0.11
CA ASP C 141 -30.19 -27.45 -0.96
C ASP C 141 -28.97 -28.12 -0.35
N GLU C 142 -29.15 -29.25 0.31
CA GLU C 142 -28.00 -29.89 0.97
C GLU C 142 -26.98 -30.44 -0.02
N ASN C 143 -27.35 -30.58 -1.31
CA ASN C 143 -26.38 -31.04 -2.29
C ASN C 143 -25.64 -29.93 -3.07
N THR C 144 -25.92 -28.67 -2.80
CA THR C 144 -25.10 -27.61 -3.39
C THR C 144 -24.31 -26.95 -2.27
N PRO C 145 -22.99 -26.78 -2.43
CA PRO C 145 -22.23 -26.10 -1.38
C PRO C 145 -22.79 -24.70 -1.20
N MET C 146 -22.91 -24.24 0.04
CA MET C 146 -23.45 -22.90 0.22
C MET C 146 -22.58 -21.82 -0.41
N GLU C 147 -21.30 -22.13 -0.63
CA GLU C 147 -20.44 -21.15 -1.29
C GLU C 147 -20.97 -20.85 -2.73
N GLU C 148 -21.48 -21.89 -3.39
CA GLU C 148 -22.03 -21.74 -4.73
C GLU C 148 -23.34 -20.92 -4.78
N THR C 149 -24.25 -21.25 -3.88
CA THR C 149 -25.50 -20.51 -3.77
C THR C 149 -25.18 -19.08 -3.42
N ALA C 150 -24.27 -18.86 -2.46
CA ALA C 150 -23.99 -17.49 -2.00
C ALA C 150 -23.36 -16.67 -3.12
N SER C 151 -22.46 -17.30 -3.85
CA SER C 151 -21.83 -16.61 -4.98
C SER C 151 -22.83 -16.24 -6.11
N ALA C 152 -23.84 -17.06 -6.29
CA ALA C 152 -24.85 -16.77 -7.30
C ALA C 152 -25.67 -15.59 -6.80
N LEU C 153 -26.05 -15.58 -5.51
CA LEU C 153 -26.74 -14.39 -4.93
C LEU C 153 -25.91 -13.12 -5.08
N ALA C 154 -24.62 -13.26 -4.78
CA ALA C 154 -23.68 -12.13 -4.98
C ALA C 154 -23.62 -11.64 -6.46
N HIS C 155 -23.62 -12.56 -7.41
CA HIS C 155 -23.63 -12.18 -8.81
C HIS C 155 -24.90 -11.43 -9.19
N ALA C 156 -26.04 -11.82 -8.62
CA ALA C 156 -27.31 -11.15 -8.90
C ALA C 156 -27.24 -9.69 -8.43
N VAL C 157 -26.61 -9.46 -7.29
CA VAL C 157 -26.40 -8.11 -6.73
C VAL C 157 -25.36 -7.29 -7.56
N GLN C 158 -24.21 -7.90 -7.87
CA GLN C 158 -23.16 -7.17 -8.60
C GLN C 158 -23.60 -6.81 -10.01
N SER C 159 -24.38 -7.68 -10.61
CA SER C 159 -24.86 -7.45 -11.93
C SER C 159 -26.07 -6.56 -12.05
N GLY C 160 -26.60 -6.08 -10.93
CA GLY C 160 -27.71 -5.11 -10.97
C GLY C 160 -29.06 -5.76 -11.16
N LYS C 161 -29.15 -7.07 -10.96
CA LYS C 161 -30.43 -7.76 -11.17
C LYS C 161 -31.22 -7.92 -9.84
N ALA C 162 -30.55 -7.69 -8.71
CA ALA C 162 -31.26 -7.65 -7.42
C ALA C 162 -30.60 -6.58 -6.55
N LEU C 163 -31.36 -5.77 -5.84
CA LEU C 163 -30.77 -4.80 -4.93
C LEU C 163 -30.22 -5.43 -3.68
N TYR C 164 -30.95 -6.45 -3.15
CA TYR C 164 -30.66 -7.09 -1.86
C TYR C 164 -30.95 -8.60 -2.05
N VAL C 165 -30.45 -9.38 -1.07
CA VAL C 165 -30.64 -10.82 -1.10
C VAL C 165 -31.21 -11.34 0.24
N GLY C 166 -31.93 -12.44 0.12
CA GLY C 166 -32.63 -13.06 1.26
C GLY C 166 -32.45 -14.56 1.21
N ILE C 167 -32.77 -15.22 2.33
CA ILE C 167 -32.93 -16.65 2.28
C ILE C 167 -34.22 -17.04 2.97
N SER C 168 -34.66 -18.27 2.73
CA SER C 168 -35.93 -18.74 3.26
C SER C 168 -35.72 -20.17 3.76
N SER C 169 -36.15 -20.39 5.01
CA SER C 169 -36.16 -21.69 5.65
C SER C 169 -34.80 -22.33 5.85
N TYR C 170 -33.83 -21.51 6.18
CA TYR C 170 -32.50 -22.00 6.46
C TYR C 170 -32.45 -22.17 7.98
N SER C 171 -31.94 -23.30 8.45
CA SER C 171 -31.53 -23.37 9.87
C SER C 171 -30.69 -22.20 10.42
N PRO C 172 -30.62 -22.09 11.76
CA PRO C 172 -29.75 -21.08 12.34
C PRO C 172 -28.29 -21.28 11.96
N GLU C 173 -27.84 -22.54 11.90
CA GLU C 173 -26.44 -22.83 11.54
C GLU C 173 -26.21 -22.41 10.05
N ARG C 174 -27.10 -22.80 9.17
CA ARG C 174 -26.94 -22.45 7.75
C ARG C 174 -27.16 -20.98 7.44
N THR C 175 -28.09 -20.34 8.13
CA THR C 175 -28.19 -18.88 8.15
C THR C 175 -26.87 -18.20 8.50
N GLN C 176 -26.25 -18.62 9.59
CA GLN C 176 -25.02 -18.02 10.03
C GLN C 176 -23.90 -18.17 8.96
N LYS C 177 -23.86 -19.31 8.31
CA LYS C 177 -22.87 -19.60 7.26
C LYS C 177 -23.14 -18.69 6.05
N MET C 178 -24.42 -18.47 5.75
CA MET C 178 -24.77 -17.64 4.58
C MET C 178 -24.36 -16.21 4.82
N VAL C 179 -24.57 -15.72 6.04
CA VAL C 179 -24.17 -14.39 6.42
C VAL C 179 -22.66 -14.22 6.23
N GLU C 180 -21.87 -15.19 6.68
CA GLU C 180 -20.41 -15.15 6.53
C GLU C 180 -19.97 -15.20 5.06
N LEU C 181 -20.61 -16.06 4.29
CA LEU C 181 -20.21 -16.19 2.88
C LEU C 181 -20.56 -14.93 2.10
N LEU C 182 -21.72 -14.35 2.35
CA LEU C 182 -22.08 -13.11 1.64
C LEU C 182 -21.19 -11.95 2.07
N ARG C 183 -20.73 -11.99 3.33
CA ARG C 183 -19.85 -10.96 3.82
C ARG C 183 -18.48 -10.97 3.08
N GLU C 184 -18.06 -12.14 2.58
CA GLU C 184 -16.83 -12.17 1.78
C GLU C 184 -16.99 -11.37 0.47
N TRP C 185 -18.24 -11.20 0.02
CA TRP C 185 -18.58 -10.41 -1.17
C TRP C 185 -18.95 -8.97 -0.80
N LYS C 186 -18.83 -8.66 0.49
CA LYS C 186 -19.22 -7.34 1.07
C LYS C 186 -20.73 -7.07 0.88
N ILE C 187 -21.51 -8.13 0.99
CA ILE C 187 -22.96 -8.02 0.88
C ILE C 187 -23.58 -8.48 2.22
N PRO C 188 -24.40 -7.62 2.88
CA PRO C 188 -25.15 -8.08 4.07
C PRO C 188 -26.38 -8.91 3.69
N LEU C 189 -26.56 -10.07 4.31
CA LEU C 189 -27.83 -10.79 4.13
C LEU C 189 -28.97 -9.89 4.61
N LEU C 190 -29.94 -9.55 3.75
CA LEU C 190 -30.96 -8.60 4.20
C LEU C 190 -32.00 -9.24 5.17
N ILE C 191 -32.48 -10.42 4.83
CA ILE C 191 -33.74 -10.91 5.36
C ILE C 191 -33.83 -12.45 5.32
N HIS C 192 -34.58 -13.04 6.29
CA HIS C 192 -34.86 -14.48 6.34
C HIS C 192 -36.38 -14.59 6.31
N GLN C 193 -36.92 -15.51 5.51
CA GLN C 193 -38.36 -15.70 5.46
C GLN C 193 -38.67 -17.10 5.98
N PRO C 194 -38.95 -17.22 7.28
CA PRO C 194 -39.37 -18.55 7.82
C PRO C 194 -40.89 -18.65 7.96
N SER C 195 -41.40 -19.89 7.89
CA SER C 195 -42.78 -20.13 8.38
C SER C 195 -42.80 -19.87 9.86
N TYR C 196 -43.74 -19.02 10.27
CA TYR C 196 -43.86 -18.55 11.65
C TYR C 196 -45.28 -18.03 11.99
N ASN C 197 -45.88 -18.63 13.02
CA ASN C 197 -47.25 -18.28 13.43
C ASN C 197 -47.52 -18.89 14.82
N LEU C 198 -48.65 -18.52 15.42
CA LEU C 198 -49.02 -19.05 16.76
C LEU C 198 -48.76 -20.54 16.92
N LEU C 199 -49.03 -21.33 15.88
CA LEU C 199 -49.00 -22.80 15.94
C LEU C 199 -47.66 -23.41 15.51
N ASN C 200 -46.77 -22.57 15.01
CA ASN C 200 -45.50 -23.06 14.50
C ASN C 200 -44.32 -22.18 14.95
N ARG C 201 -43.64 -22.60 16.01
CA ARG C 201 -42.67 -21.73 16.67
C ARG C 201 -41.24 -22.25 16.56
N TRP C 202 -40.97 -23.06 15.53
CA TRP C 202 -39.57 -23.45 15.27
C TRP C 202 -38.60 -22.27 15.26
N VAL C 203 -38.99 -21.11 14.71
CA VAL C 203 -38.01 -20.02 14.69
C VAL C 203 -37.57 -19.56 16.08
N ASP C 204 -38.48 -19.63 17.05
CA ASP C 204 -38.07 -19.33 18.43
C ASP C 204 -37.34 -20.52 19.10
N LYS C 205 -37.99 -21.69 19.09
CA LYS C 205 -37.38 -22.89 19.68
C LYS C 205 -35.93 -23.05 19.18
N SER C 206 -35.70 -22.82 17.89
CA SER C 206 -34.47 -23.26 17.24
C SER C 206 -33.30 -22.34 17.50
N GLY C 207 -33.55 -21.12 17.94
CA GLY C 207 -32.49 -20.16 18.09
C GLY C 207 -32.38 -19.20 16.90
N LEU C 208 -33.29 -19.33 15.93
CA LEU C 208 -33.19 -18.51 14.68
C LEU C 208 -33.35 -17.03 14.93
N LEU C 209 -34.35 -16.65 15.73
CA LEU C 209 -34.60 -15.23 15.96
C LEU C 209 -33.39 -14.57 16.56
N ASP C 210 -32.72 -15.28 17.47
CA ASP C 210 -31.43 -14.79 18.00
C ASP C 210 -30.33 -14.67 16.92
N THR C 211 -30.22 -15.67 16.05
CA THR C 211 -29.19 -15.62 15.01
C THR C 211 -29.42 -14.39 14.09
N LEU C 212 -30.68 -14.16 13.75
CA LEU C 212 -31.09 -13.02 12.89
C LEU C 212 -30.76 -11.72 13.57
N GLN C 213 -31.16 -11.60 14.82
CA GLN C 213 -30.83 -10.43 15.61
C GLN C 213 -29.33 -10.16 15.74
N ASN C 214 -28.53 -11.18 16.05
CA ASN C 214 -27.08 -10.95 16.19
C ASN C 214 -26.41 -10.52 14.91
N ASN C 215 -27.01 -10.87 13.77
CA ASN C 215 -26.39 -10.61 12.46
C ASN C 215 -27.10 -9.49 11.73
N GLY C 216 -28.07 -8.85 12.39
CA GLY C 216 -28.75 -7.68 11.81
C GLY C 216 -29.59 -8.05 10.60
N VAL C 217 -30.09 -9.29 10.60
CA VAL C 217 -30.92 -9.75 9.49
C VAL C 217 -32.43 -9.58 9.82
N GLY C 218 -33.22 -9.12 8.86
CA GLY C 218 -34.69 -9.01 9.06
C GLY C 218 -35.42 -10.35 9.07
N CYS C 219 -36.67 -10.33 9.52
CA CYS C 219 -37.44 -11.58 9.60
C CYS C 219 -38.86 -11.36 9.10
N ILE C 220 -39.22 -12.03 8.02
CA ILE C 220 -40.57 -11.83 7.52
C ILE C 220 -41.35 -13.14 7.66
N ALA C 221 -42.48 -13.11 8.39
CA ALA C 221 -43.18 -14.39 8.68
C ALA C 221 -44.08 -14.87 7.53
N PHE C 222 -43.79 -16.06 6.98
CA PHE C 222 -44.63 -16.70 6.00
C PHE C 222 -45.72 -17.53 6.74
N THR C 223 -46.88 -17.68 6.09
CA THR C 223 -48.13 -18.27 6.66
C THR C 223 -48.41 -17.83 8.12
N PRO C 224 -48.40 -16.49 8.37
CA PRO C 224 -48.68 -16.00 9.73
C PRO C 224 -50.06 -16.42 10.27
N LEU C 225 -50.98 -16.86 9.40
CA LEU C 225 -52.34 -17.28 9.81
C LEU C 225 -52.49 -18.82 9.66
N ALA C 226 -51.36 -19.52 9.54
CA ALA C 226 -51.35 -20.99 9.53
C ALA C 226 -52.38 -21.52 8.56
N GLN C 227 -52.43 -20.92 7.39
CA GLN C 227 -53.18 -21.47 6.26
C GLN C 227 -54.66 -21.60 6.59
N GLY C 228 -55.17 -20.61 7.31
CA GLY C 228 -56.59 -20.54 7.59
C GLY C 228 -56.97 -21.06 8.95
N LEU C 229 -56.08 -21.77 9.63
CA LEU C 229 -56.36 -22.20 11.01
C LEU C 229 -56.54 -21.05 12.02
N LEU C 230 -55.82 -19.95 11.83
CA LEU C 230 -55.88 -18.88 12.78
C LEU C 230 -56.76 -17.75 12.26
N THR C 231 -57.84 -18.13 11.57
CA THR C 231 -58.87 -17.20 11.13
C THR C 231 -60.26 -17.68 11.63
N GLY C 232 -61.31 -17.07 11.10
CA GLY C 232 -62.68 -17.56 11.29
C GLY C 232 -62.98 -18.89 10.60
N LYS C 233 -62.31 -19.14 9.48
CA LYS C 233 -62.67 -20.21 8.55
C LYS C 233 -63.23 -21.51 9.17
N TYR C 234 -62.51 -22.12 10.11
CA TYR C 234 -62.96 -23.41 10.68
C TYR C 234 -63.53 -23.25 12.10
N LEU C 259 -58.29 -29.80 12.56
CA LEU C 259 -59.18 -30.75 11.87
C LEU C 259 -59.83 -31.78 12.83
N THR C 260 -59.25 -31.97 14.02
CA THR C 260 -59.93 -32.80 15.06
C THR C 260 -60.90 -32.02 15.92
N GLU C 261 -61.82 -32.73 16.55
CA GLU C 261 -62.69 -32.14 17.57
C GLU C 261 -61.89 -31.35 18.65
N ALA C 262 -60.87 -31.97 19.22
CA ALA C 262 -59.93 -31.28 20.12
C ALA C 262 -59.27 -29.99 19.54
N ASN C 263 -58.78 -30.08 18.30
CA ASN C 263 -58.22 -28.90 17.61
C ASN C 263 -59.28 -27.80 17.63
N LEU C 264 -60.46 -28.13 17.12
CA LEU C 264 -61.54 -27.18 16.91
C LEU C 264 -61.93 -26.54 18.24
N ASN C 265 -61.82 -27.32 19.31
CA ASN C 265 -62.20 -26.83 20.62
C ASN C 265 -61.27 -25.70 21.02
N SER C 266 -59.99 -25.96 20.86
CA SER C 266 -58.97 -25.00 21.26
C SER C 266 -58.92 -23.75 20.37
N LEU C 267 -59.27 -23.90 19.09
CA LEU C 267 -59.44 -22.75 18.21
C LEU C 267 -60.62 -21.89 18.62
N ARG C 268 -61.71 -22.53 19.07
CA ARG C 268 -62.80 -21.77 19.72
C ARG C 268 -62.31 -20.93 20.91
N LEU C 269 -61.49 -21.50 21.77
CA LEU C 269 -61.04 -20.74 22.92
C LEU C 269 -60.10 -19.60 22.58
N LEU C 270 -59.24 -19.83 21.58
CA LEU C 270 -58.34 -18.76 21.15
C LEU C 270 -59.14 -17.62 20.59
N ASN C 271 -60.18 -17.94 19.83
CA ASN C 271 -61.10 -16.95 19.31
C ASN C 271 -61.74 -16.11 20.40
N GLU C 272 -62.05 -16.73 21.55
CA GLU C 272 -62.63 -15.98 22.69
C GLU C 272 -61.62 -15.01 23.25
N MET C 273 -60.38 -15.46 23.35
CA MET C 273 -59.36 -14.53 23.77
C MET C 273 -59.25 -13.34 22.80
N ALA C 274 -59.43 -13.60 21.51
CA ALA C 274 -59.31 -12.50 20.54
C ALA C 274 -60.49 -11.53 20.75
N GLN C 275 -61.68 -12.10 20.80
CA GLN C 275 -62.90 -11.32 21.09
C GLN C 275 -62.79 -10.40 22.33
N GLN C 276 -62.14 -10.89 23.38
CA GLN C 276 -61.84 -10.04 24.55
C GLN C 276 -61.00 -8.83 24.21
N ARG C 277 -60.08 -8.98 23.25
CA ARG C 277 -59.14 -7.93 22.91
C ARG C 277 -59.76 -6.97 21.93
N GLY C 278 -61.00 -7.23 21.56
CA GLY C 278 -61.66 -6.53 20.46
C GLY C 278 -61.06 -6.86 19.08
N GLN C 279 -60.62 -8.10 18.88
CA GLN C 279 -59.99 -8.59 17.64
C GLN C 279 -60.70 -9.83 17.08
N SER C 280 -60.65 -10.00 15.76
CA SER C 280 -60.85 -11.31 15.15
C SER C 280 -59.69 -12.20 15.48
N MET C 281 -59.88 -13.50 15.29
CA MET C 281 -58.82 -14.46 15.50
C MET C 281 -57.60 -14.06 14.59
N ALA C 282 -57.89 -13.65 13.37
CA ALA C 282 -56.77 -13.32 12.43
C ALA C 282 -55.99 -12.11 12.89
N GLN C 283 -56.69 -11.10 13.40
CA GLN C 283 -56.01 -9.91 13.92
C GLN C 283 -55.18 -10.28 15.10
N MET C 284 -55.69 -11.10 16.02
CA MET C 284 -54.83 -11.46 17.15
C MET C 284 -53.56 -12.24 16.75
N ALA C 285 -53.71 -13.15 15.80
CA ALA C 285 -52.59 -13.99 15.30
C ALA C 285 -51.48 -13.13 14.67
N LEU C 286 -51.89 -12.10 13.94
CA LEU C 286 -50.93 -11.12 13.37
C LEU C 286 -50.33 -10.18 14.42
N SER C 287 -51.18 -9.63 15.30
CA SER C 287 -50.65 -8.85 16.43
C SER C 287 -49.66 -9.63 17.25
N TRP C 288 -49.94 -10.91 17.48
CA TRP C 288 -49.00 -11.74 18.23
C TRP C 288 -47.58 -11.78 17.59
N LEU C 289 -47.51 -11.96 16.27
CA LEU C 289 -46.21 -11.91 15.57
C LEU C 289 -45.53 -10.53 15.72
N LEU C 290 -46.33 -9.47 15.61
CA LEU C 290 -45.82 -8.11 15.58
C LEU C 290 -45.73 -7.49 16.97
N LYS C 291 -45.93 -8.31 18.02
CA LYS C 291 -46.04 -7.78 19.38
C LYS C 291 -44.77 -7.13 19.85
N ASP C 292 -43.63 -7.58 19.32
CA ASP C 292 -42.32 -6.95 19.59
C ASP C 292 -41.49 -6.75 18.28
N ASP C 293 -40.19 -6.43 18.42
CA ASP C 293 -39.42 -5.95 17.27
C ASP C 293 -38.65 -7.07 16.57
N ARG C 294 -38.93 -8.31 16.98
CA ARG C 294 -38.25 -9.48 16.44
C ARG C 294 -38.76 -9.89 15.06
N VAL C 295 -39.91 -9.37 14.67
CA VAL C 295 -40.44 -9.65 13.37
C VAL C 295 -40.50 -8.33 12.62
N THR C 296 -39.97 -8.31 11.40
CA THR C 296 -40.04 -7.12 10.55
C THR C 296 -41.39 -6.95 9.91
N SER C 297 -41.96 -8.05 9.44
CA SER C 297 -43.23 -7.98 8.74
C SER C 297 -43.91 -9.35 8.80
N VAL C 298 -45.21 -9.38 8.50
CA VAL C 298 -45.93 -10.63 8.29
C VAL C 298 -46.50 -10.61 6.91
N LEU C 299 -46.42 -11.76 6.25
CA LEU C 299 -46.84 -11.91 4.86
C LEU C 299 -48.28 -12.36 4.77
N ILE C 300 -49.16 -11.48 4.34
CA ILE C 300 -50.55 -11.83 4.19
C ILE C 300 -50.85 -12.33 2.80
N GLY C 301 -51.45 -13.50 2.70
CA GLY C 301 -51.85 -14.01 1.40
C GLY C 301 -53.32 -13.82 1.07
N ALA C 302 -53.72 -12.59 0.83
CA ALA C 302 -55.14 -12.21 0.68
C ALA C 302 -55.85 -12.68 -0.60
N SER C 303 -57.10 -13.13 -0.50
CA SER C 303 -57.89 -13.48 -1.69
C SER C 303 -58.97 -12.45 -2.09
N ARG C 304 -59.19 -11.43 -1.27
CA ARG C 304 -60.12 -10.37 -1.67
C ARG C 304 -59.65 -9.11 -0.98
N ALA C 305 -59.94 -7.94 -1.54
CA ALA C 305 -59.44 -6.69 -0.96
C ALA C 305 -59.85 -6.47 0.48
N GLU C 306 -61.07 -6.90 0.86
CA GLU C 306 -61.61 -6.67 2.22
C GLU C 306 -60.78 -7.37 3.29
N GLN C 307 -60.10 -8.46 2.92
CA GLN C 307 -59.31 -9.15 3.92
C GLN C 307 -58.20 -8.23 4.39
N LEU C 308 -57.61 -7.47 3.46
CA LEU C 308 -56.47 -6.61 3.79
C LEU C 308 -56.92 -5.49 4.74
N GLU C 309 -58.05 -4.87 4.44
CA GLU C 309 -58.62 -3.84 5.33
C GLU C 309 -58.80 -4.38 6.73
N GLU C 310 -59.23 -5.63 6.82
CA GLU C 310 -59.40 -6.27 8.12
C GLU C 310 -58.07 -6.54 8.82
N ASN C 311 -57.12 -7.18 8.11
CA ASN C 311 -55.86 -7.59 8.74
C ASN C 311 -55.00 -6.43 9.21
N VAL C 312 -55.03 -5.29 8.49
CA VAL C 312 -54.19 -4.15 8.87
C VAL C 312 -54.59 -3.55 10.23
N GLN C 313 -55.84 -3.75 10.65
CA GLN C 313 -56.24 -3.29 11.98
C GLN C 313 -55.57 -4.00 13.14
N ALA C 314 -54.89 -5.13 12.87
CA ALA C 314 -54.05 -5.78 13.88
C ALA C 314 -53.07 -4.77 14.48
N LEU C 315 -52.70 -3.77 13.68
CA LEU C 315 -51.77 -2.77 14.20
C LEU C 315 -52.36 -1.94 15.34
N ASN C 316 -53.70 -1.93 15.47
CA ASN C 316 -54.36 -1.15 16.54
C ASN C 316 -54.11 -1.70 17.93
N ASN C 317 -53.67 -2.96 18.00
CA ASN C 317 -53.51 -3.57 19.29
C ASN C 317 -52.36 -4.59 19.28
N LEU C 318 -51.16 -4.11 19.58
CA LEU C 318 -49.96 -4.93 19.54
C LEU C 318 -49.46 -5.34 20.92
N THR C 319 -50.23 -5.05 21.97
CA THR C 319 -49.80 -5.38 23.34
C THR C 319 -50.50 -6.62 23.90
N PHE C 320 -49.70 -7.46 24.54
CA PHE C 320 -50.17 -8.68 25.22
C PHE C 320 -49.62 -8.67 26.67
N SER C 321 -50.45 -8.99 27.66
CA SER C 321 -49.96 -9.11 29.04
C SER C 321 -49.32 -10.48 29.18
N THR C 322 -48.61 -10.74 30.27
CA THR C 322 -47.97 -12.06 30.44
C THR C 322 -49.02 -13.17 30.58
N LYS C 323 -50.15 -12.81 31.17
CA LYS C 323 -51.23 -13.77 31.44
C LYS C 323 -51.86 -14.21 30.11
N GLU C 324 -52.07 -13.26 29.18
CA GLU C 324 -52.58 -13.58 27.83
C GLU C 324 -51.62 -14.52 27.11
N LEU C 325 -50.33 -14.20 27.18
CA LEU C 325 -49.30 -14.96 26.49
C LEU C 325 -49.24 -16.41 26.98
N ALA C 326 -49.33 -16.58 28.31
CA ALA C 326 -49.43 -17.91 28.90
C ALA C 326 -50.74 -18.63 28.52
N GLN C 327 -51.85 -17.90 28.53
CA GLN C 327 -53.12 -18.53 28.24
C GLN C 327 -53.21 -19.01 26.80
N ILE C 328 -52.69 -18.20 25.87
CA ILE C 328 -52.66 -18.60 24.47
C ILE C 328 -51.96 -19.94 24.32
N ASP C 329 -50.81 -20.06 24.96
CA ASP C 329 -49.96 -21.22 24.84
C ASP C 329 -50.62 -22.47 25.43
N GLN C 330 -51.38 -22.27 26.51
CA GLN C 330 -52.07 -23.38 27.15
C GLN C 330 -53.13 -23.91 26.20
N HIS C 331 -53.96 -23.01 25.66
CA HIS C 331 -55.00 -23.45 24.71
C HIS C 331 -54.39 -24.28 23.56
N ILE C 332 -53.22 -23.86 23.09
CA ILE C 332 -52.52 -24.58 22.01
C ILE C 332 -51.97 -25.93 22.49
N ALA C 333 -51.23 -25.93 23.60
CA ALA C 333 -50.87 -27.19 24.29
C ALA C 333 -52.08 -28.13 24.40
N ASP C 334 -53.10 -27.69 25.13
CA ASP C 334 -54.26 -28.54 25.43
C ASP C 334 -54.97 -29.08 24.19
N GLY C 335 -54.96 -28.31 23.10
CA GLY C 335 -55.70 -28.71 21.89
C GLY C 335 -54.89 -29.53 20.90
N GLU C 336 -53.63 -29.78 21.22
CA GLU C 336 -52.73 -30.55 20.35
C GLU C 336 -52.28 -29.75 19.11
N LEU C 337 -52.30 -28.42 19.16
CA LEU C 337 -52.17 -27.62 17.95
C LEU C 337 -50.69 -27.33 17.58
N ASN C 338 -50.01 -28.29 16.95
CA ASN C 338 -48.61 -28.10 16.57
C ASN C 338 -48.27 -28.71 15.22
N VAL D 2 -27.44 26.94 -33.55
CA VAL D 2 -26.02 26.48 -33.30
C VAL D 2 -25.34 27.50 -32.43
N TRP D 3 -24.80 27.04 -31.30
CA TRP D 3 -24.22 27.92 -30.32
C TRP D 3 -22.76 27.55 -30.15
N LEU D 4 -21.90 28.55 -30.27
CA LEU D 4 -20.47 28.41 -30.11
C LEU D 4 -20.12 29.05 -28.75
N ALA D 5 -19.60 28.25 -27.82
CA ALA D 5 -19.12 28.82 -26.58
C ALA D 5 -17.93 29.77 -26.83
N ASN D 6 -17.76 30.71 -25.90
CA ASN D 6 -16.67 31.68 -25.96
C ASN D 6 -15.33 30.93 -26.07
N PRO D 7 -14.58 31.19 -27.13
CA PRO D 7 -13.29 30.52 -27.32
C PRO D 7 -12.26 30.86 -26.24
N GLU D 8 -12.51 31.92 -25.48
CA GLU D 8 -11.60 32.33 -24.41
C GLU D 8 -12.08 31.92 -23.01
N ARG D 9 -13.06 31.03 -22.94
CA ARG D 9 -13.64 30.66 -21.67
C ARG D 9 -12.67 30.12 -20.62
N TYR D 10 -11.55 29.49 -21.03
CA TYR D 10 -10.61 28.94 -20.05
C TYR D 10 -9.44 29.85 -19.71
N GLY D 11 -9.49 31.07 -20.19
CA GLY D 11 -8.36 31.99 -20.04
C GLY D 11 -8.25 32.78 -18.74
N GLN D 12 -9.36 32.96 -18.04
CA GLN D 12 -9.32 33.80 -16.85
C GLN D 12 -9.79 33.06 -15.58
N MET D 13 -10.63 32.04 -15.73
CA MET D 13 -11.17 31.35 -14.53
C MET D 13 -10.02 30.66 -13.81
N GLN D 14 -10.10 30.56 -12.48
CA GLN D 14 -9.11 29.80 -11.69
C GLN D 14 -9.68 28.41 -11.44
N TYR D 15 -8.86 27.37 -11.58
CA TYR D 15 -9.29 26.00 -11.33
C TYR D 15 -8.49 25.51 -10.13
N ARG D 16 -9.12 24.69 -9.27
CA ARG D 16 -8.43 24.20 -8.09
C ARG D 16 -8.55 22.67 -8.13
N TYR D 17 -7.47 21.97 -7.80
CA TYR D 17 -7.56 20.50 -7.70
C TYR D 17 -8.45 20.15 -6.54
N CYS D 18 -9.28 19.14 -6.70
CA CYS D 18 -10.27 18.79 -5.68
C CYS D 18 -9.62 17.80 -4.71
N GLY D 19 -9.26 18.27 -3.51
CA GLY D 19 -8.53 17.42 -2.57
C GLY D 19 -7.27 16.87 -3.21
N LYS D 20 -7.03 15.56 -3.07
CA LYS D 20 -5.78 14.98 -3.58
C LYS D 20 -5.98 14.42 -4.99
N SER D 21 -7.19 14.61 -5.54
CA SER D 21 -7.52 13.98 -6.83
C SER D 21 -6.89 14.78 -7.99
N GLY D 22 -6.97 14.23 -9.18
CA GLY D 22 -6.54 14.98 -10.36
C GLY D 22 -7.66 15.80 -10.98
N LEU D 23 -8.78 15.94 -10.27
CA LEU D 23 -9.97 16.61 -10.88
C LEU D 23 -10.01 18.08 -10.47
N ARG D 24 -9.96 18.95 -11.46
CA ARG D 24 -9.90 20.41 -11.22
C ARG D 24 -11.30 21.00 -11.30
N LEU D 25 -11.74 21.69 -10.26
CA LEU D 25 -13.03 22.36 -10.33
C LEU D 25 -12.78 23.86 -10.54
N PRO D 26 -13.70 24.53 -11.27
CA PRO D 26 -13.56 26.01 -11.28
C PRO D 26 -13.78 26.55 -9.85
N ALA D 27 -13.08 27.63 -9.50
CA ALA D 27 -13.18 28.15 -8.14
C ALA D 27 -14.60 28.68 -7.84
N LEU D 28 -15.39 29.01 -8.87
CA LEU D 28 -16.85 29.23 -8.70
C LEU D 28 -17.55 28.18 -9.56
N SER D 29 -18.55 27.49 -8.99
CA SER D 29 -19.35 26.51 -9.73
C SER D 29 -20.77 27.00 -9.73
N LEU D 30 -21.57 26.51 -10.68
CA LEU D 30 -22.99 26.92 -10.73
C LEU D 30 -23.89 25.87 -10.04
N GLY D 31 -24.67 26.33 -9.09
CA GLY D 31 -25.67 25.44 -8.45
C GLY D 31 -27.06 25.69 -9.02
N LEU D 32 -27.88 24.64 -9.10
CA LEU D 32 -29.18 24.69 -9.76
C LEU D 32 -30.31 24.51 -8.76
N TRP D 33 -30.06 24.81 -7.48
CA TRP D 33 -31.05 24.60 -6.39
C TRP D 33 -32.33 25.41 -6.68
N HIS D 34 -32.15 26.67 -7.05
CA HIS D 34 -33.26 27.50 -7.61
C HIS D 34 -33.01 27.97 -9.05
N ASN D 35 -34.08 28.45 -9.69
CA ASN D 35 -34.01 29.11 -11.01
C ASN D 35 -34.11 28.18 -12.19
N PHE D 36 -34.18 26.86 -11.94
CA PHE D 36 -34.22 25.89 -13.01
C PHE D 36 -35.40 24.93 -12.91
N GLY D 37 -36.43 25.29 -12.15
CA GLY D 37 -37.62 24.44 -12.11
C GLY D 37 -38.60 24.74 -13.24
N HIS D 38 -39.75 24.08 -13.20
CA HIS D 38 -40.78 24.33 -14.22
C HIS D 38 -41.45 25.69 -14.01
N VAL D 39 -41.24 26.29 -12.83
CA VAL D 39 -41.71 27.65 -12.55
C VAL D 39 -40.85 28.77 -13.13
N ASN D 40 -39.72 28.40 -13.74
CA ASN D 40 -38.78 29.33 -14.36
C ASN D 40 -38.76 29.13 -15.89
N ALA D 41 -38.88 30.22 -16.65
CA ALA D 41 -38.87 30.14 -18.09
C ALA D 41 -37.53 29.57 -18.55
N LEU D 42 -37.56 28.62 -19.48
CA LEU D 42 -36.37 28.03 -20.05
C LEU D 42 -35.46 29.07 -20.68
N GLU D 43 -36.01 30.15 -21.25
CA GLU D 43 -35.10 31.15 -21.81
C GLU D 43 -34.11 31.76 -20.81
N SER D 44 -34.60 32.09 -19.62
CA SER D 44 -33.72 32.57 -18.56
C SER D 44 -32.71 31.50 -18.16
N GLN D 45 -33.14 30.25 -18.07
CA GLN D 45 -32.19 29.18 -17.68
C GLN D 45 -31.06 29.06 -18.73
N ARG D 46 -31.44 29.11 -20.01
CA ARG D 46 -30.48 28.99 -21.12
C ARG D 46 -29.41 30.05 -21.04
N ALA D 47 -29.81 31.29 -20.71
CA ALA D 47 -28.84 32.39 -20.64
C ALA D 47 -27.83 32.18 -19.49
N ILE D 48 -28.32 31.69 -18.35
CA ILE D 48 -27.46 31.43 -17.17
C ILE D 48 -26.39 30.35 -17.52
N LEU D 49 -26.84 29.23 -18.08
CA LEU D 49 -25.89 28.11 -18.40
C LEU D 49 -24.86 28.54 -19.42
N ARG D 50 -25.31 29.22 -20.48
CA ARG D 50 -24.38 29.66 -21.51
C ARG D 50 -23.36 30.66 -20.93
N LYS D 51 -23.82 31.58 -20.09
CA LYS D 51 -22.91 32.57 -19.54
C LYS D 51 -21.93 31.88 -18.59
N ALA D 52 -22.43 30.94 -17.78
CA ALA D 52 -21.52 30.20 -16.86
C ALA D 52 -20.37 29.55 -17.65
N PHE D 53 -20.72 28.73 -18.63
CA PHE D 53 -19.68 28.06 -19.43
C PHE D 53 -18.74 29.06 -20.16
N ASP D 54 -19.31 30.14 -20.69
CA ASP D 54 -18.48 31.20 -21.31
C ASP D 54 -17.45 31.87 -20.36
N LEU D 55 -17.76 31.85 -19.07
CA LEU D 55 -16.86 32.36 -18.04
C LEU D 55 -15.90 31.25 -17.52
N GLY D 56 -15.99 30.06 -18.08
CA GLY D 56 -15.11 28.98 -17.63
C GLY D 56 -15.67 28.14 -16.52
N ILE D 57 -16.93 28.38 -16.14
CA ILE D 57 -17.51 27.57 -15.05
C ILE D 57 -17.92 26.26 -15.69
N THR D 58 -17.18 25.21 -15.31
CA THR D 58 -17.37 23.90 -15.92
C THR D 58 -18.16 22.91 -15.02
N HIS D 59 -18.56 23.35 -13.82
CA HIS D 59 -19.25 22.43 -12.88
C HIS D 59 -20.61 22.93 -12.54
N PHE D 60 -21.59 22.05 -12.82
CA PHE D 60 -23.00 22.32 -12.65
C PHE D 60 -23.55 21.33 -11.65
N ASP D 61 -24.02 21.85 -10.53
CA ASP D 61 -24.34 20.97 -9.39
C ASP D 61 -25.86 20.87 -9.28
N LEU D 62 -26.38 19.64 -9.33
CA LEU D 62 -27.83 19.43 -9.25
C LEU D 62 -28.12 18.50 -8.06
N ALA D 63 -29.39 18.24 -7.80
CA ALA D 63 -29.86 17.19 -6.85
C ALA D 63 -31.17 16.73 -7.41
N ASN D 64 -31.54 15.48 -7.08
CA ASN D 64 -32.86 14.97 -7.51
C ASN D 64 -34.03 15.92 -7.28
N ASN D 65 -34.06 16.59 -6.14
CA ASN D 65 -35.28 17.28 -5.76
C ASN D 65 -35.27 18.77 -6.09
N TYR D 66 -34.25 19.22 -6.83
CA TYR D 66 -34.16 20.65 -7.22
C TYR D 66 -35.27 20.98 -8.21
N GLY D 67 -35.85 22.17 -8.09
CA GLY D 67 -36.89 22.61 -8.98
C GLY D 67 -37.34 23.99 -8.54
N PRO D 68 -38.63 24.14 -8.21
CA PRO D 68 -39.68 23.16 -8.11
C PRO D 68 -40.41 23.00 -9.44
N PRO D 69 -41.15 21.89 -9.60
CA PRO D 69 -41.30 20.78 -8.65
C PRO D 69 -40.04 19.88 -8.68
N PRO D 70 -39.98 18.86 -7.79
CA PRO D 70 -38.78 18.00 -7.76
C PRO D 70 -38.50 17.32 -9.07
N GLY D 71 -37.22 17.29 -9.45
CA GLY D 71 -36.82 16.59 -10.68
C GLY D 71 -36.74 17.55 -11.83
N SER D 72 -37.39 18.69 -11.69
CA SER D 72 -37.57 19.52 -12.89
C SER D 72 -36.29 20.25 -13.22
N ALA D 73 -35.43 20.56 -12.24
CA ALA D 73 -34.14 21.16 -12.58
C ALA D 73 -33.33 20.18 -13.46
N GLU D 74 -33.25 18.91 -13.04
CA GLU D 74 -32.57 17.87 -13.86
C GLU D 74 -33.17 17.73 -15.27
N GLU D 75 -34.50 17.72 -15.36
CA GLU D 75 -35.17 17.69 -16.70
C GLU D 75 -34.79 18.85 -17.57
N ASN D 76 -34.86 20.05 -16.99
CA ASN D 76 -34.57 21.23 -17.80
C ASN D 76 -33.10 21.30 -18.19
N PHE D 77 -32.23 21.05 -17.22
CA PHE D 77 -30.80 20.97 -17.53
C PHE D 77 -30.55 19.96 -18.63
N GLY D 78 -31.19 18.79 -18.53
CA GLY D 78 -31.03 17.78 -19.60
C GLY D 78 -31.45 18.27 -20.99
N ARG D 79 -32.51 19.06 -21.02
CA ARG D 79 -33.01 19.59 -22.30
C ARG D 79 -31.96 20.58 -22.86
N LEU D 80 -31.45 21.43 -21.99
CA LEU D 80 -30.51 22.47 -22.41
C LEU D 80 -29.17 21.85 -22.76
N LEU D 81 -28.80 20.78 -22.07
CA LEU D 81 -27.59 20.01 -22.42
C LEU D 81 -27.72 19.50 -23.87
N ARG D 82 -28.88 18.92 -24.21
CA ARG D 82 -29.11 18.38 -25.55
C ARG D 82 -29.13 19.49 -26.60
N GLU D 83 -29.74 20.62 -26.29
CA GLU D 83 -29.85 21.70 -27.29
C GLU D 83 -28.52 22.46 -27.52
N ASP D 84 -27.81 22.78 -26.44
CA ASP D 84 -26.75 23.75 -26.51
C ASP D 84 -25.36 23.14 -26.17
N PHE D 85 -25.34 21.97 -25.52
CA PHE D 85 -24.09 21.45 -24.99
C PHE D 85 -23.76 20.04 -25.50
N ALA D 86 -24.29 19.68 -26.66
CA ALA D 86 -24.04 18.34 -27.23
C ALA D 86 -22.57 18.14 -27.53
N ALA D 87 -21.86 19.17 -27.98
CA ALA D 87 -20.45 18.99 -28.25
C ALA D 87 -19.55 19.15 -27.02
N TYR D 88 -20.11 19.57 -25.88
CA TYR D 88 -19.36 20.06 -24.76
C TYR D 88 -19.54 19.19 -23.48
N ARG D 89 -20.28 18.10 -23.55
CA ARG D 89 -20.52 17.34 -22.30
C ARG D 89 -19.21 16.91 -21.61
N ASP D 90 -18.21 16.50 -22.39
CA ASP D 90 -16.95 16.05 -21.77
C ASP D 90 -16.05 17.20 -21.21
N GLU D 91 -16.48 18.43 -21.46
CA GLU D 91 -15.92 19.58 -20.75
C GLU D 91 -16.66 19.94 -19.46
N LEU D 92 -17.69 19.19 -19.06
CA LEU D 92 -18.53 19.62 -17.91
C LEU D 92 -18.40 18.59 -16.81
N ILE D 93 -18.51 19.05 -15.58
CA ILE D 93 -18.65 18.19 -14.41
C ILE D 93 -20.05 18.35 -13.92
N ILE D 94 -20.82 17.28 -14.02
CA ILE D 94 -22.26 17.34 -13.68
C ILE D 94 -22.45 16.49 -12.42
N SER D 95 -23.01 17.08 -11.37
CA SER D 95 -23.32 16.25 -10.20
C SER D 95 -24.82 16.08 -10.00
N THR D 96 -25.17 15.00 -9.31
CA THR D 96 -26.47 14.99 -8.63
C THR D 96 -26.40 14.20 -7.34
N LYS D 97 -27.55 14.13 -6.62
CA LYS D 97 -27.51 13.74 -5.21
C LYS D 97 -28.82 13.03 -4.91
N ALA D 98 -28.83 12.26 -3.82
CA ALA D 98 -30.08 11.74 -3.25
C ALA D 98 -29.91 11.69 -1.74
N GLY D 99 -30.95 12.06 -1.01
CA GLY D 99 -30.92 11.89 0.43
C GLY D 99 -32.07 12.62 1.10
N TYR D 100 -32.50 13.73 0.49
CA TYR D 100 -33.64 14.46 1.01
C TYR D 100 -34.93 13.88 0.45
N ASP D 101 -36.08 14.39 0.89
CA ASP D 101 -37.38 13.95 0.39
C ASP D 101 -37.52 14.20 -1.10
N MET D 102 -37.78 13.14 -1.85
CA MET D 102 -37.87 13.23 -3.28
C MET D 102 -39.22 12.75 -3.78
N TRP D 103 -39.60 11.53 -3.39
CA TRP D 103 -40.88 10.99 -3.78
C TRP D 103 -41.51 10.34 -2.54
N PRO D 104 -42.82 10.12 -2.56
CA PRO D 104 -43.46 9.78 -1.29
C PRO D 104 -43.14 8.38 -0.78
N GLY D 105 -43.28 8.13 0.53
CA GLY D 105 -43.19 6.75 1.01
C GLY D 105 -41.80 6.45 1.58
N PRO D 106 -41.60 5.24 2.13
CA PRO D 106 -40.40 4.96 2.89
C PRO D 106 -39.08 4.84 2.05
N TYR D 107 -39.18 4.76 0.73
CA TYR D 107 -37.99 4.62 -0.16
C TYR D 107 -37.68 5.91 -0.93
N GLY D 108 -38.37 7.02 -0.63
CA GLY D 108 -38.20 8.29 -1.35
C GLY D 108 -37.38 9.32 -0.60
N SER D 109 -36.62 8.85 0.38
CA SER D 109 -35.83 9.75 1.21
C SER D 109 -34.81 8.90 1.94
N GLY D 110 -33.74 9.51 2.49
CA GLY D 110 -32.81 8.78 3.34
C GLY D 110 -31.54 8.31 2.65
N GLY D 111 -30.96 7.23 3.16
CA GLY D 111 -29.61 6.77 2.73
C GLY D 111 -29.58 5.31 2.26
N SER D 112 -30.76 4.72 2.01
CA SER D 112 -30.82 3.28 1.71
C SER D 112 -30.32 3.00 0.28
N ARG D 113 -29.87 1.79 0.07
CA ARG D 113 -29.41 1.33 -1.25
C ARG D 113 -30.58 1.42 -2.23
N LYS D 114 -31.78 1.04 -1.78
CA LYS D 114 -32.97 1.17 -2.61
C LYS D 114 -33.14 2.60 -3.10
N TYR D 115 -33.19 3.54 -2.17
CA TYR D 115 -33.47 4.93 -2.59
C TYR D 115 -32.31 5.50 -3.43
N LEU D 116 -31.07 5.26 -3.02
CA LEU D 116 -29.96 5.89 -3.73
C LEU D 116 -29.87 5.37 -5.15
N LEU D 117 -29.97 4.07 -5.33
CA LEU D 117 -29.74 3.53 -6.69
C LEU D 117 -30.96 3.77 -7.54
N ALA D 118 -32.14 3.72 -6.95
CA ALA D 118 -33.31 4.03 -7.80
C ALA D 118 -33.30 5.49 -8.17
N SER D 119 -32.93 6.35 -7.22
CA SER D 119 -32.92 7.80 -7.49
C SER D 119 -31.86 8.13 -8.56
N LEU D 120 -30.69 7.54 -8.44
CA LEU D 120 -29.66 7.78 -9.46
C LEU D 120 -30.19 7.44 -10.85
N ASP D 121 -30.80 6.23 -11.00
CA ASP D 121 -31.39 5.86 -12.29
C ASP D 121 -32.40 6.93 -12.76
N GLN D 122 -33.23 7.43 -11.84
CA GLN D 122 -34.22 8.46 -12.22
C GLN D 122 -33.49 9.71 -12.70
N SER D 123 -32.48 10.16 -11.98
CA SER D 123 -31.74 11.38 -12.34
C SER D 123 -31.09 11.23 -13.75
N LEU D 124 -30.45 10.09 -14.02
CA LEU D 124 -29.83 9.84 -15.32
C LEU D 124 -30.87 9.95 -16.45
N LYS D 125 -32.04 9.35 -16.22
CA LYS D 125 -33.12 9.39 -17.20
C LYS D 125 -33.59 10.83 -17.40
N ARG D 126 -33.82 11.56 -16.32
CA ARG D 126 -34.25 12.99 -16.46
C ARG D 126 -33.25 13.82 -17.22
N MET D 127 -31.97 13.64 -16.92
CA MET D 127 -30.92 14.48 -17.49
C MET D 127 -30.51 13.95 -18.86
N GLY D 128 -30.95 12.72 -19.20
CA GLY D 128 -30.55 12.11 -20.48
C GLY D 128 -29.03 11.84 -20.53
N LEU D 129 -28.44 11.45 -19.40
CA LEU D 129 -27.00 11.19 -19.34
C LEU D 129 -26.74 9.70 -19.11
N GLU D 130 -25.62 9.19 -19.63
CA GLU D 130 -25.16 7.85 -19.29
C GLU D 130 -24.60 7.77 -17.87
N TYR D 131 -23.96 8.85 -17.43
CA TYR D 131 -23.47 8.90 -16.06
C TYR D 131 -23.36 10.32 -15.59
N VAL D 132 -23.23 10.49 -14.28
CA VAL D 132 -22.91 11.81 -13.75
C VAL D 132 -21.41 11.77 -13.42
N ASP D 133 -20.77 12.93 -13.39
CA ASP D 133 -19.37 12.96 -12.94
C ASP D 133 -19.26 12.77 -11.42
N ILE D 134 -20.23 13.28 -10.64
CA ILE D 134 -20.17 13.09 -9.18
C ILE D 134 -21.56 12.74 -8.70
N PHE D 135 -21.69 11.63 -7.95
CA PHE D 135 -22.97 11.29 -7.27
C PHE D 135 -22.75 11.49 -5.78
N TYR D 136 -23.66 12.21 -5.13
CA TYR D 136 -23.56 12.43 -3.67
C TYR D 136 -24.60 11.68 -2.91
N SER D 137 -24.22 11.22 -1.73
CA SER D 137 -25.20 11.15 -0.65
C SER D 137 -25.50 12.59 -0.11
N HIS D 138 -26.75 13.01 -0.18
CA HIS D 138 -27.10 14.43 0.03
C HIS D 138 -27.11 14.85 1.53
N ARG D 139 -27.32 13.89 2.44
CA ARG D 139 -27.41 14.19 3.88
CA ARG D 139 -27.37 14.20 3.88
C ARG D 139 -27.20 12.91 4.65
N VAL D 140 -27.03 13.03 5.96
CA VAL D 140 -26.76 11.85 6.82
C VAL D 140 -28.11 11.19 7.08
N ASP D 141 -28.15 9.86 6.99
CA ASP D 141 -29.31 9.07 7.42
C ASP D 141 -28.85 8.25 8.63
N GLU D 142 -29.22 8.72 9.83
CA GLU D 142 -28.86 7.99 11.07
C GLU D 142 -29.51 6.59 11.13
N ASN D 143 -30.55 6.36 10.33
CA ASN D 143 -31.19 5.02 10.30
C ASN D 143 -30.71 4.01 9.24
N THR D 144 -29.83 4.44 8.35
CA THR D 144 -29.19 3.50 7.47
C THR D 144 -27.74 3.36 7.90
N PRO D 145 -27.22 2.13 8.00
CA PRO D 145 -25.81 1.97 8.35
C PRO D 145 -24.98 2.59 7.22
N MET D 146 -23.90 3.28 7.55
CA MET D 146 -23.10 3.92 6.52
C MET D 146 -22.50 2.89 5.56
N GLU D 147 -22.31 1.66 6.03
CA GLU D 147 -21.85 0.61 5.13
C GLU D 147 -22.82 0.47 3.95
N GLU D 148 -24.12 0.66 4.20
CA GLU D 148 -25.10 0.41 3.12
C GLU D 148 -25.02 1.56 2.11
N THR D 149 -25.07 2.77 2.64
CA THR D 149 -24.85 3.95 1.83
C THR D 149 -23.55 3.91 1.02
N ALA D 150 -22.43 3.60 1.67
CA ALA D 150 -21.14 3.49 0.95
C ALA D 150 -21.15 2.48 -0.16
N SER D 151 -21.79 1.34 0.07
CA SER D 151 -21.76 0.26 -0.89
C SER D 151 -22.65 0.66 -2.07
N ALA D 152 -23.69 1.46 -1.80
CA ALA D 152 -24.50 2.00 -2.92
C ALA D 152 -23.69 3.00 -3.73
N LEU D 153 -23.00 3.95 -3.07
CA LEU D 153 -22.08 4.88 -3.81
C LEU D 153 -21.10 4.03 -4.63
N ALA D 154 -20.52 3.01 -3.99
CA ALA D 154 -19.59 2.11 -4.71
C ALA D 154 -20.17 1.43 -5.93
N HIS D 155 -21.40 0.94 -5.82
CA HIS D 155 -22.04 0.33 -6.96
C HIS D 155 -22.22 1.30 -8.14
N ALA D 156 -22.51 2.56 -7.82
CA ALA D 156 -22.76 3.59 -8.86
C ALA D 156 -21.45 3.79 -9.64
N VAL D 157 -20.30 3.73 -8.95
CA VAL D 157 -18.99 3.88 -9.61
C VAL D 157 -18.64 2.61 -10.40
N GLN D 158 -18.79 1.46 -9.77
CA GLN D 158 -18.50 0.17 -10.42
C GLN D 158 -19.31 -0.06 -11.67
N SER D 159 -20.57 0.38 -11.64
CA SER D 159 -21.46 0.12 -12.75
C SER D 159 -21.34 1.17 -13.86
N GLY D 160 -20.47 2.16 -13.67
CA GLY D 160 -20.23 3.25 -14.63
C GLY D 160 -21.30 4.33 -14.67
N LYS D 161 -22.13 4.42 -13.62
CA LYS D 161 -23.16 5.47 -13.58
C LYS D 161 -22.70 6.76 -12.90
N ALA D 162 -21.54 6.69 -12.22
CA ALA D 162 -20.93 7.86 -11.60
C ALA D 162 -19.39 7.72 -11.71
N LEU D 163 -18.68 8.78 -12.13
CA LEU D 163 -17.23 8.69 -12.19
C LEU D 163 -16.69 8.77 -10.78
N TYR D 164 -17.26 9.67 -9.96
CA TYR D 164 -16.75 9.95 -8.62
C TYR D 164 -17.93 10.06 -7.66
N VAL D 165 -17.63 9.93 -6.37
CA VAL D 165 -18.68 10.12 -5.36
C VAL D 165 -18.34 11.19 -4.32
N GLY D 166 -19.38 11.79 -3.76
CA GLY D 166 -19.27 12.85 -2.78
C GLY D 166 -20.25 12.66 -1.62
N ILE D 167 -20.07 13.40 -0.54
CA ILE D 167 -21.10 13.46 0.50
C ILE D 167 -21.40 14.92 0.85
N SER D 168 -22.54 15.14 1.50
CA SER D 168 -22.97 16.48 1.79
C SER D 168 -23.51 16.50 3.22
N SER D 169 -23.01 17.47 4.00
CA SER D 169 -23.47 17.74 5.38
C SER D 169 -23.23 16.58 6.37
N TYR D 170 -22.13 15.91 6.18
CA TYR D 170 -21.67 14.86 7.10
C TYR D 170 -20.71 15.51 8.14
N SER D 171 -20.88 15.17 9.42
CA SER D 171 -19.93 15.56 10.46
C SER D 171 -18.52 15.07 10.15
N PRO D 172 -17.52 15.57 10.89
CA PRO D 172 -16.16 15.12 10.64
C PRO D 172 -16.03 13.63 10.91
N GLU D 173 -16.68 13.16 11.98
CA GLU D 173 -16.56 11.75 12.37
C GLU D 173 -17.22 10.85 11.32
N ARG D 174 -18.41 11.24 10.85
CA ARG D 174 -19.06 10.45 9.82
C ARG D 174 -18.35 10.55 8.45
N THR D 175 -17.75 11.69 8.15
CA THR D 175 -16.90 11.82 6.96
C THR D 175 -15.76 10.86 6.99
N GLN D 176 -15.08 10.81 8.13
CA GLN D 176 -13.99 9.89 8.32
C GLN D 176 -14.42 8.44 8.06
N LYS D 177 -15.58 8.05 8.57
CA LYS D 177 -16.07 6.70 8.43
C LYS D 177 -16.41 6.39 6.95
N MET D 178 -16.96 7.38 6.25
CA MET D 178 -17.28 7.19 4.81
C MET D 178 -16.02 7.00 3.97
N VAL D 179 -14.97 7.72 4.33
CA VAL D 179 -13.69 7.62 3.62
C VAL D 179 -13.16 6.21 3.79
N GLU D 180 -13.21 5.71 5.04
CA GLU D 180 -12.72 4.36 5.29
C GLU D 180 -13.54 3.27 4.59
N LEU D 181 -14.86 3.43 4.62
CA LEU D 181 -15.73 2.45 3.97
C LEU D 181 -15.51 2.45 2.45
N LEU D 182 -15.44 3.65 1.86
CA LEU D 182 -15.13 3.70 0.43
C LEU D 182 -13.78 3.12 0.06
N ARG D 183 -12.78 3.33 0.91
CA ARG D 183 -11.46 2.75 0.70
C ARG D 183 -11.50 1.21 0.67
N GLU D 184 -12.50 0.61 1.32
CA GLU D 184 -12.65 -0.85 1.23
C GLU D 184 -13.00 -1.28 -0.19
N TRP D 185 -13.63 -0.39 -0.96
CA TRP D 185 -13.99 -0.69 -2.34
C TRP D 185 -12.96 -0.12 -3.30
N LYS D 186 -11.86 0.38 -2.74
CA LYS D 186 -10.81 1.05 -3.48
C LYS D 186 -11.33 2.28 -4.22
N ILE D 187 -12.25 3.02 -3.59
CA ILE D 187 -12.73 4.31 -4.11
C ILE D 187 -12.38 5.42 -3.13
N PRO D 188 -11.67 6.46 -3.60
CA PRO D 188 -11.46 7.63 -2.76
C PRO D 188 -12.68 8.51 -2.74
N LEU D 189 -13.12 8.91 -1.56
CA LEU D 189 -14.15 9.97 -1.47
C LEU D 189 -13.61 11.26 -2.15
N LEU D 190 -14.32 11.75 -3.15
CA LEU D 190 -13.82 12.94 -3.87
C LEU D 190 -14.00 14.24 -3.12
N ILE D 191 -15.18 14.43 -2.55
CA ILE D 191 -15.61 15.77 -2.26
C ILE D 191 -16.68 15.75 -1.18
N HIS D 192 -16.62 16.77 -0.33
CA HIS D 192 -17.65 17.04 0.68
C HIS D 192 -18.31 18.39 0.33
N GLN D 193 -19.65 18.45 0.39
CA GLN D 193 -20.37 19.73 0.18
C GLN D 193 -21.09 20.16 1.48
N PRO D 194 -20.47 21.07 2.25
CA PRO D 194 -21.10 21.64 3.47
C PRO D 194 -21.71 23.02 3.17
N SER D 195 -22.70 23.45 3.97
CA SER D 195 -23.02 24.91 4.01
C SER D 195 -21.88 25.60 4.69
N TYR D 196 -21.39 26.70 4.09
CA TYR D 196 -20.20 27.36 4.59
C TYR D 196 -20.15 28.76 4.02
N ASN D 197 -20.14 29.75 4.91
CA ASN D 197 -20.05 31.13 4.52
C ASN D 197 -19.63 31.95 5.77
N LEU D 198 -19.56 33.26 5.60
CA LEU D 198 -19.16 34.16 6.67
C LEU D 198 -19.93 33.96 7.96
N LEU D 199 -21.19 33.60 7.83
CA LEU D 199 -22.13 33.61 8.94
C LEU D 199 -22.30 32.21 9.52
N ASN D 200 -21.80 31.20 8.81
CA ASN D 200 -22.01 29.80 9.21
C ASN D 200 -20.67 29.08 9.15
N ARG D 201 -20.03 28.95 10.30
CA ARG D 201 -18.64 28.51 10.38
C ARG D 201 -18.53 27.12 10.97
N TRP D 202 -19.62 26.37 11.01
CA TRP D 202 -19.55 25.03 11.55
C TRP D 202 -18.40 24.22 10.96
N VAL D 203 -18.10 24.38 9.66
CA VAL D 203 -17.01 23.54 9.10
C VAL D 203 -15.66 23.84 9.71
N ASP D 204 -15.39 25.09 10.07
CA ASP D 204 -14.11 25.37 10.72
CA ASP D 204 -14.11 25.35 10.71
C ASP D 204 -14.14 24.98 12.19
N LYS D 205 -15.17 25.42 12.91
CA LYS D 205 -15.36 25.04 14.33
C LYS D 205 -15.30 23.54 14.59
N SER D 206 -16.02 22.74 13.79
CA SER D 206 -16.15 21.29 14.00
C SER D 206 -14.84 20.59 13.68
N GLY D 207 -13.92 21.30 13.01
CA GLY D 207 -12.70 20.69 12.45
C GLY D 207 -12.92 19.85 11.17
N LEU D 208 -14.00 20.10 10.44
CA LEU D 208 -14.26 19.36 9.20
C LEU D 208 -13.15 19.62 8.19
N LEU D 209 -12.78 20.87 8.01
CA LEU D 209 -11.70 21.17 7.08
C LEU D 209 -10.40 20.40 7.33
N ASP D 210 -10.07 20.16 8.59
CA ASP D 210 -8.91 19.31 8.91
C ASP D 210 -9.09 17.84 8.44
N THR D 211 -10.27 17.27 8.70
CA THR D 211 -10.59 15.89 8.30
C THR D 211 -10.48 15.78 6.76
N LEU D 212 -10.99 16.78 6.06
CA LEU D 212 -10.97 16.75 4.59
C LEU D 212 -9.54 16.81 4.07
N GLN D 213 -8.72 17.71 4.61
CA GLN D 213 -7.33 17.84 4.12
C GLN D 213 -6.56 16.57 4.48
N ASN D 214 -6.84 16.03 5.66
CA ASN D 214 -6.09 14.87 6.12
C ASN D 214 -6.40 13.63 5.26
N ASN D 215 -7.56 13.63 4.62
CA ASN D 215 -7.99 12.48 3.82
C ASN D 215 -7.97 12.78 2.31
N GLY D 216 -7.48 13.98 1.96
CA GLY D 216 -7.43 14.43 0.56
C GLY D 216 -8.76 14.59 -0.12
N VAL D 217 -9.77 15.03 0.63
CA VAL D 217 -11.13 15.21 0.11
C VAL D 217 -11.35 16.70 -0.17
N GLY D 218 -11.94 17.02 -1.32
CA GLY D 218 -12.27 18.42 -1.59
C GLY D 218 -13.44 18.98 -0.82
N CYS D 219 -13.65 20.30 -0.94
CA CYS D 219 -14.69 20.95 -0.20
C CYS D 219 -15.35 21.99 -1.09
N ILE D 220 -16.66 21.88 -1.34
CA ILE D 220 -17.36 22.89 -2.16
C ILE D 220 -18.44 23.54 -1.28
N ALA D 221 -18.35 24.86 -1.11
CA ALA D 221 -19.21 25.59 -0.18
C ALA D 221 -20.58 25.81 -0.81
N PHE D 222 -21.62 25.30 -0.13
CA PHE D 222 -23.02 25.53 -0.50
C PHE D 222 -23.53 26.80 0.25
N THR D 223 -24.42 27.58 -0.36
CA THR D 223 -24.87 28.90 0.21
C THR D 223 -23.72 29.78 0.66
N PRO D 224 -22.72 29.97 -0.23
CA PRO D 224 -21.64 30.87 0.17
C PRO D 224 -22.11 32.31 0.42
N LEU D 225 -23.28 32.68 -0.11
CA LEU D 225 -23.78 34.07 0.03
C LEU D 225 -24.89 34.11 1.07
N ALA D 226 -24.97 33.04 1.85
CA ALA D 226 -25.98 32.90 2.95
C ALA D 226 -27.39 33.32 2.53
N GLN D 227 -27.81 32.83 1.37
CA GLN D 227 -29.12 33.13 0.80
C GLN D 227 -29.42 34.61 0.76
N GLY D 228 -28.52 35.42 0.20
CA GLY D 228 -28.78 36.85 0.05
C GLY D 228 -28.40 37.74 1.23
N LEU D 229 -28.22 37.16 2.42
CA LEU D 229 -27.67 37.97 3.51
C LEU D 229 -26.34 38.66 3.17
N LEU D 230 -25.44 37.95 2.47
CA LEU D 230 -24.10 38.49 2.17
C LEU D 230 -24.04 39.09 0.79
N THR D 231 -25.11 39.77 0.40
CA THR D 231 -25.19 40.55 -0.85
C THR D 231 -25.65 41.99 -0.54
N GLY D 232 -25.84 42.81 -1.58
CA GLY D 232 -26.51 44.12 -1.38
C GLY D 232 -27.93 44.04 -0.81
N LYS D 233 -28.52 42.84 -0.85
CA LYS D 233 -29.98 42.66 -0.88
C LYS D 233 -30.73 43.36 0.25
N TYR D 234 -30.26 43.16 1.48
CA TYR D 234 -30.99 43.68 2.64
C TYR D 234 -30.51 45.03 3.18
N LEU D 235 -29.52 45.63 2.51
CA LEU D 235 -28.97 46.95 2.89
C LEU D 235 -29.74 48.11 2.24
N LEU D 259 -32.48 41.24 9.35
CA LEU D 259 -33.69 41.07 10.16
C LEU D 259 -33.76 42.05 11.36
N THR D 260 -32.95 41.89 12.40
CA THR D 260 -32.87 42.91 13.47
C THR D 260 -32.04 44.13 13.09
N GLU D 261 -32.24 45.21 13.84
CA GLU D 261 -31.49 46.43 13.58
C GLU D 261 -29.98 46.19 13.84
N ALA D 262 -29.65 45.43 14.88
CA ALA D 262 -28.28 45.01 15.10
C ALA D 262 -27.71 44.14 13.96
N ASN D 263 -28.46 43.15 13.48
CA ASN D 263 -28.04 42.42 12.29
C ASN D 263 -27.68 43.37 11.15
N LEU D 264 -28.62 44.22 10.75
CA LEU D 264 -28.42 45.12 9.64
C LEU D 264 -27.27 46.11 9.85
N ASN D 265 -27.14 46.65 11.05
CA ASN D 265 -25.97 47.47 11.37
C ASN D 265 -24.63 46.74 11.07
N SER D 266 -24.46 45.52 11.58
CA SER D 266 -23.29 44.70 11.25
C SER D 266 -23.13 44.33 9.77
N LEU D 267 -24.24 44.05 9.07
CA LEU D 267 -24.19 43.87 7.62
C LEU D 267 -23.71 45.13 6.90
N ARG D 268 -24.11 46.30 7.39
CA ARG D 268 -23.66 47.56 6.80
C ARG D 268 -22.17 47.76 7.03
N LEU D 269 -21.71 47.45 8.24
CA LEU D 269 -20.27 47.53 8.53
C LEU D 269 -19.42 46.54 7.68
N LEU D 270 -19.91 45.32 7.52
CA LEU D 270 -19.26 44.43 6.56
C LEU D 270 -19.23 44.94 5.14
N ASN D 271 -20.32 45.57 4.69
CA ASN D 271 -20.36 46.14 3.34
C ASN D 271 -19.34 47.26 3.18
N GLU D 272 -19.13 47.99 4.27
CA GLU D 272 -18.11 49.05 4.26
C GLU D 272 -16.69 48.44 4.13
N MET D 273 -16.45 47.32 4.78
CA MET D 273 -15.15 46.65 4.63
C MET D 273 -14.97 46.17 3.20
N ALA D 274 -16.06 45.72 2.57
CA ALA D 274 -15.96 45.25 1.20
C ALA D 274 -15.64 46.46 0.30
N GLN D 275 -16.33 47.58 0.52
CA GLN D 275 -16.09 48.79 -0.27
C GLN D 275 -14.64 49.27 -0.14
N GLN D 276 -14.06 49.13 1.05
CA GLN D 276 -12.64 49.52 1.29
C GLN D 276 -11.74 48.68 0.39
N ARG D 277 -12.15 47.43 0.13
CA ARG D 277 -11.38 46.50 -0.72
C ARG D 277 -11.67 46.70 -2.21
N GLY D 278 -12.50 47.68 -2.57
CA GLY D 278 -12.99 47.76 -3.94
C GLY D 278 -13.90 46.59 -4.36
N GLN D 279 -14.56 45.96 -3.38
CA GLN D 279 -15.43 44.79 -3.65
C GLN D 279 -16.89 45.09 -3.30
N SER D 280 -17.82 44.40 -3.96
CA SER D 280 -19.19 44.27 -3.45
C SER D 280 -19.23 43.37 -2.23
N MET D 281 -20.29 43.48 -1.44
CA MET D 281 -20.46 42.56 -0.32
C MET D 281 -20.31 41.09 -0.80
N ALA D 282 -20.99 40.75 -1.90
CA ALA D 282 -21.00 39.36 -2.40
C ALA D 282 -19.59 38.94 -2.80
N GLN D 283 -18.90 39.84 -3.51
CA GLN D 283 -17.50 39.51 -3.89
C GLN D 283 -16.66 39.25 -2.68
N MET D 284 -16.77 40.06 -1.64
CA MET D 284 -15.91 39.86 -0.50
C MET D 284 -16.25 38.54 0.20
N ALA D 285 -17.55 38.21 0.30
CA ALA D 285 -17.99 36.94 0.93
C ALA D 285 -17.38 35.72 0.21
N LEU D 286 -17.38 35.76 -1.12
CA LEU D 286 -16.81 34.68 -1.95
C LEU D 286 -15.27 34.67 -1.83
N SER D 287 -14.63 35.85 -1.87
CA SER D 287 -13.18 35.94 -1.68
C SER D 287 -12.78 35.39 -0.34
N TRP D 288 -13.60 35.65 0.68
CA TRP D 288 -13.30 35.18 2.00
C TRP D 288 -13.23 33.66 2.08
N LEU D 289 -14.13 32.98 1.37
CA LEU D 289 -14.13 31.54 1.35
C LEU D 289 -12.95 31.01 0.54
N LEU D 290 -12.64 31.67 -0.56
CA LEU D 290 -11.54 31.25 -1.44
C LEU D 290 -10.14 31.72 -1.00
N LYS D 291 -10.04 32.30 0.19
CA LYS D 291 -8.76 32.56 0.82
C LYS D 291 -8.09 31.23 1.35
N ASP D 292 -8.88 30.25 1.84
CA ASP D 292 -8.31 28.95 2.29
C ASP D 292 -8.06 28.15 0.98
N ASP D 293 -6.88 27.54 0.80
CA ASP D 293 -6.83 26.58 -0.28
C ASP D 293 -7.54 25.26 0.09
N ARG D 294 -8.10 25.18 1.29
CA ARG D 294 -8.87 23.97 1.60
C ARG D 294 -10.31 24.03 1.10
N VAL D 295 -10.76 25.23 0.67
CA VAL D 295 -11.98 25.35 -0.12
C VAL D 295 -11.69 25.18 -1.62
N THR D 296 -12.31 24.16 -2.24
CA THR D 296 -12.04 23.87 -3.65
C THR D 296 -12.84 24.81 -4.50
N SER D 297 -14.08 25.10 -4.08
CA SER D 297 -14.98 25.88 -4.95
C SER D 297 -16.15 26.44 -4.12
N VAL D 298 -16.84 27.44 -4.66
CA VAL D 298 -18.01 28.00 -3.98
C VAL D 298 -19.17 27.92 -4.98
N LEU D 299 -20.31 27.43 -4.51
CA LEU D 299 -21.48 27.21 -5.37
C LEU D 299 -22.35 28.44 -5.46
N ILE D 300 -22.43 29.05 -6.64
CA ILE D 300 -23.18 30.27 -6.82
C ILE D 300 -24.54 29.89 -7.41
N GLY D 301 -25.60 30.26 -6.71
CA GLY D 301 -26.92 29.93 -7.17
C GLY D 301 -27.49 31.08 -7.96
N ALA D 302 -26.90 31.36 -9.11
CA ALA D 302 -27.22 32.58 -9.87
C ALA D 302 -28.59 32.57 -10.51
N SER D 303 -29.23 33.74 -10.53
CA SER D 303 -30.57 33.89 -11.07
C SER D 303 -30.63 34.72 -12.34
N ARG D 304 -29.53 35.36 -12.70
CA ARG D 304 -29.43 35.97 -14.03
C ARG D 304 -27.98 36.01 -14.43
N ALA D 305 -27.69 36.16 -15.72
CA ALA D 305 -26.30 36.04 -16.21
C ALA D 305 -25.36 37.10 -15.62
N GLU D 306 -25.86 38.33 -15.44
CA GLU D 306 -25.06 39.44 -14.84
C GLU D 306 -24.48 39.06 -13.47
N GLN D 307 -25.20 38.26 -12.69
CA GLN D 307 -24.68 37.90 -11.38
C GLN D 307 -23.39 37.12 -11.50
N LEU D 308 -23.33 36.22 -12.48
CA LEU D 308 -22.12 35.43 -12.63
C LEU D 308 -20.95 36.34 -12.97
N GLU D 309 -21.16 37.27 -13.91
CA GLU D 309 -20.11 38.21 -14.34
C GLU D 309 -19.58 38.96 -13.12
N GLU D 310 -20.48 39.42 -12.26
CA GLU D 310 -20.02 40.19 -11.09
C GLU D 310 -19.36 39.25 -10.06
N ASN D 311 -19.94 38.08 -9.78
CA ASN D 311 -19.36 37.20 -8.73
C ASN D 311 -17.94 36.70 -9.08
N VAL D 312 -17.70 36.29 -10.32
CA VAL D 312 -16.38 35.79 -10.67
C VAL D 312 -15.22 36.80 -10.43
N GLN D 313 -15.54 38.08 -10.44
CA GLN D 313 -14.48 39.08 -10.14
C GLN D 313 -13.95 38.99 -8.70
N ALA D 314 -14.64 38.22 -7.83
CA ALA D 314 -14.08 37.93 -6.49
C ALA D 314 -12.62 37.43 -6.59
N LEU D 315 -12.33 36.75 -7.68
CA LEU D 315 -11.02 36.12 -7.88
C LEU D 315 -9.90 37.16 -8.00
N ASN D 316 -10.27 38.39 -8.30
CA ASN D 316 -9.31 39.54 -8.30
C ASN D 316 -8.77 39.98 -6.96
N ASN D 317 -9.41 39.60 -5.87
CA ASN D 317 -8.87 39.95 -4.58
C ASN D 317 -9.17 38.87 -3.58
N LEU D 318 -8.19 37.99 -3.37
CA LEU D 318 -8.31 36.83 -2.48
C LEU D 318 -7.50 36.97 -1.19
N THR D 319 -6.88 38.12 -0.95
CA THR D 319 -6.13 38.30 0.29
C THR D 319 -6.80 39.24 1.25
N PHE D 320 -6.65 38.89 2.51
CA PHE D 320 -7.22 39.59 3.65
C PHE D 320 -6.07 39.73 4.66
N SER D 321 -6.03 40.87 5.34
CA SER D 321 -5.03 41.11 6.37
C SER D 321 -5.50 40.42 7.63
N THR D 322 -4.59 40.24 8.59
CA THR D 322 -4.99 39.82 9.92
C THR D 322 -6.06 40.75 10.52
N LYS D 323 -5.87 42.04 10.34
CA LYS D 323 -6.73 43.04 10.95
C LYS D 323 -8.15 42.87 10.34
N GLU D 324 -8.19 42.75 9.02
CA GLU D 324 -9.45 42.50 8.27
C GLU D 324 -10.21 41.29 8.75
N LEU D 325 -9.54 40.14 8.92
CA LEU D 325 -10.23 38.97 9.37
C LEU D 325 -10.75 39.17 10.77
N ALA D 326 -9.94 39.77 11.65
CA ALA D 326 -10.40 40.08 13.02
C ALA D 326 -11.62 41.02 13.02
N GLN D 327 -11.61 42.01 12.14
CA GLN D 327 -12.71 42.99 12.12
C GLN D 327 -13.98 42.38 11.59
N ILE D 328 -13.86 41.61 10.50
CA ILE D 328 -14.99 40.79 10.03
C ILE D 328 -15.58 39.99 11.18
N ASP D 329 -14.75 39.22 11.89
CA ASP D 329 -15.34 38.40 12.92
C ASP D 329 -15.98 39.24 14.02
N GLN D 330 -15.40 40.40 14.29
CA GLN D 330 -15.92 41.22 15.39
C GLN D 330 -17.29 41.80 15.03
N HIS D 331 -17.44 42.29 13.81
CA HIS D 331 -18.75 42.76 13.33
C HIS D 331 -19.80 41.64 13.33
N ILE D 332 -19.40 40.42 13.00
CA ILE D 332 -20.37 39.32 13.04
C ILE D 332 -20.88 39.02 14.47
N ALA D 333 -19.95 38.98 15.42
CA ALA D 333 -20.27 38.85 16.85
C ALA D 333 -21.17 40.01 17.35
N ASP D 334 -20.76 41.25 17.08
CA ASP D 334 -21.54 42.42 17.54
C ASP D 334 -22.98 42.38 17.09
N GLY D 335 -23.19 41.97 15.84
CA GLY D 335 -24.53 42.03 15.26
C GLY D 335 -25.28 40.75 15.50
N GLU D 336 -24.64 39.83 16.22
CA GLU D 336 -25.12 38.46 16.41
C GLU D 336 -25.56 37.76 15.11
N LEU D 337 -24.70 37.83 14.11
CA LEU D 337 -25.06 37.39 12.76
C LEU D 337 -24.82 35.89 12.58
N ASN D 338 -24.18 35.26 13.55
CA ASN D 338 -24.15 33.78 13.59
C ASN D 338 -25.52 33.11 13.71
N LEU D 339 -26.35 33.13 12.65
CA LEU D 339 -27.53 32.24 12.59
C LEU D 339 -27.20 30.88 11.96
N VAL E 2 17.13 14.11 52.47
CA VAL E 2 16.02 13.51 51.65
C VAL E 2 14.86 14.51 51.64
N TRP E 3 14.33 14.78 50.45
CA TRP E 3 13.31 15.80 50.28
C TRP E 3 12.12 15.11 49.64
N LEU E 4 10.98 15.24 50.29
CA LEU E 4 9.75 14.63 49.85
C LEU E 4 8.88 15.77 49.32
N ALA E 5 8.46 15.69 48.05
CA ALA E 5 7.65 16.77 47.48
C ALA E 5 6.23 16.74 48.09
N ASN E 6 5.56 17.89 48.06
CA ASN E 6 4.19 18.01 48.60
C ASN E 6 3.27 16.96 47.95
N PRO E 7 2.67 16.04 48.77
CA PRO E 7 1.80 15.02 48.18
C PRO E 7 0.58 15.61 47.47
N GLU E 8 0.25 16.87 47.76
CA GLU E 8 -0.95 17.48 47.17
C GLU E 8 -0.58 18.34 45.99
N ARG E 9 0.67 18.24 45.52
CA ARG E 9 1.16 19.18 44.50
C ARG E 9 0.30 19.22 43.24
N TYR E 10 -0.36 18.13 42.89
CA TYR E 10 -1.12 18.14 41.65
C TYR E 10 -2.60 18.50 41.84
N GLY E 11 -2.96 18.82 43.09
CA GLY E 11 -4.36 18.93 43.51
C GLY E 11 -5.02 20.23 43.10
N GLN E 12 -4.24 21.29 42.93
CA GLN E 12 -4.78 22.61 42.71
C GLN E 12 -4.41 23.20 41.36
N MET E 13 -3.24 22.83 40.81
CA MET E 13 -2.69 23.58 39.67
C MET E 13 -3.51 23.20 38.45
N GLN E 14 -3.67 24.12 37.50
CA GLN E 14 -4.39 23.78 36.26
C GLN E 14 -3.40 23.47 35.12
N TYR E 15 -3.67 22.39 34.38
CA TYR E 15 -2.81 21.94 33.27
C TYR E 15 -3.58 22.16 31.98
N ARG E 16 -2.89 22.68 30.95
CA ARG E 16 -3.45 22.85 29.60
C ARG E 16 -2.70 22.00 28.59
N TYR E 17 -3.41 21.30 27.71
CA TYR E 17 -2.79 20.65 26.55
C TYR E 17 -2.06 21.62 25.67
N CYS E 18 -0.87 21.23 25.23
CA CYS E 18 -0.04 22.10 24.42
C CYS E 18 -0.40 21.95 22.95
N GLY E 19 -1.12 22.92 22.39
CA GLY E 19 -1.57 22.86 21.00
C GLY E 19 -2.42 21.62 20.83
N LYS E 20 -2.17 20.85 19.77
CA LYS E 20 -2.96 19.63 19.50
C LYS E 20 -2.29 18.40 20.10
N SER E 21 -1.16 18.59 20.81
CA SER E 21 -0.38 17.45 21.35
C SER E 21 -1.03 16.84 22.58
N GLY E 22 -0.46 15.73 23.05
CA GLY E 22 -0.92 15.12 24.30
C GLY E 22 -0.17 15.61 25.53
N LEU E 23 0.67 16.63 25.34
CA LEU E 23 1.53 17.08 26.46
C LEU E 23 0.82 18.18 27.20
N ARG E 24 0.64 18.00 28.50
CA ARG E 24 0.02 19.03 29.36
C ARG E 24 1.02 19.86 30.15
N LEU E 25 1.03 21.17 29.91
CA LEU E 25 1.82 22.08 30.71
C LEU E 25 1.01 22.68 31.86
N PRO E 26 1.68 22.99 32.99
CA PRO E 26 1.06 23.79 34.06
C PRO E 26 0.75 25.15 33.49
N ALA E 27 -0.38 25.77 33.87
CA ALA E 27 -0.77 27.06 33.31
C ALA E 27 0.23 28.13 33.72
N LEU E 28 0.94 27.91 34.82
CA LEU E 28 2.14 28.73 35.08
C LEU E 28 3.39 27.84 35.10
N SER E 29 4.45 28.28 34.40
CA SER E 29 5.74 27.53 34.33
C SER E 29 6.82 28.38 34.96
N LEU E 30 7.94 27.77 35.36
CA LEU E 30 9.06 28.54 35.91
C LEU E 30 10.15 28.72 34.87
N GLY E 31 10.45 29.98 34.54
CA GLY E 31 11.61 30.33 33.70
C GLY E 31 12.85 30.64 34.55
N LEU E 32 14.04 30.33 34.01
CA LEU E 32 15.29 30.47 34.77
C LEU E 32 16.20 31.50 34.13
N TRP E 33 15.57 32.43 33.40
CA TRP E 33 16.27 33.53 32.77
C TRP E 33 17.17 34.26 33.74
N HIS E 34 16.62 34.67 34.88
CA HIS E 34 17.42 35.20 36.00
C HIS E 34 17.33 34.41 37.30
N ASN E 35 18.21 34.71 38.26
CA ASN E 35 18.13 34.16 39.64
C ASN E 35 18.80 32.77 39.77
N PHE E 36 19.28 32.19 38.68
CA PHE E 36 19.89 30.88 38.75
C PHE E 36 21.32 30.84 38.24
N GLY E 37 21.98 31.99 38.27
CA GLY E 37 23.36 32.10 37.84
C GLY E 37 24.34 31.74 38.94
N HIS E 38 25.61 31.77 38.61
CA HIS E 38 26.68 31.68 39.63
C HIS E 38 26.71 32.90 40.55
N VAL E 39 26.07 34.00 40.15
CA VAL E 39 25.97 35.20 40.98
C VAL E 39 24.83 35.12 42.01
N ASN E 40 24.08 34.02 41.97
CA ASN E 40 22.95 33.76 42.86
C ASN E 40 23.26 32.58 43.77
N ALA E 41 23.16 32.78 45.08
CA ALA E 41 23.30 31.65 46.03
C ALA E 41 22.44 30.44 45.70
N LEU E 42 23.02 29.24 45.79
CA LEU E 42 22.27 28.04 45.40
C LEU E 42 21.11 27.78 46.38
N GLU E 43 21.27 28.13 47.65
CA GLU E 43 20.15 27.92 48.61
C GLU E 43 18.89 28.68 48.17
N SER E 44 19.06 29.88 47.61
CA SER E 44 17.92 30.64 47.07
C SER E 44 17.25 29.92 45.93
N GLN E 45 18.07 29.50 44.97
CA GLN E 45 17.62 28.69 43.83
C GLN E 45 16.89 27.43 44.31
N ARG E 46 17.44 26.75 45.30
CA ARG E 46 16.81 25.52 45.78
C ARG E 46 15.39 25.78 46.28
N ALA E 47 15.22 26.83 47.08
CA ALA E 47 13.89 27.12 47.65
C ALA E 47 12.87 27.42 46.55
N ILE E 48 13.33 28.05 45.45
CA ILE E 48 12.44 28.40 44.34
C ILE E 48 11.98 27.16 43.59
N LEU E 49 12.90 26.24 43.30
CA LEU E 49 12.53 25.04 42.56
C LEU E 49 11.62 24.11 43.35
N ARG E 50 11.91 23.99 44.64
CA ARG E 50 11.13 23.09 45.51
C ARG E 50 9.70 23.64 45.64
N LYS E 51 9.62 24.96 45.74
CA LYS E 51 8.33 25.63 45.90
C LYS E 51 7.53 25.46 44.63
N ALA E 52 8.18 25.67 43.49
CA ALA E 52 7.55 25.47 42.19
C ALA E 52 6.93 24.10 42.04
N PHE E 53 7.73 23.06 42.27
CA PHE E 53 7.21 21.71 42.11
C PHE E 53 6.09 21.42 43.14
N ASP E 54 6.21 22.00 44.34
CA ASP E 54 5.25 21.78 45.46
C ASP E 54 3.90 22.41 45.09
N LEU E 55 3.94 23.36 44.16
CA LEU E 55 2.74 24.04 43.68
C LEU E 55 2.17 23.40 42.43
N GLY E 56 2.82 22.33 41.94
CA GLY E 56 2.40 21.62 40.73
C GLY E 56 2.97 22.18 39.46
N ILE E 57 3.90 23.13 39.60
CA ILE E 57 4.63 23.63 38.42
C ILE E 57 5.68 22.57 38.03
N THR E 58 5.45 21.94 36.89
CA THR E 58 6.23 20.78 36.42
C THR E 58 7.12 21.18 35.23
N HIS E 59 7.00 22.42 34.75
CA HIS E 59 7.79 22.88 33.61
C HIS E 59 8.79 23.94 34.00
N PHE E 60 10.05 23.64 33.67
CA PHE E 60 11.18 24.49 34.00
C PHE E 60 11.88 24.85 32.73
N ASP E 61 11.95 26.13 32.44
CA ASP E 61 12.37 26.60 31.13
C ASP E 61 13.75 27.27 31.21
N LEU E 62 14.71 26.65 30.54
CA LEU E 62 16.12 27.15 30.53
C LEU E 62 16.50 27.58 29.11
N ALA E 63 17.74 28.02 28.94
CA ALA E 63 18.36 28.26 27.61
C ALA E 63 19.84 28.15 27.86
N ASN E 64 20.61 27.86 26.80
CA ASN E 64 22.05 27.77 26.97
C ASN E 64 22.70 28.94 27.70
N ASN E 65 22.27 30.16 27.38
CA ASN E 65 22.99 31.31 27.90
C ASN E 65 22.41 31.91 29.14
N TYR E 66 21.51 31.19 29.79
CA TYR E 66 20.92 31.71 31.05
C TYR E 66 21.98 31.72 32.17
N GLY E 67 22.02 32.81 32.95
CA GLY E 67 22.93 32.92 34.08
C GLY E 67 22.71 34.18 34.86
N PRO E 68 23.74 35.05 34.99
CA PRO E 68 25.06 34.87 34.36
C PRO E 68 26.02 34.15 35.28
N PRO E 69 27.16 33.65 34.73
CA PRO E 69 27.55 33.69 33.30
C PRO E 69 26.79 32.66 32.46
N PRO E 70 26.90 32.72 31.12
CA PRO E 70 26.14 31.77 30.29
C PRO E 70 26.44 30.35 30.69
N GLY E 71 25.38 29.55 30.73
CA GLY E 71 25.45 28.13 31.00
C GLY E 71 25.29 27.83 32.47
N SER E 72 25.43 28.84 33.32
CA SER E 72 25.46 28.53 34.74
C SER E 72 24.08 28.20 35.29
N ALA E 73 22.99 28.72 34.69
CA ALA E 73 21.66 28.29 35.17
C ALA E 73 21.43 26.79 34.92
N GLU E 74 21.82 26.33 33.74
CA GLU E 74 21.79 24.91 33.40
C GLU E 74 22.63 24.06 34.37
N GLU E 75 23.87 24.49 34.60
CA GLU E 75 24.70 23.82 35.64
C GLU E 75 24.06 23.74 37.04
N ASN E 76 23.56 24.88 37.50
CA ASN E 76 22.94 24.93 38.83
C ASN E 76 21.70 24.07 38.87
N PHE E 77 20.90 24.13 37.81
CA PHE E 77 19.67 23.37 37.80
C PHE E 77 20.05 21.90 37.77
N GLY E 78 21.09 21.54 37.00
CA GLY E 78 21.52 20.14 36.97
C GLY E 78 21.93 19.62 38.36
N ARG E 79 22.64 20.46 39.12
CA ARG E 79 23.03 20.16 40.50
CA ARG E 79 23.02 20.14 40.48
C ARG E 79 21.81 19.93 41.37
N LEU E 80 20.88 20.86 41.31
CA LEU E 80 19.67 20.71 42.14
C LEU E 80 18.81 19.55 41.68
N LEU E 81 18.76 19.27 40.38
CA LEU E 81 18.09 18.05 39.89
C LEU E 81 18.63 16.78 40.53
N ARG E 82 19.96 16.63 40.52
CA ARG E 82 20.63 15.50 41.17
C ARG E 82 20.33 15.45 42.68
N GLU E 83 20.36 16.59 43.36
CA GLU E 83 20.26 16.61 44.83
C GLU E 83 18.81 16.37 45.26
N ASP E 84 17.86 17.01 44.59
CA ASP E 84 16.51 17.15 45.14
C ASP E 84 15.44 16.45 44.33
N PHE E 85 15.72 16.22 43.05
CA PHE E 85 14.72 15.77 42.13
C PHE E 85 15.08 14.47 41.44
N ALA E 86 15.94 13.66 42.06
CA ALA E 86 16.36 12.43 41.34
C ALA E 86 15.20 11.43 41.17
N ALA E 87 14.19 11.47 42.04
CA ALA E 87 13.08 10.52 41.92
C ALA E 87 11.95 11.13 41.07
N TYR E 88 12.15 12.37 40.64
CA TYR E 88 11.05 13.12 40.04
C TYR E 88 11.30 13.56 38.61
N ARG E 89 12.42 13.16 37.97
CA ARG E 89 12.69 13.73 36.65
C ARG E 89 11.57 13.42 35.64
N ASP E 90 10.99 12.23 35.74
CA ASP E 90 9.95 11.84 34.78
C ASP E 90 8.62 12.57 34.98
N GLU E 91 8.54 13.39 36.02
CA GLU E 91 7.38 14.27 36.35
C GLU E 91 7.67 15.71 35.89
N LEU E 92 8.84 15.94 35.27
CA LEU E 92 9.25 17.32 34.95
C LEU E 92 9.33 17.47 33.45
N ILE E 93 8.98 18.65 32.96
CA ILE E 93 9.23 19.00 31.55
C ILE E 93 10.33 20.04 31.57
N ILE E 94 11.47 19.68 31.02
CA ILE E 94 12.61 20.58 31.07
C ILE E 94 12.92 21.02 29.64
N SER E 95 13.06 22.32 29.41
CA SER E 95 13.45 22.77 28.08
C SER E 95 14.83 23.40 28.07
N THR E 96 15.49 23.36 26.92
CA THR E 96 16.52 24.34 26.63
C THR E 96 16.50 24.85 25.19
N LYS E 97 17.46 25.71 24.83
CA LYS E 97 17.41 26.49 23.60
C LYS E 97 18.79 26.81 23.10
N ALA E 98 18.90 27.10 21.79
CA ALA E 98 20.11 27.71 21.26
C ALA E 98 19.66 28.71 20.20
N GLY E 99 20.34 29.84 20.12
CA GLY E 99 20.06 30.82 19.07
C GLY E 99 20.79 32.12 19.30
N TYR E 100 20.87 32.53 20.57
CA TYR E 100 21.50 33.82 20.95
C TYR E 100 23.00 33.57 21.14
N ASP E 101 23.75 34.64 21.43
CA ASP E 101 25.19 34.52 21.64
C ASP E 101 25.42 33.62 22.86
N MET E 102 26.26 32.60 22.69
CA MET E 102 26.55 31.66 23.78
C MET E 102 28.04 31.60 24.01
N TRP E 103 28.79 31.30 22.96
CA TRP E 103 30.27 31.24 23.03
C TRP E 103 30.87 32.02 21.85
N PRO E 104 32.16 32.39 21.94
CA PRO E 104 32.81 33.30 20.96
C PRO E 104 32.85 32.69 19.58
N GLY E 105 32.77 33.53 18.54
CA GLY E 105 33.16 33.03 17.23
C GLY E 105 31.93 32.65 16.41
N PRO E 106 32.14 32.23 15.15
CA PRO E 106 31.03 32.12 14.20
C PRO E 106 30.11 30.92 14.42
N TYR E 107 30.47 30.03 15.34
CA TYR E 107 29.60 28.86 15.64
C TYR E 107 28.89 28.96 17.01
N GLY E 108 28.96 30.11 17.67
CA GLY E 108 28.46 30.20 19.04
C GLY E 108 27.21 31.04 19.10
N SER E 109 26.61 31.29 17.92
CA SER E 109 25.36 32.03 17.84
C SER E 109 24.63 31.59 16.57
N GLY E 110 23.33 31.81 16.51
CA GLY E 110 22.56 31.71 15.25
C GLY E 110 21.77 30.40 15.08
N GLY E 111 21.61 29.94 13.85
CA GLY E 111 20.73 28.80 13.63
C GLY E 111 21.35 27.62 12.94
N SER E 112 22.68 27.55 12.85
CA SER E 112 23.35 26.51 12.06
C SER E 112 23.23 25.13 12.73
N ARG E 113 23.31 24.09 11.93
CA ARG E 113 23.33 22.72 12.48
C ARG E 113 24.53 22.60 13.47
N LYS E 114 25.69 23.09 13.08
CA LYS E 114 26.89 23.13 13.96
C LYS E 114 26.56 23.68 15.32
N TYR E 115 26.02 24.92 15.37
CA TYR E 115 25.80 25.53 16.64
C TYR E 115 24.70 24.79 17.41
N LEU E 116 23.60 24.48 16.74
CA LEU E 116 22.48 23.94 17.50
C LEU E 116 22.87 22.56 18.10
N LEU E 117 23.53 21.73 17.32
CA LEU E 117 23.75 20.34 17.83
C LEU E 117 24.92 20.38 18.82
N ALA E 118 25.90 21.22 18.57
CA ALA E 118 26.98 21.35 19.56
C ALA E 118 26.44 21.88 20.85
N SER E 119 25.56 22.88 20.76
CA SER E 119 25.01 23.48 21.94
C SER E 119 24.12 22.55 22.76
N LEU E 120 23.22 21.82 22.08
CA LEU E 120 22.40 20.83 22.78
C LEU E 120 23.32 19.88 23.57
N ASP E 121 24.35 19.35 22.92
CA ASP E 121 25.30 18.47 23.67
C ASP E 121 25.83 19.15 24.91
N GLN E 122 26.28 20.42 24.78
CA GLN E 122 26.81 21.16 25.95
C GLN E 122 25.73 21.29 27.01
N SER E 123 24.52 21.66 26.59
CA SER E 123 23.42 21.77 27.57
C SER E 123 23.14 20.45 28.34
N LEU E 124 23.10 19.34 27.61
CA LEU E 124 22.78 18.07 28.24
C LEU E 124 23.90 17.70 29.24
N LYS E 125 25.14 18.00 28.85
CA LYS E 125 26.25 17.80 29.78
C LYS E 125 26.19 18.67 31.02
N ARG E 126 25.87 19.97 30.86
CA ARG E 126 25.81 20.85 32.02
C ARG E 126 24.68 20.38 32.95
N MET E 127 23.57 19.97 32.35
CA MET E 127 22.38 19.64 33.15
C MET E 127 22.42 18.21 33.68
N GLY E 128 23.34 17.39 33.18
CA GLY E 128 23.36 15.96 33.54
C GLY E 128 22.15 15.16 33.13
N LEU E 129 21.60 15.50 31.97
CA LEU E 129 20.45 14.86 31.40
C LEU E 129 20.79 14.04 30.18
N GLU E 130 20.06 12.93 30.01
CA GLU E 130 20.10 12.13 28.80
CA GLU E 130 20.18 12.19 28.78
C GLU E 130 19.40 12.87 27.65
N TYR E 131 18.31 13.56 27.99
CA TYR E 131 17.59 14.38 26.96
C TYR E 131 16.82 15.52 27.64
N VAL E 132 16.43 16.52 26.86
CA VAL E 132 15.49 17.54 27.35
C VAL E 132 14.10 17.17 26.78
N ASP E 133 13.05 17.59 27.46
CA ASP E 133 11.72 17.31 26.94
C ASP E 133 11.44 18.21 25.72
N ILE E 134 11.86 19.46 25.80
CA ILE E 134 11.74 20.43 24.66
C ILE E 134 13.04 21.09 24.30
N PHE E 135 13.45 20.99 23.03
CA PHE E 135 14.60 21.76 22.55
C PHE E 135 14.08 22.85 21.56
N TYR E 136 14.47 24.11 21.77
CA TYR E 136 14.06 25.25 20.91
C TYR E 136 15.19 25.77 20.07
N SER E 137 14.87 26.17 18.82
CA SER E 137 15.52 27.30 18.17
C SER E 137 15.11 28.58 18.93
N HIS E 138 16.09 29.31 19.47
CA HIS E 138 15.78 30.39 20.44
C HIS E 138 15.37 31.71 19.73
N ARG E 139 15.80 31.84 18.47
CA ARG E 139 15.45 33.01 17.67
CA ARG E 139 15.48 33.02 17.67
C ARG E 139 15.62 32.73 16.19
N VAL E 140 15.07 33.61 15.37
CA VAL E 140 15.34 33.51 13.95
C VAL E 140 16.79 33.84 13.61
N ASP E 141 17.38 33.08 12.70
CA ASP E 141 18.65 33.43 12.10
C ASP E 141 18.39 33.60 10.62
N GLU E 142 18.46 34.85 10.13
CA GLU E 142 18.07 35.09 8.72
C GLU E 142 19.11 34.49 7.80
N ASN E 143 20.32 34.27 8.30
CA ASN E 143 21.41 33.74 7.48
C ASN E 143 21.60 32.22 7.42
N THR E 144 20.74 31.50 8.12
CA THR E 144 20.71 30.04 7.98
C THR E 144 19.38 29.68 7.34
N PRO E 145 19.40 28.87 6.29
CA PRO E 145 18.13 28.36 5.77
C PRO E 145 17.37 27.60 6.82
N MET E 146 16.05 27.74 6.82
CA MET E 146 15.27 27.10 7.87
C MET E 146 15.23 25.58 7.66
N GLU E 147 15.56 25.13 6.45
CA GLU E 147 15.67 23.67 6.24
C GLU E 147 16.83 23.14 7.14
N GLU E 148 17.88 23.94 7.22
CA GLU E 148 19.04 23.52 8.08
C GLU E 148 18.70 23.45 9.57
N THR E 149 18.14 24.54 10.09
CA THR E 149 17.69 24.64 11.44
C THR E 149 16.67 23.52 11.76
N ALA E 150 15.72 23.27 10.85
CA ALA E 150 14.66 22.32 11.16
C ALA E 150 15.23 20.90 11.14
N SER E 151 16.18 20.66 10.24
CA SER E 151 16.83 19.36 10.17
C SER E 151 17.69 19.09 11.41
N ALA E 152 18.32 20.12 11.95
CA ALA E 152 19.01 20.01 13.26
C ALA E 152 18.02 19.65 14.36
N LEU E 153 16.88 20.36 14.42
CA LEU E 153 15.87 20.02 15.42
C LEU E 153 15.42 18.57 15.24
N ALA E 154 15.19 18.17 13.99
CA ALA E 154 14.80 16.77 13.74
C ALA E 154 15.88 15.77 14.22
N HIS E 155 17.15 16.09 14.00
CA HIS E 155 18.22 15.22 14.49
C HIS E 155 18.16 15.04 16.01
N ALA E 156 17.87 16.13 16.74
CA ALA E 156 17.83 16.11 18.18
C ALA E 156 16.74 15.14 18.63
N VAL E 157 15.61 15.17 17.93
CA VAL E 157 14.54 14.24 18.24
C VAL E 157 14.86 12.80 17.79
N GLN E 158 15.35 12.61 16.57
CA GLN E 158 15.60 11.24 16.10
C GLN E 158 16.65 10.56 16.95
N SER E 159 17.62 11.34 17.38
CA SER E 159 18.74 10.79 18.16
C SER E 159 18.38 10.58 19.61
N GLY E 160 17.17 10.94 20.03
CA GLY E 160 16.79 10.72 21.42
C GLY E 160 17.32 11.75 22.41
N LYS E 161 17.83 12.92 21.92
CA LYS E 161 18.28 13.99 22.79
C LYS E 161 17.21 15.02 23.15
N ALA E 162 16.05 14.97 22.50
CA ALA E 162 14.93 15.91 22.75
C ALA E 162 13.66 15.12 22.47
N LEU E 163 12.67 15.20 23.35
CA LEU E 163 11.38 14.51 23.12
C LEU E 163 10.55 15.30 22.08
N TYR E 164 10.56 16.63 22.24
CA TYR E 164 9.79 17.59 21.42
C TYR E 164 10.63 18.79 21.08
N VAL E 165 10.19 19.55 20.07
CA VAL E 165 10.96 20.71 19.65
C VAL E 165 10.08 21.99 19.65
N GLY E 166 10.69 23.15 19.87
CA GLY E 166 9.98 24.42 19.89
C GLY E 166 10.71 25.50 19.09
N ILE E 167 10.05 26.64 18.89
CA ILE E 167 10.70 27.83 18.35
C ILE E 167 10.32 29.03 19.18
N SER E 168 11.12 30.10 19.06
CA SER E 168 10.92 31.26 19.88
C SER E 168 11.21 32.46 19.03
N SER E 169 10.28 33.40 19.07
CA SER E 169 10.32 34.67 18.32
C SER E 169 10.38 34.56 16.81
N TYR E 170 9.70 33.57 16.26
CA TYR E 170 9.56 33.45 14.81
C TYR E 170 8.26 34.18 14.40
N SER E 171 8.28 34.96 13.31
CA SER E 171 7.06 35.53 12.73
C SER E 171 6.04 34.45 12.38
N PRO E 172 4.76 34.84 12.16
CA PRO E 172 3.80 33.87 11.62
C PRO E 172 4.30 33.15 10.35
N GLU E 173 4.90 33.88 9.42
CA GLU E 173 5.28 33.28 8.14
C GLU E 173 6.40 32.24 8.36
N ARG E 174 7.42 32.65 9.10
CA ARG E 174 8.51 31.72 9.47
C ARG E 174 8.07 30.53 10.34
N THR E 175 7.15 30.77 11.27
CA THR E 175 6.52 29.68 12.05
C THR E 175 5.81 28.67 11.15
N GLN E 176 5.00 29.19 10.23
CA GLN E 176 4.38 28.34 9.23
C GLN E 176 5.36 27.50 8.41
N LYS E 177 6.47 28.10 7.96
CA LYS E 177 7.51 27.38 7.20
C LYS E 177 8.17 26.29 8.10
N MET E 178 8.43 26.64 9.36
CA MET E 178 9.00 25.64 10.30
C MET E 178 8.08 24.44 10.55
N VAL E 179 6.78 24.70 10.75
CA VAL E 179 5.79 23.62 10.87
C VAL E 179 5.90 22.70 9.66
N GLU E 180 5.88 23.28 8.45
CA GLU E 180 5.96 22.51 7.20
C GLU E 180 7.25 21.71 7.10
N LEU E 181 8.36 22.36 7.44
CA LEU E 181 9.64 21.68 7.29
C LEU E 181 9.75 20.53 8.25
N LEU E 182 9.33 20.71 9.49
CA LEU E 182 9.38 19.61 10.49
C LEU E 182 8.41 18.49 10.14
N ARG E 183 7.26 18.84 9.56
CA ARG E 183 6.36 17.82 9.04
C ARG E 183 7.03 16.90 8.00
N GLU E 184 7.98 17.41 7.21
CA GLU E 184 8.71 16.54 6.27
C GLU E 184 9.50 15.41 6.99
N TRP E 185 9.79 15.62 8.27
CA TRP E 185 10.50 14.64 9.10
C TRP E 185 9.51 13.87 9.96
N LYS E 186 8.22 14.13 9.73
CA LYS E 186 7.15 13.56 10.56
C LYS E 186 7.20 13.99 12.03
N ILE E 187 7.58 15.23 12.24
CA ILE E 187 7.70 15.78 13.55
C ILE E 187 6.78 16.98 13.68
N PRO E 188 5.85 16.95 14.64
CA PRO E 188 5.04 18.17 14.80
C PRO E 188 5.72 19.22 15.68
N LEU E 189 5.70 20.48 15.26
CA LEU E 189 6.22 21.55 16.09
C LEU E 189 5.38 21.62 17.35
N LEU E 190 6.01 21.58 18.53
CA LEU E 190 5.20 21.45 19.75
C LEU E 190 4.67 22.79 20.24
N ILE E 191 5.52 23.82 20.16
CA ILE E 191 5.29 25.02 20.95
C ILE E 191 6.07 26.20 20.36
N HIS E 192 5.57 27.40 20.63
CA HIS E 192 6.17 28.65 20.24
C HIS E 192 6.24 29.44 21.51
N GLN E 193 7.39 30.09 21.75
CA GLN E 193 7.56 30.94 22.93
C GLN E 193 7.78 32.38 22.49
N PRO E 194 6.70 33.19 22.48
CA PRO E 194 6.85 34.60 22.09
C PRO E 194 6.78 35.48 23.35
N SER E 195 7.34 36.69 23.28
CA SER E 195 7.04 37.73 24.28
C SER E 195 5.56 38.13 24.16
N TYR E 196 4.85 38.17 25.29
CA TYR E 196 3.41 38.41 25.25
C TYR E 196 2.87 38.79 26.62
N ASN E 197 2.22 39.96 26.68
CA ASN E 197 1.63 40.44 27.92
C ASN E 197 0.62 41.56 27.60
N LEU E 198 0.06 42.19 28.62
CA LEU E 198 -0.91 43.29 28.42
C LEU E 198 -0.40 44.44 27.54
N LEU E 199 0.89 44.72 27.57
CA LEU E 199 1.46 45.90 26.90
C LEU E 199 2.16 45.55 25.59
N ASN E 200 2.23 44.27 25.28
CA ASN E 200 2.85 43.83 24.03
C ASN E 200 1.99 42.74 23.37
N ARG E 201 1.23 43.13 22.37
CA ARG E 201 0.30 42.22 21.71
C ARG E 201 0.70 41.89 20.27
N TRP E 202 1.98 42.10 19.95
CA TRP E 202 2.50 41.68 18.68
C TRP E 202 1.96 40.32 18.26
N VAL E 203 1.78 39.39 19.19
CA VAL E 203 1.38 38.06 18.77
C VAL E 203 -0.07 38.03 18.32
N ASP E 204 -0.90 38.89 18.90
CA ASP E 204 -2.30 38.99 18.47
C ASP E 204 -2.36 39.75 17.14
N LYS E 205 -1.83 40.97 17.14
CA LYS E 205 -1.80 41.79 15.93
C LYS E 205 -1.17 41.19 14.65
N SER E 206 -0.16 40.33 14.82
CA SER E 206 0.62 39.83 13.68
C SER E 206 -0.05 38.62 13.03
N GLY E 207 -1.03 38.04 13.72
CA GLY E 207 -1.66 36.81 13.28
C GLY E 207 -1.01 35.53 13.81
N LEU E 208 0.01 35.69 14.65
CA LEU E 208 0.72 34.52 15.19
C LEU E 208 -0.21 33.57 15.90
N LEU E 209 -1.03 34.09 16.82
CA LEU E 209 -1.94 33.20 17.56
C LEU E 209 -2.79 32.37 16.61
N ASP E 210 -3.18 32.96 15.48
CA ASP E 210 -3.97 32.27 14.48
C ASP E 210 -3.13 31.16 13.85
N THR E 211 -1.92 31.50 13.39
CA THR E 211 -1.00 30.51 12.82
C THR E 211 -0.77 29.35 13.80
N LEU E 212 -0.58 29.65 15.08
CA LEU E 212 -0.36 28.58 16.08
C LEU E 212 -1.61 27.72 16.22
N GLN E 213 -2.78 28.39 16.35
CA GLN E 213 -4.03 27.64 16.47
C GLN E 213 -4.30 26.78 15.24
N ASN E 214 -4.03 27.30 14.04
CA ASN E 214 -4.33 26.54 12.82
C ASN E 214 -3.44 25.34 12.62
N ASN E 215 -2.30 25.34 13.31
CA ASN E 215 -1.33 24.26 13.16
C ASN E 215 -1.22 23.38 14.38
N GLY E 216 -2.10 23.60 15.36
CA GLY E 216 -2.09 22.88 16.61
C GLY E 216 -0.81 23.06 17.45
N VAL E 217 -0.18 24.22 17.36
CA VAL E 217 1.07 24.51 18.09
C VAL E 217 0.76 25.27 19.36
N GLY E 218 1.38 24.87 20.48
CA GLY E 218 1.20 25.63 21.73
C GLY E 218 1.84 27.00 21.80
N CYS E 219 1.51 27.73 22.85
CA CYS E 219 2.02 29.09 23.01
C CYS E 219 2.34 29.29 24.47
N ILE E 220 3.60 29.58 24.79
CA ILE E 220 3.95 29.88 26.17
C ILE E 220 4.49 31.30 26.23
N ALA E 221 3.86 32.15 27.07
CA ALA E 221 4.18 33.58 27.17
C ALA E 221 5.42 33.93 27.97
N PHE E 222 6.37 34.57 27.30
CA PHE E 222 7.62 35.01 27.88
C PHE E 222 7.40 36.46 28.33
N THR E 223 8.03 36.81 29.45
CA THR E 223 7.80 38.07 30.18
C THR E 223 6.33 38.46 30.30
N PRO E 224 5.53 37.60 30.95
CA PRO E 224 4.09 37.91 30.97
C PRO E 224 3.81 39.09 31.88
N LEU E 225 4.80 39.51 32.65
CA LEU E 225 4.63 40.63 33.59
C LEU E 225 5.35 41.88 33.11
N ALA E 226 5.77 41.86 31.84
CA ALA E 226 6.43 43.00 31.18
C ALA E 226 7.65 43.53 31.94
N GLN E 227 8.33 42.60 32.63
CA GLN E 227 9.60 42.89 33.32
C GLN E 227 9.43 43.81 34.52
N GLY E 228 8.33 43.63 35.26
CA GLY E 228 8.01 44.50 36.39
C GLY E 228 6.97 45.59 36.14
N LEU E 229 6.80 45.99 34.89
CA LEU E 229 5.83 47.04 34.58
C LEU E 229 4.40 46.65 34.94
N LEU E 230 4.11 45.36 34.96
CA LEU E 230 2.76 44.88 35.28
C LEU E 230 2.67 44.21 36.64
N THR E 231 3.39 44.77 37.62
CA THR E 231 3.39 44.24 39.00
C THR E 231 3.13 45.31 40.08
N GLY E 232 3.15 46.58 39.71
CA GLY E 232 3.08 47.64 40.72
C GLY E 232 4.42 48.01 41.37
N LYS E 233 5.48 47.27 41.03
CA LYS E 233 6.84 47.84 40.99
C LYS E 233 6.92 49.24 41.63
N GLU E 261 4.58 59.98 33.13
CA GLU E 261 3.59 60.43 34.09
C GLU E 261 2.18 60.10 33.64
N ALA E 262 1.95 59.95 32.34
CA ALA E 262 0.69 59.44 31.81
C ALA E 262 0.69 57.91 31.76
N ASN E 263 1.89 57.35 31.60
CA ASN E 263 2.13 55.93 31.84
C ASN E 263 1.73 55.58 33.27
N LEU E 264 2.45 56.16 34.22
CA LEU E 264 2.22 55.92 35.63
C LEU E 264 0.75 56.10 35.99
N ASN E 265 0.11 57.13 35.45
CA ASN E 265 -1.30 57.36 35.71
C ASN E 265 -2.19 56.20 35.25
N SER E 266 -1.83 55.59 34.12
CA SER E 266 -2.65 54.54 33.56
C SER E 266 -2.37 53.19 34.23
N LEU E 267 -1.11 52.98 34.60
CA LEU E 267 -0.75 51.85 35.46
C LEU E 267 -1.54 51.85 36.76
N ARG E 268 -1.61 53.02 37.41
CA ARG E 268 -2.41 53.18 38.62
C ARG E 268 -3.88 52.79 38.44
N LEU E 269 -4.48 53.23 37.33
CA LEU E 269 -5.87 52.87 37.02
C LEU E 269 -6.00 51.37 36.80
N LEU E 270 -5.05 50.81 36.04
CA LEU E 270 -4.98 49.35 35.84
C LEU E 270 -4.87 48.58 37.16
N ASN E 271 -4.05 49.09 38.07
CA ASN E 271 -3.98 48.51 39.41
C ASN E 271 -5.30 48.51 40.17
N GLU E 272 -6.05 49.62 40.07
CA GLU E 272 -7.30 49.75 40.84
C GLU E 272 -8.34 48.78 40.31
N MET E 273 -8.35 48.62 38.98
CA MET E 273 -9.12 47.56 38.33
C MET E 273 -8.87 46.17 38.90
N ALA E 274 -7.60 45.86 39.18
CA ALA E 274 -7.23 44.56 39.77
C ALA E 274 -7.75 44.41 41.19
N GLN E 275 -7.51 45.42 42.03
CA GLN E 275 -8.10 45.45 43.36
C GLN E 275 -9.61 45.30 43.32
N GLN E 276 -10.25 45.96 42.36
CA GLN E 276 -11.66 45.71 42.04
C GLN E 276 -11.96 44.22 41.92
N ARG E 277 -11.07 43.48 41.26
CA ARG E 277 -11.28 42.06 41.00
C ARG E 277 -10.89 41.19 42.19
N GLY E 278 -10.29 41.81 43.21
CA GLY E 278 -9.72 41.07 44.34
C GLY E 278 -8.31 40.55 44.08
N GLN E 279 -7.60 41.19 43.14
CA GLN E 279 -6.32 40.71 42.61
C GLN E 279 -5.21 41.74 42.74
N SER E 280 -3.95 41.29 42.84
CA SER E 280 -2.82 42.22 42.67
C SER E 280 -2.70 42.55 41.18
N MET E 281 -1.95 43.59 40.85
CA MET E 281 -1.70 43.91 39.46
C MET E 281 -1.10 42.69 38.72
N ALA E 282 -0.06 42.10 39.29
CA ALA E 282 0.55 40.90 38.72
C ALA E 282 -0.45 39.79 38.45
N GLN E 283 -1.27 39.41 39.43
CA GLN E 283 -2.24 38.33 39.20
C GLN E 283 -3.19 38.65 38.01
N MET E 284 -3.62 39.90 37.90
CA MET E 284 -4.54 40.30 36.83
C MET E 284 -3.89 40.18 35.45
N ALA E 285 -2.63 40.57 35.34
CA ALA E 285 -1.84 40.46 34.12
C ALA E 285 -1.70 39.00 33.64
N LEU E 286 -1.50 38.08 34.59
CA LEU E 286 -1.39 36.66 34.27
C LEU E 286 -2.79 36.09 34.02
N SER E 287 -3.76 36.46 34.84
CA SER E 287 -5.15 36.06 34.64
C SER E 287 -5.64 36.44 33.25
N TRP E 288 -5.26 37.63 32.79
CA TRP E 288 -5.64 38.13 31.49
C TRP E 288 -5.02 37.31 30.37
N LEU E 289 -3.73 36.98 30.48
CA LEU E 289 -3.13 36.08 29.50
C LEU E 289 -3.82 34.73 29.47
N LEU E 290 -4.21 34.21 30.63
CA LEU E 290 -4.88 32.91 30.71
C LEU E 290 -6.43 32.97 30.57
N LYS E 291 -6.96 34.13 30.20
CA LYS E 291 -8.43 34.32 30.18
C LYS E 291 -9.12 33.32 29.24
N ASP E 292 -8.41 32.92 28.18
CA ASP E 292 -8.94 31.99 27.20
C ASP E 292 -7.89 30.88 26.93
N ASP E 293 -8.15 30.06 25.92
CA ASP E 293 -7.31 28.89 25.72
C ASP E 293 -6.26 29.09 24.63
N ARG E 294 -6.01 30.35 24.29
CA ARG E 294 -5.07 30.72 23.25
C ARG E 294 -3.62 30.68 23.79
N VAL E 295 -3.49 30.80 25.11
CA VAL E 295 -2.19 30.70 25.78
C VAL E 295 -2.12 29.35 26.54
N THR E 296 -1.07 28.55 26.32
CA THR E 296 -0.95 27.26 27.05
C THR E 296 -0.47 27.51 28.46
N SER E 297 0.48 28.42 28.60
CA SER E 297 1.11 28.61 29.89
C SER E 297 1.70 29.99 29.93
N VAL E 298 2.01 30.49 31.13
CA VAL E 298 2.75 31.74 31.23
C VAL E 298 4.02 31.52 32.02
N LEU E 299 5.10 32.18 31.59
CA LEU E 299 6.43 31.91 32.16
C LEU E 299 6.76 32.90 33.26
N ILE E 300 6.69 32.44 34.50
CA ILE E 300 7.03 33.22 35.67
CA ILE E 300 7.06 33.28 35.62
C ILE E 300 8.52 33.09 36.04
N GLY E 301 9.27 34.20 36.02
CA GLY E 301 10.65 34.22 36.49
C GLY E 301 10.79 34.67 37.94
N ALA E 302 10.29 33.86 38.85
CA ALA E 302 10.39 34.14 40.29
C ALA E 302 11.81 34.40 40.84
N SER E 303 11.96 35.35 41.76
CA SER E 303 13.21 35.47 42.50
C SER E 303 13.11 35.02 43.97
N ARG E 304 11.89 34.70 44.40
CA ARG E 304 11.69 34.08 45.69
C ARG E 304 10.46 33.20 45.68
N ALA E 305 10.40 32.26 46.62
CA ALA E 305 9.29 31.31 46.66
C ALA E 305 7.93 32.02 46.80
N GLU E 306 7.90 33.08 47.64
CA GLU E 306 6.68 33.82 47.93
C GLU E 306 6.00 34.34 46.67
N GLN E 307 6.80 34.70 45.67
CA GLN E 307 6.24 35.24 44.45
C GLN E 307 5.42 34.16 43.75
N LEU E 308 5.89 32.91 43.82
CA LEU E 308 5.19 31.83 43.16
C LEU E 308 3.81 31.60 43.76
N GLU E 309 3.72 31.53 45.08
CA GLU E 309 2.44 31.34 45.79
C GLU E 309 1.44 32.41 45.37
N GLU E 310 1.92 33.64 45.32
CA GLU E 310 1.13 34.78 44.96
C GLU E 310 0.67 34.70 43.50
N ASN E 311 1.62 34.47 42.58
CA ASN E 311 1.28 34.33 41.18
C ASN E 311 0.27 33.22 40.82
N VAL E 312 0.36 32.03 41.44
CA VAL E 312 -0.52 30.93 41.05
C VAL E 312 -1.98 31.23 41.39
N GLN E 313 -2.20 32.14 42.34
CA GLN E 313 -3.55 32.50 42.72
C GLN E 313 -4.31 33.25 41.63
N ALA E 314 -3.59 33.66 40.58
CA ALA E 314 -4.21 34.17 39.35
C ALA E 314 -5.24 33.19 38.80
N LEU E 315 -5.02 31.90 39.09
CA LEU E 315 -5.92 30.83 38.66
C LEU E 315 -7.32 30.94 39.28
N ASN E 316 -7.40 31.59 40.43
CA ASN E 316 -8.67 31.76 41.13
C ASN E 316 -9.65 32.68 40.40
N ASN E 317 -9.13 33.57 39.57
CA ASN E 317 -10.01 34.44 38.81
C ASN E 317 -9.60 34.64 37.36
N LEU E 318 -10.03 33.73 36.49
CA LEU E 318 -9.66 33.74 35.06
C LEU E 318 -10.70 34.39 34.14
N THR E 319 -11.76 34.95 34.73
CA THR E 319 -12.91 35.44 33.97
C THR E 319 -12.83 36.96 33.87
N PHE E 320 -13.00 37.50 32.66
CA PHE E 320 -13.14 38.93 32.44
C PHE E 320 -14.47 39.23 31.70
N SER E 321 -15.23 40.22 32.18
CA SER E 321 -16.42 40.70 31.46
C SER E 321 -15.98 41.44 30.22
N THR E 322 -16.87 41.55 29.24
CA THR E 322 -16.62 42.33 28.03
C THR E 322 -16.21 43.77 28.36
N LYS E 323 -16.87 44.33 29.37
CA LYS E 323 -16.62 45.73 29.77
C LYS E 323 -15.19 45.95 30.30
N GLU E 324 -14.71 45.03 31.14
CA GLU E 324 -13.36 45.10 31.69
C GLU E 324 -12.31 45.05 30.60
N LEU E 325 -12.47 44.10 29.68
CA LEU E 325 -11.54 44.01 28.56
C LEU E 325 -11.46 45.34 27.78
N ALA E 326 -12.60 45.97 27.52
CA ALA E 326 -12.64 47.25 26.79
C ALA E 326 -11.97 48.36 27.62
N GLN E 327 -12.26 48.32 28.92
CA GLN E 327 -11.69 49.26 29.86
C GLN E 327 -10.17 49.10 30.01
N ILE E 328 -9.70 47.86 29.94
CA ILE E 328 -8.27 47.58 29.99
C ILE E 328 -7.53 48.19 28.80
N ASP E 329 -7.99 47.91 27.59
CA ASP E 329 -7.44 48.56 26.39
C ASP E 329 -7.52 50.08 26.49
N GLN E 330 -8.66 50.57 26.97
CA GLN E 330 -8.91 52.00 27.14
C GLN E 330 -7.75 52.62 27.91
N HIS E 331 -7.57 52.15 29.16
CA HIS E 331 -6.50 52.67 30.02
C HIS E 331 -5.14 52.60 29.33
N ILE E 332 -4.83 51.47 28.69
CA ILE E 332 -3.51 51.27 28.06
C ILE E 332 -3.34 52.20 26.87
N ALA E 333 -4.43 52.49 26.17
CA ALA E 333 -4.38 53.33 24.97
C ALA E 333 -3.70 54.70 25.23
N ASP E 334 -3.50 55.05 26.50
CA ASP E 334 -2.88 56.32 26.88
C ASP E 334 -1.53 56.10 27.62
N GLY E 335 -0.47 55.75 26.87
CA GLY E 335 0.84 55.50 27.46
C GLY E 335 1.70 54.42 26.81
N GLU E 336 1.29 53.14 26.92
CA GLU E 336 2.20 52.01 26.73
C GLU E 336 1.81 51.00 25.65
N LEU E 337 2.76 50.70 24.77
CA LEU E 337 2.60 49.68 23.75
C LEU E 337 3.95 49.40 23.11
N VAL F 2 48.79 25.55 30.43
CA VAL F 2 47.47 26.14 30.06
C VAL F 2 47.70 27.18 28.97
N TRP F 3 46.99 27.06 27.86
CA TRP F 3 47.18 28.00 26.76
C TRP F 3 45.89 28.73 26.52
N LEU F 4 45.96 30.06 26.48
CA LEU F 4 44.80 30.90 26.31
C LEU F 4 44.85 31.49 24.89
N ALA F 5 43.86 31.19 24.07
CA ALA F 5 43.86 31.71 22.70
C ALA F 5 43.75 33.25 22.70
N ASN F 6 44.24 33.89 21.64
CA ASN F 6 44.13 35.34 21.50
C ASN F 6 42.67 35.84 21.64
N PRO F 7 42.38 36.69 22.64
CA PRO F 7 41.01 37.13 22.89
C PRO F 7 40.51 37.95 21.70
N GLU F 8 41.42 38.38 20.82
CA GLU F 8 41.03 39.25 19.72
C GLU F 8 40.91 38.46 18.40
N ARG F 9 40.94 37.12 18.50
CA ARG F 9 41.07 36.25 17.32
C ARG F 9 39.94 36.44 16.29
N TYR F 10 38.76 36.82 16.73
CA TYR F 10 37.61 36.88 15.79
C TYR F 10 37.44 38.26 15.15
N GLY F 11 38.35 39.15 15.51
CA GLY F 11 38.12 40.58 15.28
C GLY F 11 38.51 41.06 13.90
N GLN F 12 39.41 40.35 13.23
CA GLN F 12 39.87 40.82 11.94
C GLN F 12 39.67 39.83 10.77
N MET F 13 39.53 38.54 11.08
CA MET F 13 39.39 37.54 10.02
C MET F 13 38.05 37.76 9.29
N GLN F 14 38.01 37.50 8.00
CA GLN F 14 36.72 37.54 7.27
C GLN F 14 36.12 36.13 7.27
N TYR F 15 34.84 36.01 7.62
CA TYR F 15 34.11 34.72 7.51
C TYR F 15 33.14 34.79 6.33
N ARG F 16 33.05 33.69 5.60
CA ARG F 16 32.04 33.55 4.54
C ARG F 16 31.05 32.41 4.80
N TYR F 17 29.77 32.65 4.49
CA TYR F 17 28.80 31.57 4.56
C TYR F 17 29.15 30.55 3.51
N CYS F 18 29.08 29.27 3.89
CA CYS F 18 29.44 28.24 2.92
C CYS F 18 28.22 27.91 1.98
N GLY F 19 28.25 28.33 0.72
CA GLY F 19 27.05 28.09 -0.13
C GLY F 19 25.81 28.67 0.54
N LYS F 20 24.70 27.95 0.49
CA LYS F 20 23.44 28.42 1.05
C LYS F 20 23.27 28.05 2.54
N SER F 21 24.24 27.32 3.09
CA SER F 21 24.19 26.90 4.50
C SER F 21 24.35 28.07 5.46
N GLY F 22 24.11 27.80 6.75
CA GLY F 22 24.39 28.75 7.82
C GLY F 22 25.80 28.59 8.39
N LEU F 23 26.63 27.79 7.74
CA LEU F 23 28.00 27.57 8.29
C LEU F 23 29.00 28.56 7.74
N ARG F 24 29.64 29.38 8.61
CA ARG F 24 30.62 30.37 8.12
C ARG F 24 32.02 29.81 8.18
N LEU F 25 32.71 29.70 7.06
CA LEU F 25 34.13 29.34 7.10
C LEU F 25 35.02 30.61 7.14
N PRO F 26 36.20 30.52 7.80
CA PRO F 26 37.15 31.63 7.63
C PRO F 26 37.57 31.68 6.18
N ALA F 27 37.77 32.88 5.65
CA ALA F 27 38.22 32.98 4.28
C ALA F 27 39.57 32.35 3.98
N LEU F 28 40.46 32.15 5.00
CA LEU F 28 41.69 31.32 4.79
C LEU F 28 41.55 30.16 5.83
N SER F 29 41.64 28.93 5.36
CA SER F 29 41.50 27.75 6.25
C SER F 29 42.88 27.13 6.32
N LEU F 30 43.18 26.29 7.35
CA LEU F 30 44.49 25.63 7.36
C LEU F 30 44.35 24.18 6.88
N GLY F 31 45.14 23.78 5.88
CA GLY F 31 45.22 22.38 5.40
C GLY F 31 46.41 21.67 6.04
N LEU F 32 46.24 20.39 6.36
CA LEU F 32 47.29 19.59 7.07
C LEU F 32 47.88 18.54 6.15
N TRP F 33 47.77 18.78 4.84
CA TRP F 33 48.26 17.81 3.87
C TRP F 33 49.76 17.51 4.11
N HIS F 34 50.54 18.57 4.35
CA HIS F 34 51.96 18.41 4.75
C HIS F 34 52.21 19.07 6.08
N ASN F 35 53.39 18.78 6.67
CA ASN F 35 53.93 19.41 7.88
C ASN F 35 53.37 18.86 9.19
N PHE F 36 52.46 17.86 9.14
CA PHE F 36 51.86 17.33 10.39
C PHE F 36 52.06 15.83 10.51
N GLY F 37 53.01 15.27 9.79
CA GLY F 37 53.25 13.84 9.88
C GLY F 37 54.19 13.48 11.02
N HIS F 38 54.48 12.19 11.15
CA HIS F 38 55.41 11.79 12.22
C HIS F 38 56.80 12.21 11.81
N VAL F 39 56.99 12.60 10.53
CA VAL F 39 58.29 13.17 10.15
C VAL F 39 58.52 14.61 10.59
N ASN F 40 57.52 15.25 11.15
CA ASN F 40 57.62 16.65 11.53
C ASN F 40 57.58 16.72 13.06
N ALA F 41 58.46 17.50 13.69
CA ALA F 41 58.39 17.68 15.16
C ALA F 41 57.05 18.25 15.62
N LEU F 42 56.51 17.70 16.72
CA LEU F 42 55.25 18.20 17.23
C LEU F 42 55.32 19.65 17.65
N GLU F 43 56.47 20.11 18.15
CA GLU F 43 56.56 21.53 18.53
C GLU F 43 56.26 22.51 17.36
N SER F 44 56.74 22.16 16.18
CA SER F 44 56.51 22.95 14.94
C SER F 44 55.04 22.95 14.61
N GLN F 45 54.45 21.75 14.66
CA GLN F 45 52.95 21.63 14.48
C GLN F 45 52.18 22.48 15.47
N ARG F 46 52.54 22.39 16.76
CA ARG F 46 51.81 23.13 17.77
C ARG F 46 51.78 24.64 17.45
N ALA F 47 52.90 25.17 16.98
CA ALA F 47 53.04 26.62 16.81
C ALA F 47 52.12 27.07 15.64
N ILE F 48 52.03 26.20 14.64
CA ILE F 48 51.18 26.44 13.43
C ILE F 48 49.71 26.47 13.84
N LEU F 49 49.25 25.43 14.57
CA LEU F 49 47.86 25.39 14.98
C LEU F 49 47.49 26.54 15.88
N ARG F 50 48.37 26.87 16.83
CA ARG F 50 48.02 27.94 17.76
C ARG F 50 47.88 29.31 17.03
N LYS F 51 48.84 29.58 16.17
CA LYS F 51 48.86 30.78 15.35
C LYS F 51 47.60 30.83 14.46
N ALA F 52 47.31 29.74 13.77
CA ALA F 52 46.09 29.72 12.97
C ALA F 52 44.87 30.15 13.75
N PHE F 53 44.62 29.50 14.89
CA PHE F 53 43.45 29.82 15.68
C PHE F 53 43.53 31.28 16.24
N ASP F 54 44.73 31.74 16.61
CA ASP F 54 44.87 33.13 17.11
C ASP F 54 44.57 34.20 16.01
N LEU F 55 44.66 33.80 14.74
CA LEU F 55 44.36 34.66 13.59
C LEU F 55 42.87 34.56 13.20
N GLY F 56 42.14 33.72 13.94
CA GLY F 56 40.70 33.47 13.69
C GLY F 56 40.49 32.35 12.66
N ILE F 57 41.55 31.67 12.28
CA ILE F 57 41.35 30.53 11.38
C ILE F 57 40.72 29.39 12.18
N THR F 58 39.46 29.09 11.90
CA THR F 58 38.68 28.11 12.69
C THR F 58 38.50 26.76 11.99
N HIS F 59 39.02 26.65 10.77
CA HIS F 59 38.81 25.47 9.94
C HIS F 59 40.11 24.81 9.63
N PHE F 60 40.16 23.52 10.00
CA PHE F 60 41.33 22.71 9.90
C PHE F 60 40.97 21.48 9.08
N ASP F 61 41.60 21.32 7.93
CA ASP F 61 41.15 20.36 6.94
C ASP F 61 42.16 19.20 6.93
N LEU F 62 41.68 18.00 7.26
CA LEU F 62 42.53 16.79 7.20
C LEU F 62 42.01 15.79 6.17
N ALA F 63 42.70 14.65 6.08
CA ALA F 63 42.22 13.52 5.29
C ALA F 63 42.90 12.33 5.90
N ASN F 64 42.32 11.16 5.66
CA ASN F 64 42.85 9.94 6.32
C ASN F 64 44.31 9.71 6.00
N ASN F 65 44.70 9.95 4.76
CA ASN F 65 46.06 9.64 4.39
C ASN F 65 47.16 10.70 4.60
N TYR F 66 46.81 11.85 5.19
CA TYR F 66 47.77 12.94 5.37
C TYR F 66 48.82 12.46 6.38
N GLY F 67 50.07 12.80 6.09
CA GLY F 67 51.19 12.57 7.05
C GLY F 67 52.44 13.14 6.41
N PRO F 68 53.41 12.31 6.07
CA PRO F 68 53.45 10.87 6.18
C PRO F 68 53.97 10.43 7.56
N PRO F 69 53.69 9.18 7.94
CA PRO F 69 52.94 8.19 7.14
C PRO F 69 51.43 8.46 7.20
N PRO F 70 50.65 7.70 6.42
CA PRO F 70 49.21 7.88 6.44
C PRO F 70 48.60 7.75 7.80
N GLY F 71 47.66 8.67 8.10
CA GLY F 71 47.03 8.67 9.40
C GLY F 71 47.70 9.57 10.42
N SER F 72 48.97 9.89 10.24
CA SER F 72 49.73 10.53 11.33
C SER F 72 49.32 11.98 11.54
N ALA F 73 48.88 12.67 10.48
CA ALA F 73 48.38 14.02 10.68
C ALA F 73 47.18 14.01 11.59
N GLU F 74 46.24 13.11 11.34
CA GLU F 74 45.09 12.98 12.18
C GLU F 74 45.49 12.68 13.67
N GLU F 75 46.40 11.72 13.83
CA GLU F 75 46.87 11.38 15.22
C GLU F 75 47.53 12.59 15.92
N ASN F 76 48.40 13.30 15.18
CA ASN F 76 49.12 14.47 15.74
C ASN F 76 48.16 15.58 16.02
N PHE F 77 47.24 15.82 15.07
CA PHE F 77 46.18 16.79 15.33
C PHE F 77 45.37 16.41 16.56
N GLY F 78 44.96 15.15 16.66
CA GLY F 78 44.24 14.68 17.83
C GLY F 78 44.97 14.93 19.16
N ARG F 79 46.27 14.71 19.20
CA ARG F 79 47.11 14.96 20.41
CA ARG F 79 47.04 14.96 20.44
C ARG F 79 47.05 16.45 20.75
N LEU F 80 47.35 17.26 19.73
CA LEU F 80 47.30 18.70 19.95
C LEU F 80 45.95 19.23 20.30
N LEU F 81 44.87 18.68 19.75
CA LEU F 81 43.55 19.11 20.20
C LEU F 81 43.35 18.85 21.70
N ARG F 82 43.79 17.68 22.17
CA ARG F 82 43.63 17.33 23.57
C ARG F 82 44.49 18.22 24.47
N GLU F 83 45.74 18.50 24.06
CA GLU F 83 46.66 19.31 24.85
C GLU F 83 46.27 20.79 24.89
N ASP F 84 45.89 21.35 23.75
CA ASP F 84 45.79 22.81 23.63
C ASP F 84 44.39 23.31 23.32
N PHE F 85 43.52 22.45 22.77
CA PHE F 85 42.22 22.93 22.30
C PHE F 85 41.07 22.26 23.00
N ALA F 86 41.30 21.70 24.18
CA ALA F 86 40.21 21.02 24.89
C ALA F 86 39.04 21.94 25.15
N ALA F 87 39.25 23.23 25.41
CA ALA F 87 38.10 24.06 25.67
C ALA F 87 37.53 24.71 24.40
N TYR F 88 38.12 24.45 23.24
CA TYR F 88 37.81 25.19 22.01
C TYR F 88 37.26 24.30 20.88
N ARG F 89 36.97 23.03 21.13
CA ARG F 89 36.60 22.17 19.99
C ARG F 89 35.31 22.67 19.33
N ASP F 90 34.39 23.22 20.12
CA ASP F 90 33.13 23.68 19.49
C ASP F 90 33.27 25.00 18.74
N GLU F 91 34.48 25.57 18.80
CA GLU F 91 34.84 26.76 18.01
C GLU F 91 35.54 26.36 16.72
N LEU F 92 35.77 25.05 16.49
CA LEU F 92 36.55 24.58 15.33
C LEU F 92 35.66 23.82 14.34
N ILE F 93 35.97 23.93 13.05
CA ILE F 93 35.44 23.06 12.00
C ILE F 93 36.56 22.15 11.55
N ILE F 94 36.41 20.87 11.88
CA ILE F 94 37.36 19.86 11.49
C ILE F 94 36.78 18.98 10.39
N SER F 95 37.55 18.76 9.33
CA SER F 95 37.13 17.88 8.27
C SER F 95 38.07 16.73 8.19
N THR F 96 37.58 15.59 7.71
CA THR F 96 38.44 14.58 7.12
C THR F 96 37.80 13.92 5.91
N LYS F 97 38.52 13.02 5.25
CA LYS F 97 38.10 12.52 3.96
C LYS F 97 38.50 11.08 3.79
N ALA F 98 37.85 10.40 2.83
CA ALA F 98 38.26 9.06 2.39
C ALA F 98 38.04 8.92 0.90
N GLY F 99 39.02 8.38 0.20
CA GLY F 99 38.88 8.03 -1.23
C GLY F 99 40.18 7.61 -1.90
N TYR F 100 41.29 8.18 -1.42
CA TYR F 100 42.60 7.84 -1.98
C TYR F 100 43.15 6.59 -1.26
N ASP F 101 44.29 6.10 -1.70
CA ASP F 101 44.88 4.89 -1.09
C ASP F 101 45.23 5.21 0.34
N MET F 102 44.74 4.38 1.28
CA MET F 102 44.96 4.58 2.68
C MET F 102 45.58 3.34 3.31
N TRP F 103 44.92 2.21 3.17
CA TRP F 103 45.47 0.93 3.64
C TRP F 103 45.48 -0.12 2.50
N PRO F 104 46.21 -1.24 2.66
CA PRO F 104 46.39 -2.13 1.50
C PRO F 104 45.15 -2.92 1.16
N GLY F 105 45.02 -3.35 -0.10
CA GLY F 105 43.96 -4.27 -0.47
C GLY F 105 42.73 -3.58 -1.02
N PRO F 106 41.71 -4.37 -1.39
CA PRO F 106 40.59 -3.82 -2.10
C PRO F 106 39.65 -2.90 -1.28
N TYR F 107 39.80 -2.76 0.06
CA TYR F 107 38.83 -1.98 0.87
C TYR F 107 39.49 -0.67 1.38
N GLY F 108 40.72 -0.42 0.91
CA GLY F 108 41.59 0.62 1.49
C GLY F 108 41.72 1.84 0.59
N SER F 109 40.85 1.87 -0.43
CA SER F 109 40.83 2.97 -1.40
C SER F 109 39.45 2.97 -2.09
N GLY F 110 39.09 4.11 -2.70
CA GLY F 110 37.84 4.14 -3.48
C GLY F 110 36.66 4.81 -2.84
N GLY F 111 35.47 4.44 -3.30
CA GLY F 111 34.25 5.06 -2.82
C GLY F 111 33.22 4.09 -2.23
N SER F 112 33.63 2.87 -1.81
CA SER F 112 32.64 1.89 -1.27
C SER F 112 32.18 2.25 0.12
N ARG F 113 31.03 1.70 0.49
CA ARG F 113 30.47 1.94 1.81
C ARG F 113 31.49 1.35 2.82
N LYS F 114 32.06 0.18 2.49
CA LYS F 114 33.01 -0.50 3.42
C LYS F 114 34.14 0.47 3.73
N TYR F 115 34.75 1.01 2.67
CA TYR F 115 35.94 1.83 2.83
C TYR F 115 35.59 3.11 3.52
N LEU F 116 34.52 3.78 3.07
CA LEU F 116 34.22 5.12 3.66
C LEU F 116 33.85 5.02 5.16
N LEU F 117 33.02 4.04 5.51
CA LEU F 117 32.54 3.96 6.89
C LEU F 117 33.67 3.40 7.79
N ALA F 118 34.44 2.41 7.32
CA ALA F 118 35.57 1.87 8.12
C ALA F 118 36.58 3.00 8.33
N SER F 119 36.81 3.80 7.27
CA SER F 119 37.81 4.86 7.33
C SER F 119 37.40 5.97 8.24
N LEU F 120 36.11 6.36 8.20
CA LEU F 120 35.64 7.42 9.11
C LEU F 120 35.85 6.95 10.57
N ASP F 121 35.51 5.70 10.85
CA ASP F 121 35.72 5.22 12.22
C ASP F 121 37.22 5.31 12.58
N GLN F 122 38.10 4.91 11.68
CA GLN F 122 39.57 5.05 11.94
C GLN F 122 39.95 6.48 12.26
N SER F 123 39.51 7.40 11.39
CA SER F 123 39.80 8.83 11.58
C SER F 123 39.31 9.36 12.90
N LEU F 124 38.08 9.02 13.30
CA LEU F 124 37.53 9.53 14.57
C LEU F 124 38.40 9.00 15.79
N LYS F 125 38.85 7.75 15.68
CA LYS F 125 39.68 7.12 16.74
C LYS F 125 41.08 7.77 16.78
N ARG F 126 41.68 8.03 15.60
CA ARG F 126 42.98 8.72 15.50
C ARG F 126 42.92 10.11 16.07
N MET F 127 41.87 10.86 15.72
CA MET F 127 41.68 12.25 16.18
C MET F 127 41.07 12.37 17.57
N GLY F 128 40.61 11.25 18.17
CA GLY F 128 39.98 11.31 19.47
C GLY F 128 38.71 12.15 19.46
N LEU F 129 37.93 12.07 18.37
CA LEU F 129 36.71 12.87 18.21
C LEU F 129 35.49 12.00 18.13
N GLU F 130 34.37 12.52 18.64
CA GLU F 130 33.08 11.84 18.50
C GLU F 130 32.52 12.00 17.10
N TYR F 131 32.83 13.15 16.47
CA TYR F 131 32.37 13.37 15.10
C TYR F 131 33.29 14.39 14.42
N VAL F 132 33.27 14.42 13.09
CA VAL F 132 33.91 15.51 12.36
C VAL F 132 32.80 16.50 11.93
N ASP F 133 33.15 17.76 11.69
CA ASP F 133 32.16 18.70 11.23
C ASP F 133 31.85 18.45 9.76
N ILE F 134 32.86 18.06 8.97
CA ILE F 134 32.68 17.73 7.56
C ILE F 134 33.40 16.44 7.16
N PHE F 135 32.66 15.50 6.56
CA PHE F 135 33.29 14.30 6.03
C PHE F 135 33.15 14.32 4.52
N TYR F 136 34.26 14.19 3.83
CA TYR F 136 34.30 14.16 2.34
C TYR F 136 34.48 12.80 1.76
N SER F 137 33.84 12.61 0.60
CA SER F 137 34.38 11.75 -0.42
C SER F 137 35.55 12.47 -1.10
N HIS F 138 36.72 11.86 -1.07
CA HIS F 138 37.97 12.62 -1.39
C HIS F 138 38.23 12.70 -2.92
N ARG F 139 37.60 11.80 -3.68
CA ARG F 139 37.76 11.77 -5.14
C ARG F 139 36.66 10.93 -5.71
N VAL F 140 36.55 10.94 -7.02
CA VAL F 140 35.55 10.13 -7.70
C VAL F 140 36.05 8.68 -7.80
N ASP F 141 35.19 7.71 -7.52
CA ASP F 141 35.51 6.31 -7.83
C ASP F 141 34.54 5.90 -8.91
N GLU F 142 35.05 5.73 -10.14
CA GLU F 142 34.15 5.38 -11.26
C GLU F 142 33.56 3.97 -11.14
N ASN F 143 34.12 3.15 -10.25
CA ASN F 143 33.68 1.75 -10.06
C ASN F 143 32.71 1.49 -8.89
N THR F 144 32.44 2.51 -8.10
CA THR F 144 31.38 2.46 -7.13
C THR F 144 30.22 3.29 -7.61
N PRO F 145 29.01 2.73 -7.60
CA PRO F 145 27.87 3.61 -7.90
C PRO F 145 27.79 4.80 -6.95
N MET F 146 27.58 6.01 -7.48
CA MET F 146 27.37 7.12 -6.58
C MET F 146 26.27 6.94 -5.53
N GLU F 147 25.23 6.14 -5.81
CA GLU F 147 24.20 5.90 -4.84
C GLU F 147 24.84 5.25 -3.55
N GLU F 148 25.80 4.38 -3.77
CA GLU F 148 26.45 3.67 -2.59
C GLU F 148 27.30 4.70 -1.80
N THR F 149 28.16 5.44 -2.52
CA THR F 149 28.92 6.54 -1.91
C THR F 149 28.04 7.54 -1.19
N ALA F 150 26.94 7.96 -1.83
CA ALA F 150 26.08 8.96 -1.19
C ALA F 150 25.39 8.40 0.05
N SER F 151 24.97 7.15 -0.02
CA SER F 151 24.35 6.55 1.13
C SER F 151 25.30 6.37 2.32
N ALA F 152 26.57 6.11 2.02
CA ALA F 152 27.58 6.05 3.08
C ALA F 152 27.78 7.43 3.73
N LEU F 153 27.87 8.48 2.92
CA LEU F 153 27.93 9.83 3.53
C LEU F 153 26.68 10.04 4.37
N ALA F 154 25.51 9.63 3.86
CA ALA F 154 24.30 9.91 4.61
C ALA F 154 24.29 9.15 5.95
N HIS F 155 24.71 7.88 5.92
CA HIS F 155 24.85 7.17 7.20
C HIS F 155 25.78 7.90 8.22
N ALA F 156 26.90 8.45 7.75
CA ALA F 156 27.77 9.22 8.63
C ALA F 156 27.00 10.35 9.30
N VAL F 157 26.16 11.09 8.55
CA VAL F 157 25.40 12.17 9.18
C VAL F 157 24.31 11.64 10.10
N GLN F 158 23.62 10.61 9.66
CA GLN F 158 22.48 10.13 10.47
C GLN F 158 22.97 9.48 11.79
N SER F 159 24.10 8.81 11.69
CA SER F 159 24.68 8.13 12.88
C SER F 159 25.39 9.15 13.76
N GLY F 160 25.48 10.41 13.32
CA GLY F 160 26.03 11.46 14.17
C GLY F 160 27.56 11.47 14.19
N LYS F 161 28.19 10.85 13.20
CA LYS F 161 29.66 10.85 13.11
C LYS F 161 30.18 12.04 12.27
N ALA F 162 29.29 12.70 11.55
CA ALA F 162 29.68 13.88 10.73
C ALA F 162 28.52 14.89 10.77
N LEU F 163 28.78 16.19 10.95
CA LEU F 163 27.67 17.14 10.95
C LEU F 163 27.21 17.43 9.50
N TYR F 164 28.18 17.49 8.57
CA TYR F 164 27.92 17.88 7.22
C TYR F 164 28.77 17.04 6.30
N VAL F 165 28.41 16.98 5.03
CA VAL F 165 29.24 16.24 4.08
C VAL F 165 29.73 17.03 2.89
N GLY F 166 30.84 16.59 2.33
CA GLY F 166 31.47 17.33 1.24
C GLY F 166 31.98 16.38 0.18
N ILE F 167 32.37 16.90 -0.99
CA ILE F 167 33.04 16.07 -1.97
C ILE F 167 34.22 16.81 -2.51
N SER F 168 35.16 16.09 -3.12
CA SER F 168 36.38 16.74 -3.61
C SER F 168 36.67 16.19 -4.99
N SER F 169 37.02 17.10 -5.91
CA SER F 169 37.42 16.73 -7.29
C SER F 169 36.38 15.94 -8.14
N TYR F 170 35.11 16.25 -7.91
CA TYR F 170 33.98 15.70 -8.69
C TYR F 170 33.67 16.69 -9.84
N SER F 171 33.51 16.18 -11.04
CA SER F 171 33.06 17.03 -12.18
C SER F 171 31.71 17.74 -11.90
N PRO F 172 31.38 18.79 -12.73
CA PRO F 172 30.04 19.39 -12.55
C PRO F 172 28.92 18.32 -12.59
N GLU F 173 28.99 17.37 -13.51
CA GLU F 173 27.88 16.42 -13.77
C GLU F 173 27.74 15.44 -12.57
N ARG F 174 28.88 14.94 -12.15
CA ARG F 174 28.95 14.12 -10.91
C ARG F 174 28.56 14.86 -9.63
N THR F 175 28.94 16.14 -9.52
CA THR F 175 28.51 16.95 -8.42
C THR F 175 27.03 17.09 -8.40
N GLN F 176 26.46 17.43 -9.56
CA GLN F 176 25.00 17.60 -9.58
C GLN F 176 24.26 16.29 -9.10
N LYS F 177 24.73 15.15 -9.58
CA LYS F 177 24.18 13.84 -9.20
C LYS F 177 24.31 13.58 -7.69
N MET F 178 25.48 13.93 -7.13
CA MET F 178 25.64 13.76 -5.67
C MET F 178 24.68 14.66 -4.91
N VAL F 179 24.43 15.89 -5.41
CA VAL F 179 23.51 16.76 -4.73
C VAL F 179 22.14 16.10 -4.72
N GLU F 180 21.75 15.55 -5.87
CA GLU F 180 20.40 14.95 -5.99
C GLU F 180 20.29 13.69 -5.07
N LEU F 181 21.32 12.86 -5.06
CA LEU F 181 21.30 11.62 -4.27
C LEU F 181 21.21 11.96 -2.79
N LEU F 182 22.01 12.94 -2.34
CA LEU F 182 21.95 13.37 -0.94
C LEU F 182 20.63 14.02 -0.60
N ARG F 183 20.01 14.72 -1.57
CA ARG F 183 18.68 15.24 -1.29
C ARG F 183 17.62 14.16 -1.01
N GLU F 184 17.79 12.96 -1.55
CA GLU F 184 16.86 11.83 -1.27
C GLU F 184 16.94 11.44 0.20
N TRP F 185 18.06 11.80 0.85
CA TRP F 185 18.22 11.57 2.30
C TRP F 185 17.91 12.82 3.09
N LYS F 186 17.46 13.87 2.40
CA LYS F 186 17.23 15.18 3.00
C LYS F 186 18.50 15.80 3.63
N ILE F 187 19.63 15.58 2.97
CA ILE F 187 20.91 16.17 3.37
C ILE F 187 21.40 17.07 2.20
N PRO F 188 21.67 18.35 2.47
CA PRO F 188 22.33 19.18 1.42
C PRO F 188 23.80 18.86 1.32
N LEU F 189 24.32 18.69 0.13
CA LEU F 189 25.78 18.79 -0.04
C LEU F 189 26.33 20.14 0.44
N LEU F 190 27.23 20.13 1.46
CA LEU F 190 27.70 21.38 2.05
C LEU F 190 28.74 22.11 1.15
N ILE F 191 29.67 21.37 0.57
CA ILE F 191 30.94 21.93 0.12
C ILE F 191 31.63 21.03 -0.89
N HIS F 192 32.31 21.67 -1.85
CA HIS F 192 33.11 21.00 -2.86
C HIS F 192 34.51 21.56 -2.70
N GLN F 193 35.51 20.68 -2.75
CA GLN F 193 36.91 21.08 -2.64
C GLN F 193 37.69 20.71 -3.88
N PRO F 194 37.79 21.66 -4.87
CA PRO F 194 38.56 21.45 -6.05
C PRO F 194 39.94 22.06 -5.90
N SER F 195 40.88 21.59 -6.71
CA SER F 195 42.12 22.32 -6.96
C SER F 195 41.79 23.53 -7.82
N TYR F 196 42.22 24.71 -7.38
CA TYR F 196 41.79 25.96 -8.02
C TYR F 196 42.78 27.04 -7.64
N ASN F 197 43.43 27.64 -8.63
CA ASN F 197 44.24 28.80 -8.37
C ASN F 197 44.39 29.57 -9.71
N LEU F 198 45.09 30.69 -9.67
CA LEU F 198 45.39 31.47 -10.90
C LEU F 198 45.81 30.66 -12.12
N LEU F 199 46.56 29.57 -11.91
CA LEU F 199 47.11 28.80 -13.01
C LEU F 199 46.27 27.60 -13.41
N ASN F 200 45.32 27.21 -12.56
CA ASN F 200 44.51 26.03 -12.81
C ASN F 200 43.03 26.40 -12.71
N ARG F 201 42.41 26.60 -13.87
CA ARG F 201 41.06 27.13 -13.88
C ARG F 201 40.03 26.18 -14.41
N TRP F 202 40.31 24.88 -14.26
CA TRP F 202 39.28 23.90 -14.55
C TRP F 202 37.92 24.21 -13.93
N VAL F 203 37.84 24.70 -12.70
CA VAL F 203 36.52 24.93 -12.12
C VAL F 203 35.67 25.98 -12.93
N ASP F 204 36.39 26.95 -13.45
CA ASP F 204 35.89 28.01 -14.34
C ASP F 204 35.49 27.41 -15.69
N LYS F 205 36.43 26.81 -16.40
CA LYS F 205 36.09 26.33 -17.74
C LYS F 205 35.02 25.26 -17.74
N SER F 206 34.96 24.43 -16.69
CA SER F 206 34.11 23.26 -16.74
C SER F 206 32.64 23.55 -16.50
N GLY F 207 32.37 24.63 -15.85
CA GLY F 207 31.02 24.84 -15.40
C GLY F 207 30.82 24.55 -13.91
N LEU F 208 31.87 24.11 -13.23
CA LEU F 208 31.67 23.73 -11.80
C LEU F 208 31.11 24.85 -10.96
N LEU F 209 31.67 26.04 -11.09
CA LEU F 209 31.24 27.09 -10.21
C LEU F 209 29.72 27.48 -10.32
N ASP F 210 29.15 27.33 -11.50
CA ASP F 210 27.73 27.64 -11.60
C ASP F 210 26.93 26.50 -10.97
N THR F 211 27.37 25.27 -11.22
CA THR F 211 26.77 24.08 -10.58
C THR F 211 26.75 24.27 -9.05
N LEU F 212 27.87 24.73 -8.49
CA LEU F 212 27.93 24.98 -7.02
C LEU F 212 26.95 26.09 -6.63
N GLN F 213 27.00 27.19 -7.36
CA GLN F 213 26.08 28.26 -7.04
C GLN F 213 24.61 27.86 -7.27
N ASN F 214 24.31 27.15 -8.35
CA ASN F 214 22.90 26.73 -8.62
C ASN F 214 22.37 25.86 -7.47
N ASN F 215 23.27 25.16 -6.80
CA ASN F 215 22.87 24.17 -5.82
C ASN F 215 23.19 24.59 -4.38
N GLY F 216 23.71 25.81 -4.20
CA GLY F 216 23.98 26.34 -2.85
C GLY F 216 25.12 25.64 -2.13
N VAL F 217 26.05 25.10 -2.88
CA VAL F 217 27.23 24.39 -2.32
C VAL F 217 28.43 25.34 -2.21
N GLY F 218 29.16 25.29 -1.08
CA GLY F 218 30.39 26.09 -0.95
C GLY F 218 31.54 25.57 -1.79
N CYS F 219 32.62 26.35 -1.82
CA CYS F 219 33.75 26.00 -2.61
C CYS F 219 35.00 26.37 -1.82
N ILE F 220 35.83 25.36 -1.55
CA ILE F 220 37.07 25.62 -0.86
C ILE F 220 38.26 25.25 -1.72
N ALA F 221 39.11 26.24 -2.02
CA ALA F 221 40.14 26.03 -3.04
C ALA F 221 41.34 25.32 -2.44
N PHE F 222 41.66 24.16 -3.03
CA PHE F 222 42.87 23.40 -2.69
C PHE F 222 44.06 23.82 -3.55
N THR F 223 45.25 23.87 -2.94
CA THR F 223 46.49 24.40 -3.58
C THR F 223 46.29 25.76 -4.25
N PRO F 224 45.78 26.72 -3.49
CA PRO F 224 45.56 28.11 -4.04
C PRO F 224 46.85 28.82 -4.38
N LEU F 225 47.97 28.35 -3.83
CA LEU F 225 49.31 28.83 -4.25
C LEU F 225 50.04 27.96 -5.28
N ALA F 226 49.35 26.97 -5.85
CA ALA F 226 49.88 26.17 -6.93
C ALA F 226 51.21 25.52 -6.50
N GLN F 227 51.26 25.07 -5.25
CA GLN F 227 52.45 24.43 -4.69
C GLN F 227 53.74 25.21 -4.94
N GLY F 228 53.73 26.50 -4.57
CA GLY F 228 54.92 27.32 -4.64
C GLY F 228 55.06 28.13 -5.93
N LEU F 229 54.44 27.69 -7.02
CA LEU F 229 54.58 28.49 -8.24
C LEU F 229 54.06 29.90 -8.08
N LEU F 230 53.09 30.10 -7.19
CA LEU F 230 52.51 31.41 -7.01
C LEU F 230 53.00 32.05 -5.74
N THR F 231 54.25 31.78 -5.36
CA THR F 231 54.80 32.42 -4.17
C THR F 231 56.04 33.22 -4.56
N GLY F 232 56.49 33.05 -5.79
CA GLY F 232 57.80 33.58 -6.20
C GLY F 232 58.97 33.04 -5.38
N LYS F 233 58.97 31.74 -5.12
CA LYS F 233 60.21 31.07 -4.74
C LYS F 233 60.94 30.53 -5.97
N TYR F 234 60.31 30.71 -7.14
CA TYR F 234 60.94 30.44 -8.44
C TYR F 234 61.40 31.70 -9.19
N LEU F 259 59.30 26.04 -14.93
CA LEU F 259 60.24 25.26 -15.74
C LEU F 259 60.84 26.08 -16.89
N THR F 260 60.06 26.33 -17.96
CA THR F 260 60.54 27.08 -19.16
C THR F 260 60.84 28.58 -18.91
N GLU F 261 61.47 29.25 -19.88
CA GLU F 261 61.88 30.65 -19.69
C GLU F 261 60.75 31.65 -19.92
N ALA F 262 59.83 31.31 -20.83
CA ALA F 262 58.54 32.01 -20.97
C ALA F 262 57.71 31.87 -19.68
N ASN F 263 57.70 30.67 -19.11
CA ASN F 263 57.13 30.45 -17.78
C ASN F 263 57.65 31.48 -16.80
N LEU F 264 58.98 31.50 -16.60
CA LEU F 264 59.55 32.33 -15.54
C LEU F 264 59.42 33.82 -15.83
N ASN F 265 59.39 34.18 -17.11
CA ASN F 265 59.14 35.59 -17.48
C ASN F 265 57.75 36.05 -17.04
N SER F 266 56.75 35.21 -17.28
CA SER F 266 55.39 35.52 -16.89
C SER F 266 55.19 35.60 -15.37
N LEU F 267 55.85 34.71 -14.63
CA LEU F 267 55.83 34.77 -13.17
C LEU F 267 56.47 36.06 -12.65
N ARG F 268 57.54 36.51 -13.27
CA ARG F 268 58.13 37.79 -12.87
C ARG F 268 57.18 38.97 -13.07
N LEU F 269 56.51 38.98 -14.21
CA LEU F 269 55.55 40.04 -14.60
C LEU F 269 54.34 40.02 -13.65
N LEU F 270 53.90 38.80 -13.31
CA LEU F 270 52.85 38.63 -12.29
C LEU F 270 53.29 39.13 -10.93
N ASN F 271 54.51 38.78 -10.50
CA ASN F 271 55.05 39.35 -9.28
C ASN F 271 55.15 40.89 -9.28
N GLU F 272 55.53 41.46 -10.42
CA GLU F 272 55.50 42.93 -10.56
C GLU F 272 54.10 43.51 -10.36
N MET F 273 53.10 42.87 -10.95
CA MET F 273 51.72 43.30 -10.68
C MET F 273 51.40 43.24 -9.19
N ALA F 274 51.91 42.22 -8.49
CA ALA F 274 51.56 42.13 -7.06
C ALA F 274 52.21 43.28 -6.31
N GLN F 275 53.47 43.56 -6.64
CA GLN F 275 54.17 44.65 -5.98
C GLN F 275 53.43 45.98 -6.20
N GLN F 276 52.91 46.17 -7.41
CA GLN F 276 52.16 47.40 -7.70
CA GLN F 276 52.13 47.39 -7.74
C GLN F 276 50.89 47.53 -6.85
N ARG F 277 50.36 46.40 -6.38
CA ARG F 277 49.18 46.42 -5.50
C ARG F 277 49.59 46.52 -4.03
N GLY F 278 50.90 46.56 -3.79
CA GLY F 278 51.38 46.47 -2.40
C GLY F 278 51.21 45.07 -1.80
N GLN F 279 51.33 44.04 -2.64
CA GLN F 279 51.15 42.62 -2.21
C GLN F 279 52.36 41.82 -2.57
N SER F 280 52.64 40.78 -1.77
CA SER F 280 53.45 39.71 -2.30
C SER F 280 52.65 38.94 -3.35
N MET F 281 53.37 38.14 -4.10
CA MET F 281 52.84 37.25 -5.11
C MET F 281 51.85 36.22 -4.54
N ALA F 282 52.18 35.59 -3.40
CA ALA F 282 51.19 34.77 -2.64
C ALA F 282 49.94 35.57 -2.25
N GLN F 283 50.10 36.75 -1.68
CA GLN F 283 48.91 37.49 -1.27
C GLN F 283 47.99 37.78 -2.47
N MET F 284 48.56 38.24 -3.58
CA MET F 284 47.74 38.53 -4.79
C MET F 284 47.02 37.29 -5.31
N ALA F 285 47.74 36.18 -5.36
CA ALA F 285 47.17 34.89 -5.73
C ALA F 285 45.95 34.48 -4.87
N LEU F 286 46.03 34.71 -3.56
CA LEU F 286 44.92 34.38 -2.69
C LEU F 286 43.83 35.41 -2.82
N SER F 287 44.20 36.71 -2.93
CA SER F 287 43.15 37.72 -3.09
C SER F 287 42.38 37.48 -4.39
N TRP F 288 43.08 36.99 -5.42
CA TRP F 288 42.43 36.70 -6.71
C TRP F 288 41.34 35.64 -6.61
N LEU F 289 41.62 34.58 -5.86
CA LEU F 289 40.57 33.61 -5.59
C LEU F 289 39.42 34.19 -4.81
N LEU F 290 39.74 35.02 -3.83
CA LEU F 290 38.75 35.58 -2.90
C LEU F 290 38.13 36.89 -3.42
N LYS F 291 38.38 37.20 -4.71
CA LYS F 291 38.00 38.54 -5.26
C LYS F 291 36.51 38.75 -5.35
N ASP F 292 35.79 37.65 -5.51
CA ASP F 292 34.34 37.65 -5.40
C ASP F 292 33.82 36.45 -4.55
N ASP F 293 32.51 36.24 -4.59
CA ASP F 293 31.90 35.35 -3.65
C ASP F 293 31.72 33.93 -4.20
N ARG F 294 32.46 33.57 -5.23
CA ARG F 294 32.38 32.24 -5.82
C ARG F 294 33.25 31.23 -5.03
N VAL F 295 34.09 31.74 -4.14
CA VAL F 295 35.03 30.92 -3.35
C VAL F 295 34.71 31.22 -1.90
N THR F 296 34.40 30.19 -1.12
CA THR F 296 34.11 30.37 0.31
C THR F 296 35.41 30.53 1.10
N SER F 297 36.46 29.81 0.71
CA SER F 297 37.71 29.86 1.48
C SER F 297 38.84 29.31 0.63
N VAL F 298 40.08 29.62 1.01
CA VAL F 298 41.23 29.06 0.33
C VAL F 298 42.06 28.26 1.36
N LEU F 299 42.58 27.11 0.96
CA LEU F 299 43.33 26.25 1.90
C LEU F 299 44.81 26.52 1.91
N ILE F 300 45.30 27.10 3.01
CA ILE F 300 46.71 27.39 3.16
C ILE F 300 47.42 26.21 3.84
N GLY F 301 48.45 25.65 3.21
CA GLY F 301 49.23 24.60 3.87
C GLY F 301 50.50 25.12 4.53
N ALA F 302 50.35 25.86 5.61
CA ALA F 302 51.47 26.53 6.27
C ALA F 302 52.54 25.63 6.83
N SER F 303 53.78 26.01 6.58
CA SER F 303 54.96 25.35 7.06
C SER F 303 55.47 25.94 8.37
N ARG F 304 55.08 27.19 8.64
CA ARG F 304 55.51 27.89 9.83
C ARG F 304 54.53 28.98 10.13
N ALA F 305 54.52 29.44 11.37
CA ALA F 305 53.53 30.42 11.80
C ALA F 305 53.60 31.72 11.02
N GLU F 306 54.81 32.15 10.61
CA GLU F 306 54.95 33.41 9.88
C GLU F 306 54.17 33.40 8.58
N GLN F 307 54.08 32.24 7.95
CA GLN F 307 53.40 32.16 6.67
C GLN F 307 51.95 32.55 6.78
N LEU F 308 51.29 32.05 7.83
CA LEU F 308 49.91 32.42 8.10
C LEU F 308 49.73 33.91 8.28
N GLU F 309 50.62 34.52 9.06
CA GLU F 309 50.57 35.96 9.33
CA GLU F 309 50.54 35.97 9.33
C GLU F 309 50.65 36.75 8.01
N GLU F 310 51.53 36.33 7.11
CA GLU F 310 51.68 37.02 5.83
C GLU F 310 50.46 36.75 4.91
N ASN F 311 50.05 35.49 4.79
CA ASN F 311 48.94 35.12 3.87
C ASN F 311 47.60 35.77 4.23
N VAL F 312 47.28 35.85 5.52
CA VAL F 312 45.99 36.42 5.91
C VAL F 312 45.88 37.93 5.52
N GLN F 313 47.01 38.57 5.33
CA GLN F 313 47.00 39.99 4.88
C GLN F 313 46.44 40.16 3.44
N ALA F 314 46.33 39.06 2.70
CA ALA F 314 45.66 39.10 1.39
C ALA F 314 44.27 39.71 1.53
N LEU F 315 43.68 39.59 2.73
CA LEU F 315 42.36 40.13 3.00
C LEU F 315 42.31 41.70 2.91
N ASN F 316 43.47 42.34 3.00
CA ASN F 316 43.53 43.83 2.92
C ASN F 316 43.35 44.40 1.48
N ASN F 317 43.39 43.56 0.48
CA ASN F 317 43.23 44.03 -0.90
C ASN F 317 42.59 42.91 -1.72
N LEU F 318 41.26 42.85 -1.67
CA LEU F 318 40.48 41.87 -2.43
C LEU F 318 39.92 42.47 -3.71
N THR F 319 40.32 43.69 -4.04
CA THR F 319 39.79 44.27 -5.30
C THR F 319 40.77 44.22 -6.46
N PHE F 320 40.22 43.90 -7.64
CA PHE F 320 40.95 43.89 -8.89
C PHE F 320 40.13 44.66 -9.93
N SER F 321 40.80 45.50 -10.71
CA SER F 321 40.09 46.17 -11.82
C SER F 321 39.90 45.21 -13.00
N THR F 322 38.97 45.55 -13.89
CA THR F 322 38.88 44.81 -15.14
C THR F 322 40.18 44.73 -15.90
N LYS F 323 40.93 45.86 -15.98
CA LYS F 323 42.23 45.90 -16.68
C LYS F 323 43.24 44.95 -16.02
N GLU F 324 43.28 44.97 -14.69
CA GLU F 324 44.16 44.06 -13.93
C GLU F 324 43.87 42.59 -14.21
N LEU F 325 42.60 42.23 -14.19
CA LEU F 325 42.22 40.85 -14.43
C LEU F 325 42.61 40.42 -15.83
N ALA F 326 42.41 41.32 -16.81
CA ALA F 326 42.78 40.93 -18.17
C ALA F 326 44.27 40.79 -18.28
N GLN F 327 45.01 41.65 -17.59
CA GLN F 327 46.46 41.64 -17.77
C GLN F 327 47.05 40.38 -17.10
N ILE F 328 46.47 40.01 -15.97
CA ILE F 328 46.84 38.74 -15.34
C ILE F 328 46.64 37.59 -16.31
N ASP F 329 45.46 37.45 -16.90
CA ASP F 329 45.22 36.39 -17.89
C ASP F 329 46.19 36.42 -19.07
N GLN F 330 46.48 37.62 -19.55
CA GLN F 330 47.43 37.78 -20.65
C GLN F 330 48.84 37.31 -20.29
N HIS F 331 49.34 37.69 -19.13
CA HIS F 331 50.64 37.21 -18.71
C HIS F 331 50.66 35.67 -18.66
N ILE F 332 49.59 35.06 -18.16
CA ILE F 332 49.48 33.58 -18.07
C ILE F 332 49.45 32.93 -19.45
N ALA F 333 48.69 33.52 -20.37
CA ALA F 333 48.66 33.06 -21.78
C ALA F 333 50.03 33.14 -22.45
N ASP F 334 50.69 34.30 -22.36
CA ASP F 334 52.02 34.47 -22.95
C ASP F 334 53.05 33.53 -22.36
N GLY F 335 52.92 33.23 -21.07
CA GLY F 335 53.92 32.41 -20.38
C GLY F 335 53.66 30.91 -20.51
N GLU F 336 52.56 30.55 -21.15
CA GLU F 336 52.08 29.17 -21.19
C GLU F 336 51.87 28.57 -19.81
N LEU F 337 51.34 29.35 -18.87
CA LEU F 337 51.42 28.99 -17.46
C LEU F 337 50.29 28.12 -16.95
N ASN F 338 49.36 27.76 -17.83
CA ASN F 338 48.27 26.83 -17.49
C ASN F 338 48.73 25.42 -17.14
N VAL G 2 53.53 -12.41 17.48
CA VAL G 2 53.15 -11.37 16.45
C VAL G 2 53.21 -12.04 15.08
N TRP G 3 52.12 -11.87 14.34
CA TRP G 3 52.01 -12.45 13.00
C TRP G 3 51.90 -11.33 11.96
N LEU G 4 52.80 -11.35 11.00
CA LEU G 4 52.85 -10.40 9.89
C LEU G 4 52.31 -11.10 8.62
N ALA G 5 51.19 -10.62 8.08
CA ALA G 5 50.64 -11.29 6.90
C ALA G 5 51.60 -11.03 5.70
N ASN G 6 51.49 -11.88 4.69
CA ASN G 6 52.35 -11.87 3.53
C ASN G 6 52.21 -10.50 2.82
N PRO G 7 53.32 -9.78 2.68
CA PRO G 7 53.19 -8.44 2.13
C PRO G 7 52.85 -8.47 0.65
N GLU G 8 52.94 -9.63 -0.01
CA GLU G 8 52.47 -9.76 -1.41
C GLU G 8 51.07 -10.30 -1.55
N ARG G 9 50.32 -10.34 -0.46
CA ARG G 9 49.05 -11.02 -0.48
C ARG G 9 48.08 -10.51 -1.54
N TYR G 10 48.20 -9.25 -1.95
CA TYR G 10 47.23 -8.74 -2.92
C TYR G 10 47.72 -8.77 -4.37
N GLY G 11 48.89 -9.37 -4.58
CA GLY G 11 49.56 -9.24 -5.88
C GLY G 11 49.08 -10.22 -6.94
N GLN G 12 48.48 -11.32 -6.49
CA GLN G 12 48.04 -12.30 -7.46
C GLN G 12 46.55 -12.64 -7.51
N MET G 13 45.86 -12.52 -6.37
CA MET G 13 44.43 -12.86 -6.33
C MET G 13 43.67 -11.98 -7.31
N GLN G 14 42.56 -12.51 -7.86
CA GLN G 14 41.64 -11.71 -8.69
C GLN G 14 40.51 -11.25 -7.80
N TYR G 15 40.13 -9.99 -7.92
CA TYR G 15 39.00 -9.45 -7.19
C TYR G 15 37.91 -9.10 -8.17
N ARG G 16 36.65 -9.32 -7.78
CA ARG G 16 35.49 -9.00 -8.66
C ARG G 16 34.52 -8.07 -7.94
N TYR G 17 34.06 -7.02 -8.63
CA TYR G 17 33.04 -6.18 -7.98
C TYR G 17 31.79 -6.99 -7.84
N CYS G 18 31.14 -6.85 -6.71
CA CYS G 18 30.00 -7.68 -6.39
C CYS G 18 28.72 -7.01 -6.96
N GLY G 19 28.16 -7.54 -8.05
CA GLY G 19 26.99 -6.92 -8.67
C GLY G 19 27.37 -5.50 -9.11
N LYS G 20 26.49 -4.55 -8.85
CA LYS G 20 26.69 -3.17 -9.27
C LYS G 20 27.32 -2.37 -8.12
N SER G 21 27.58 -2.99 -6.97
CA SER G 21 28.22 -2.30 -5.85
C SER G 21 29.71 -1.94 -6.07
N GLY G 22 30.25 -1.14 -5.13
CA GLY G 22 31.68 -0.87 -5.09
C GLY G 22 32.50 -1.86 -4.27
N LEU G 23 31.88 -2.95 -3.83
CA LEU G 23 32.55 -3.93 -2.93
C LEU G 23 33.21 -5.03 -3.73
N ARG G 24 34.53 -5.17 -3.64
CA ARG G 24 35.26 -6.16 -4.44
CA ARG G 24 35.22 -6.17 -4.43
C ARG G 24 35.47 -7.43 -3.62
N LEU G 25 35.03 -8.59 -4.13
CA LEU G 25 35.27 -9.85 -3.41
C LEU G 25 36.42 -10.57 -4.05
N PRO G 26 37.23 -11.30 -3.26
CA PRO G 26 38.18 -12.18 -3.96
C PRO G 26 37.38 -13.22 -4.75
N ALA G 27 37.97 -13.72 -5.84
CA ALA G 27 37.31 -14.68 -6.74
C ALA G 27 37.13 -16.04 -6.07
N LEU G 28 37.98 -16.32 -5.06
CA LEU G 28 37.72 -17.47 -4.16
C LEU G 28 37.59 -16.87 -2.74
N SER G 29 36.54 -17.29 -2.01
CA SER G 29 36.30 -16.88 -0.62
C SER G 29 36.42 -18.11 0.27
N LEU G 30 36.68 -17.93 1.55
CA LEU G 30 36.72 -19.07 2.48
C LEU G 30 35.40 -19.19 3.22
N GLY G 31 34.83 -20.40 3.18
CA GLY G 31 33.64 -20.69 3.98
C GLY G 31 34.03 -21.57 5.18
N LEU G 32 33.34 -21.37 6.28
CA LEU G 32 33.68 -21.99 7.59
C LEU G 32 32.58 -22.95 8.02
N TRP G 33 31.85 -23.45 7.02
CA TRP G 33 30.76 -24.41 7.29
C TRP G 33 31.26 -25.64 8.07
N HIS G 34 32.35 -26.24 7.62
CA HIS G 34 33.05 -27.24 8.43
C HIS G 34 34.48 -26.83 8.73
N ASN G 35 35.11 -27.57 9.66
CA ASN G 35 36.52 -27.39 10.01
C ASN G 35 36.84 -26.32 11.06
N PHE G 36 35.82 -25.58 11.53
CA PHE G 36 36.04 -24.56 12.53
C PHE G 36 35.17 -24.71 13.79
N GLY G 37 34.74 -25.94 14.10
CA GLY G 37 33.96 -26.15 15.31
C GLY G 37 34.86 -26.48 16.51
N HIS G 38 34.21 -26.64 17.64
CA HIS G 38 34.89 -27.14 18.88
C HIS G 38 35.42 -28.61 18.70
N VAL G 39 34.98 -29.31 17.64
CA VAL G 39 35.55 -30.63 17.28
C VAL G 39 36.85 -30.57 16.49
N ASN G 40 37.24 -29.35 16.11
CA ASN G 40 38.46 -29.18 15.33
C ASN G 40 39.45 -28.39 16.19
N ALA G 41 40.70 -28.85 16.21
CA ALA G 41 41.73 -28.16 16.98
C ALA G 41 41.98 -26.76 16.40
N LEU G 42 42.12 -25.79 17.29
CA LEU G 42 42.33 -24.39 16.91
C LEU G 42 43.63 -24.19 16.13
N GLU G 43 44.69 -24.98 16.37
CA GLU G 43 45.87 -24.80 15.51
C GLU G 43 45.65 -25.06 14.01
N SER G 44 44.88 -26.12 13.70
CA SER G 44 44.43 -26.38 12.33
C SER G 44 43.65 -25.20 11.76
N GLN G 45 42.72 -24.64 12.54
CA GLN G 45 41.93 -23.47 12.11
C GLN G 45 42.85 -22.28 11.82
N ARG G 46 43.81 -22.03 12.72
CA ARG G 46 44.70 -20.87 12.58
C ARG G 46 45.46 -20.91 11.27
N ALA G 47 45.96 -22.09 10.90
CA ALA G 47 46.83 -22.23 9.72
C ALA G 47 46.02 -22.02 8.41
N ILE G 48 44.74 -22.40 8.45
CA ILE G 48 43.82 -22.18 7.31
C ILE G 48 43.56 -20.66 7.12
N LEU G 49 43.13 -19.99 8.18
CA LEU G 49 42.88 -18.56 8.09
C LEU G 49 44.10 -17.77 7.70
N ARG G 50 45.25 -18.06 8.30
CA ARG G 50 46.43 -17.31 7.97
C ARG G 50 46.81 -17.54 6.46
N LYS G 51 46.76 -18.79 5.99
CA LYS G 51 47.10 -19.06 4.62
C LYS G 51 46.07 -18.38 3.68
N ALA G 52 44.79 -18.41 4.02
CA ALA G 52 43.77 -17.74 3.18
C ALA G 52 44.12 -16.25 2.95
N PHE G 53 44.34 -15.54 4.05
CA PHE G 53 44.66 -14.13 3.98
C PHE G 53 45.99 -13.91 3.25
N ASP G 54 46.96 -14.80 3.46
CA ASP G 54 48.27 -14.70 2.78
C ASP G 54 48.11 -14.86 1.24
N LEU G 55 47.05 -15.57 0.80
CA LEU G 55 46.76 -15.75 -0.64
C LEU G 55 45.87 -14.63 -1.19
N GLY G 56 45.55 -13.64 -0.35
CA GLY G 56 44.66 -12.52 -0.75
C GLY G 56 43.21 -12.84 -0.61
N ILE G 57 42.87 -14.00 0.00
CA ILE G 57 41.43 -14.25 0.31
C ILE G 57 40.98 -13.37 1.48
N THR G 58 40.15 -12.39 1.18
CA THR G 58 39.75 -11.39 2.17
C THR G 58 38.38 -11.61 2.74
N HIS G 59 37.64 -12.57 2.15
CA HIS G 59 36.25 -12.80 2.55
C HIS G 59 36.12 -14.17 3.25
N PHE G 60 35.61 -14.11 4.48
CA PHE G 60 35.33 -15.25 5.36
C PHE G 60 33.85 -15.34 5.67
N ASP G 61 33.23 -16.46 5.25
CA ASP G 61 31.78 -16.54 5.23
C ASP G 61 31.41 -17.50 6.36
N LEU G 62 30.64 -17.03 7.32
CA LEU G 62 30.16 -17.86 8.42
C LEU G 62 28.63 -17.87 8.46
N ALA G 63 28.06 -18.56 9.44
CA ALA G 63 26.60 -18.56 9.74
C ALA G 63 26.48 -18.88 11.21
N ASN G 64 25.37 -18.49 11.82
CA ASN G 64 25.14 -18.72 13.22
C ASN G 64 25.36 -20.20 13.60
N ASN G 65 24.93 -21.12 12.72
CA ASN G 65 24.95 -22.48 13.17
C ASN G 65 26.15 -23.29 12.72
N TYR G 66 27.15 -22.60 12.15
CA TYR G 66 28.33 -23.32 11.73
C TYR G 66 29.10 -23.89 12.95
N GLY G 67 29.72 -25.04 12.76
CA GLY G 67 30.46 -25.72 13.86
C GLY G 67 30.91 -27.10 13.41
N PRO G 68 30.52 -28.15 14.16
CA PRO G 68 29.66 -28.17 15.33
C PRO G 68 30.43 -27.95 16.65
N PRO G 69 29.74 -27.63 17.76
CA PRO G 69 28.31 -27.41 17.84
C PRO G 69 27.97 -26.02 17.31
N PRO G 70 26.67 -25.72 17.22
CA PRO G 70 26.31 -24.47 16.57
C PRO G 70 26.91 -23.26 17.33
N GLY G 71 27.39 -22.30 16.55
CA GLY G 71 27.89 -21.09 17.14
C GLY G 71 29.38 -21.19 17.28
N SER G 72 29.95 -22.39 17.23
CA SER G 72 31.38 -22.52 17.63
C SER G 72 32.35 -22.06 16.52
N ALA G 73 31.93 -22.08 15.24
CA ALA G 73 32.76 -21.52 14.16
C ALA G 73 32.87 -20.01 14.37
N GLU G 74 31.77 -19.35 14.77
CA GLU G 74 31.85 -17.90 15.01
C GLU G 74 32.78 -17.60 16.23
N GLU G 75 32.59 -18.38 17.31
CA GLU G 75 33.50 -18.23 18.49
C GLU G 75 34.95 -18.38 18.14
N ASN G 76 35.31 -19.50 17.46
CA ASN G 76 36.68 -19.78 17.13
C ASN G 76 37.24 -18.71 16.18
N PHE G 77 36.44 -18.31 15.21
CA PHE G 77 36.88 -17.23 14.33
C PHE G 77 37.11 -15.95 15.11
N GLY G 78 36.20 -15.60 16.02
CA GLY G 78 36.37 -14.46 16.89
C GLY G 78 37.68 -14.49 17.68
N ARG G 79 38.02 -15.67 18.21
CA ARG G 79 39.29 -15.82 18.96
CA ARG G 79 39.27 -15.79 18.96
C ARG G 79 40.50 -15.56 18.07
N LEU G 80 40.50 -16.19 16.90
CA LEU G 80 41.58 -16.04 15.96
C LEU G 80 41.65 -14.64 15.35
N LEU G 81 40.51 -13.99 15.13
CA LEU G 81 40.53 -12.55 14.73
C LEU G 81 41.26 -11.71 15.80
N ARG G 82 40.86 -11.83 17.07
CA ARG G 82 41.61 -11.18 18.17
C ARG G 82 43.10 -11.56 18.22
N GLU G 83 43.44 -12.84 18.12
CA GLU G 83 44.87 -13.22 18.22
C GLU G 83 45.74 -12.72 17.05
N ASP G 84 45.25 -12.92 15.81
CA ASP G 84 46.09 -12.86 14.61
C ASP G 84 45.70 -11.73 13.66
N PHE G 85 44.48 -11.20 13.79
CA PHE G 85 43.94 -10.28 12.78
C PHE G 85 43.52 -8.95 13.38
N ALA G 86 44.06 -8.60 14.54
CA ALA G 86 43.63 -7.34 15.19
C ALA G 86 44.01 -6.11 14.35
N ALA G 87 45.08 -6.18 13.59
CA ALA G 87 45.42 -5.02 12.76
C ALA G 87 44.79 -5.08 11.37
N TYR G 88 44.08 -6.16 11.05
CA TYR G 88 43.64 -6.44 9.67
C TYR G 88 42.12 -6.48 9.52
N ARG G 89 41.35 -6.20 10.57
CA ARG G 89 39.90 -6.44 10.41
C ARG G 89 39.33 -5.58 9.25
N ASP G 90 39.86 -4.37 9.07
CA ASP G 90 39.28 -3.49 7.99
C ASP G 90 39.72 -3.93 6.60
N GLU G 91 40.57 -4.95 6.58
CA GLU G 91 40.93 -5.63 5.34
C GLU G 91 40.09 -6.88 5.03
N LEU G 92 39.11 -7.21 5.90
CA LEU G 92 38.39 -8.48 5.78
C LEU G 92 36.93 -8.12 5.52
N ILE G 93 36.24 -8.98 4.79
CA ILE G 93 34.79 -8.97 4.69
C ILE G 93 34.27 -10.21 5.41
N ILE G 94 33.53 -10.01 6.47
CA ILE G 94 33.10 -11.12 7.31
C ILE G 94 31.57 -11.18 7.17
N SER G 95 31.00 -12.33 6.80
CA SER G 95 29.53 -12.40 6.82
C SER G 95 29.04 -13.35 7.89
N THR G 96 27.80 -13.19 8.27
CA THR G 96 27.13 -14.30 8.90
C THR G 96 25.65 -14.28 8.50
N LYS G 97 24.88 -15.23 9.04
CA LYS G 97 23.54 -15.52 8.50
C LYS G 97 22.65 -15.98 9.60
N ALA G 98 21.36 -15.82 9.39
CA ALA G 98 20.38 -16.52 10.23
C ALA G 98 19.25 -17.05 9.34
N GLY G 99 18.78 -18.26 9.63
CA GLY G 99 17.53 -18.77 9.01
C GLY G 99 17.31 -20.27 9.27
N TYR G 100 18.40 -21.01 9.43
CA TYR G 100 18.31 -22.44 9.75
C TYR G 100 18.14 -22.64 11.27
N ASP G 101 18.02 -23.89 11.69
CA ASP G 101 17.82 -24.18 13.10
C ASP G 101 19.06 -23.78 13.88
N MET G 102 18.89 -22.93 14.89
CA MET G 102 20.08 -22.50 15.65
C MET G 102 19.93 -22.84 17.10
N TRP G 103 18.84 -22.38 17.70
CA TRP G 103 18.54 -22.68 19.08
C TRP G 103 17.08 -23.21 19.21
N PRO G 104 16.74 -23.84 20.34
CA PRO G 104 15.46 -24.53 20.47
C PRO G 104 14.25 -23.58 20.42
N GLY G 105 13.11 -24.06 19.93
CA GLY G 105 11.87 -23.34 20.15
C GLY G 105 11.51 -22.44 18.98
N PRO G 106 10.38 -21.75 19.06
CA PRO G 106 9.78 -21.10 17.90
C PRO G 106 10.56 -19.87 17.42
N TYR G 107 11.57 -19.42 18.18
CA TYR G 107 12.34 -18.21 17.78
C TYR G 107 13.78 -18.50 17.34
N GLY G 108 14.13 -19.79 17.20
CA GLY G 108 15.53 -20.21 16.92
C GLY G 108 15.75 -20.70 15.52
N SER G 109 14.79 -20.38 14.64
CA SER G 109 14.84 -20.77 13.24
C SER G 109 13.88 -19.87 12.47
N GLY G 110 13.99 -19.85 11.14
CA GLY G 110 12.99 -19.14 10.30
C GLY G 110 13.40 -17.73 9.91
N GLY G 111 12.44 -16.84 9.66
CA GLY G 111 12.80 -15.50 9.12
C GLY G 111 12.20 -14.34 9.88
N SER G 112 11.79 -14.59 11.12
CA SER G 112 11.17 -13.53 11.91
C SER G 112 12.17 -12.45 12.34
N ARG G 113 11.63 -11.29 12.63
CA ARG G 113 12.42 -10.17 13.12
C ARG G 113 13.09 -10.58 14.43
N LYS G 114 12.33 -11.26 15.29
CA LYS G 114 12.83 -11.77 16.56
C LYS G 114 14.06 -12.63 16.37
N TYR G 115 13.95 -13.64 15.51
CA TYR G 115 15.03 -14.54 15.34
C TYR G 115 16.20 -13.83 14.67
N LEU G 116 15.92 -13.06 13.61
CA LEU G 116 17.05 -12.55 12.87
C LEU G 116 17.85 -11.58 13.75
N LEU G 117 17.17 -10.69 14.46
CA LEU G 117 17.89 -9.59 15.17
C LEU G 117 18.51 -10.14 16.48
N ALA G 118 17.86 -11.12 17.10
CA ALA G 118 18.46 -11.74 18.32
C ALA G 118 19.67 -12.56 17.91
N SER G 119 19.58 -13.22 16.77
CA SER G 119 20.68 -14.00 16.24
C SER G 119 21.86 -13.15 15.80
N LEU G 120 21.58 -12.04 15.13
CA LEU G 120 22.67 -11.15 14.76
C LEU G 120 23.41 -10.70 16.04
N ASP G 121 22.66 -10.32 17.09
CA ASP G 121 23.36 -9.88 18.34
C ASP G 121 24.24 -11.03 18.92
N GLN G 122 23.73 -12.25 18.88
CA GLN G 122 24.52 -13.40 19.36
C GLN G 122 25.77 -13.56 18.53
N SER G 123 25.62 -13.49 17.21
CA SER G 123 26.78 -13.62 16.31
C SER G 123 27.85 -12.59 16.59
N LEU G 124 27.42 -11.34 16.75
CA LEU G 124 28.40 -10.23 16.97
C LEU G 124 29.11 -10.46 18.32
N LYS G 125 28.36 -10.92 19.32
CA LYS G 125 28.97 -11.29 20.61
C LYS G 125 29.97 -12.43 20.52
N ARG G 126 29.59 -13.55 19.87
CA ARG G 126 30.50 -14.68 19.63
C ARG G 126 31.75 -14.29 18.89
N MET G 127 31.60 -13.43 17.85
CA MET G 127 32.74 -13.07 17.08
C MET G 127 33.52 -11.88 17.67
N GLY G 128 32.98 -11.19 18.66
CA GLY G 128 33.67 -10.03 19.24
C GLY G 128 33.77 -8.91 18.22
N LEU G 129 32.72 -8.76 17.39
CA LEU G 129 32.71 -7.66 16.40
C LEU G 129 31.67 -6.61 16.69
N GLU G 130 31.93 -5.38 16.22
CA GLU G 130 30.93 -4.33 16.31
C GLU G 130 29.89 -4.53 15.19
N TYR G 131 30.32 -5.04 14.04
CA TYR G 131 29.38 -5.28 12.91
C TYR G 131 29.95 -6.35 12.00
N VAL G 132 29.09 -7.00 11.21
CA VAL G 132 29.55 -7.83 10.13
C VAL G 132 29.49 -6.99 8.83
N ASP G 133 30.29 -7.37 7.86
CA ASP G 133 30.23 -6.70 6.57
C ASP G 133 28.99 -7.12 5.82
N ILE G 134 28.58 -8.40 5.95
CA ILE G 134 27.33 -8.84 5.26
C ILE G 134 26.53 -9.72 6.17
N PHE G 135 25.26 -9.37 6.34
CA PHE G 135 24.38 -10.18 7.15
C PHE G 135 23.34 -10.78 6.19
N TYR G 136 23.21 -12.09 6.22
CA TYR G 136 22.26 -12.82 5.35
C TYR G 136 21.01 -13.33 6.03
N SER G 137 19.90 -13.29 5.29
CA SER G 137 18.84 -14.27 5.47
C SER G 137 19.28 -15.57 4.82
N HIS G 138 19.36 -16.65 5.62
CA HIS G 138 20.14 -17.85 5.22
C HIS G 138 19.24 -18.75 4.34
N ARG G 139 17.92 -18.57 4.45
CA ARG G 139 17.02 -19.38 3.60
C ARG G 139 15.66 -18.76 3.62
N VAL G 140 14.81 -19.19 2.69
CA VAL G 140 13.42 -18.78 2.71
C VAL G 140 12.63 -19.32 3.89
N ASP G 141 11.84 -18.45 4.51
CA ASP G 141 10.83 -18.89 5.45
C ASP G 141 9.48 -18.53 4.80
N GLU G 142 8.76 -19.55 4.32
CA GLU G 142 7.41 -19.36 3.74
C GLU G 142 6.40 -18.80 4.77
N ASN G 143 6.59 -19.09 6.04
CA ASN G 143 5.65 -18.59 7.04
C ASN G 143 5.93 -17.22 7.66
N THR G 144 7.01 -16.56 7.25
CA THR G 144 7.22 -15.19 7.62
C THR G 144 7.04 -14.29 6.38
N PRO G 145 6.27 -13.21 6.49
CA PRO G 145 6.17 -12.30 5.34
C PRO G 145 7.54 -11.71 5.01
N MET G 146 7.90 -11.68 3.72
CA MET G 146 9.16 -11.07 3.31
C MET G 146 9.32 -9.63 3.76
N GLU G 147 8.21 -8.92 3.96
CA GLU G 147 8.32 -7.55 4.47
C GLU G 147 9.02 -7.59 5.86
N GLU G 148 8.71 -8.63 6.63
CA GLU G 148 9.20 -8.65 8.03
C GLU G 148 10.70 -8.94 7.97
N THR G 149 11.07 -9.95 7.17
CA THR G 149 12.46 -10.35 7.03
C THR G 149 13.28 -9.17 6.47
N ALA G 150 12.72 -8.44 5.49
CA ALA G 150 13.49 -7.38 4.83
C ALA G 150 13.67 -6.23 5.78
N SER G 151 12.65 -5.96 6.60
CA SER G 151 12.71 -4.86 7.53
C SER G 151 13.68 -5.20 8.69
N ALA G 152 13.82 -6.48 9.03
CA ALA G 152 14.92 -6.86 9.96
C ALA G 152 16.30 -6.67 9.33
N LEU G 153 16.51 -7.13 8.10
CA LEU G 153 17.77 -6.81 7.41
C LEU G 153 18.00 -5.27 7.39
N ALA G 154 16.96 -4.49 7.07
CA ALA G 154 17.12 -3.02 7.05
C ALA G 154 17.54 -2.48 8.43
N HIS G 155 16.93 -3.00 9.50
CA HIS G 155 17.30 -2.59 10.83
C HIS G 155 18.79 -2.80 11.15
N ALA G 156 19.31 -3.97 10.76
CA ALA G 156 20.70 -4.32 10.96
C ALA G 156 21.63 -3.30 10.28
N VAL G 157 21.25 -2.82 9.09
CA VAL G 157 22.05 -1.80 8.41
C VAL G 157 21.92 -0.45 9.08
N GLN G 158 20.70 -0.02 9.36
CA GLN G 158 20.45 1.31 9.95
C GLN G 158 21.10 1.43 11.32
N SER G 159 21.09 0.33 12.08
CA SER G 159 21.62 0.35 13.44
C SER G 159 23.14 0.20 13.44
N GLY G 160 23.74 0.02 12.27
CA GLY G 160 25.20 -0.12 12.13
C GLY G 160 25.78 -1.47 12.58
N LYS G 161 24.94 -2.52 12.58
CA LYS G 161 25.39 -3.89 12.91
C LYS G 161 25.79 -4.69 11.69
N ALA G 162 25.43 -4.19 10.49
CA ALA G 162 25.80 -4.85 9.25
C ALA G 162 26.05 -3.75 8.21
N LEU G 163 27.10 -3.85 7.40
CA LEU G 163 27.31 -2.83 6.38
C LEU G 163 26.34 -3.05 5.20
N TYR G 164 26.21 -4.33 4.82
CA TYR G 164 25.48 -4.77 3.62
C TYR G 164 24.64 -5.97 4.00
N VAL G 165 23.65 -6.27 3.16
CA VAL G 165 22.84 -7.47 3.43
C VAL G 165 22.75 -8.37 2.20
N GLY G 166 22.51 -9.63 2.49
CA GLY G 166 22.56 -10.71 1.51
C GLY G 166 21.35 -11.65 1.72
N ILE G 167 21.05 -12.46 0.71
CA ILE G 167 20.12 -13.56 0.91
C ILE G 167 20.72 -14.84 0.36
N SER G 168 20.17 -15.99 0.76
CA SER G 168 20.73 -17.24 0.37
C SER G 168 19.58 -18.20 0.03
N SER G 169 19.71 -18.86 -1.12
CA SER G 169 18.75 -19.87 -1.56
C SER G 169 17.29 -19.40 -1.74
N TYR G 170 17.13 -18.18 -2.25
CA TYR G 170 15.83 -17.61 -2.58
C TYR G 170 15.60 -17.81 -4.09
N SER G 171 14.40 -18.21 -4.50
CA SER G 171 14.09 -18.31 -5.95
C SER G 171 14.27 -16.94 -6.64
N PRO G 172 14.28 -16.89 -8.01
CA PRO G 172 14.24 -15.57 -8.67
C PRO G 172 13.10 -14.68 -8.21
N GLU G 173 11.88 -15.22 -8.07
CA GLU G 173 10.72 -14.38 -7.76
C GLU G 173 10.89 -13.82 -6.37
N ARG G 174 11.31 -14.69 -5.42
CA ARG G 174 11.49 -14.18 -4.04
C ARG G 174 12.64 -13.16 -3.89
N THR G 175 13.67 -13.36 -4.69
CA THR G 175 14.85 -12.47 -4.77
C THR G 175 14.40 -11.12 -5.28
N GLN G 176 13.56 -11.15 -6.32
CA GLN G 176 13.03 -9.90 -6.87
C GLN G 176 12.22 -9.12 -5.85
N LYS G 177 11.34 -9.81 -5.13
CA LYS G 177 10.58 -9.20 -4.08
C LYS G 177 11.46 -8.64 -2.94
N MET G 178 12.48 -9.39 -2.53
CA MET G 178 13.40 -8.87 -1.49
C MET G 178 14.08 -7.56 -1.97
N VAL G 179 14.55 -7.53 -3.22
CA VAL G 179 15.19 -6.31 -3.80
C VAL G 179 14.24 -5.15 -3.66
N GLU G 180 12.96 -5.32 -4.04
CA GLU G 180 12.02 -4.19 -4.00
C GLU G 180 11.75 -3.75 -2.56
N LEU G 181 11.65 -4.71 -1.66
CA LEU G 181 11.30 -4.37 -0.26
C LEU G 181 12.48 -3.59 0.37
N LEU G 182 13.70 -4.05 0.10
CA LEU G 182 14.91 -3.36 0.62
C LEU G 182 15.07 -1.99 -0.04
N ARG G 183 14.77 -1.90 -1.33
CA ARG G 183 14.67 -0.56 -1.99
C ARG G 183 13.76 0.47 -1.30
N GLU G 184 12.67 0.02 -0.68
CA GLU G 184 11.84 0.88 0.15
C GLU G 184 12.60 1.55 1.28
N TRP G 185 13.64 0.86 1.75
CA TRP G 185 14.43 1.40 2.84
C TRP G 185 15.70 2.05 2.26
N LYS G 186 15.78 2.20 0.94
CA LYS G 186 16.96 2.76 0.29
C LYS G 186 18.21 1.89 0.51
N ILE G 187 18.03 0.57 0.60
CA ILE G 187 19.16 -0.34 0.69
C ILE G 187 19.20 -1.28 -0.50
N PRO G 188 20.36 -1.37 -1.14
CA PRO G 188 20.41 -2.36 -2.17
C PRO G 188 20.74 -3.73 -1.63
N LEU G 189 20.05 -4.75 -2.13
CA LEU G 189 20.51 -6.13 -1.91
C LEU G 189 21.91 -6.32 -2.49
N LEU G 190 22.88 -6.71 -1.64
CA LEU G 190 24.24 -6.80 -2.13
C LEU G 190 24.48 -8.06 -2.96
N ILE G 191 23.98 -9.19 -2.45
CA ILE G 191 24.57 -10.47 -2.86
C ILE G 191 23.60 -11.61 -2.59
N HIS G 192 23.67 -12.61 -3.45
CA HIS G 192 22.83 -13.83 -3.31
C HIS G 192 23.76 -15.01 -3.22
N GLN G 193 23.52 -15.90 -2.24
CA GLN G 193 24.40 -17.06 -2.16
C GLN G 193 23.61 -18.36 -2.44
N PRO G 194 23.67 -18.85 -3.70
CA PRO G 194 23.06 -20.14 -4.02
C PRO G 194 24.09 -21.28 -4.06
N SER G 195 23.61 -22.52 -3.91
CA SER G 195 24.40 -23.65 -4.36
C SER G 195 24.52 -23.65 -5.86
N TYR G 196 25.74 -23.81 -6.36
CA TYR G 196 25.99 -23.71 -7.77
C TYR G 196 27.33 -24.36 -8.11
N ASN G 197 27.29 -25.27 -9.07
CA ASN G 197 28.48 -25.97 -9.51
C ASN G 197 28.11 -26.65 -10.85
N LEU G 198 29.14 -27.18 -11.54
CA LEU G 198 29.01 -28.04 -12.74
C LEU G 198 27.79 -28.97 -12.76
N LEU G 199 27.50 -29.58 -11.63
CA LEU G 199 26.46 -30.61 -11.53
C LEU G 199 25.16 -30.08 -10.92
N ASN G 200 25.06 -28.78 -10.70
CA ASN G 200 23.82 -28.21 -10.17
C ASN G 200 23.62 -26.80 -10.73
N ARG G 201 22.88 -26.69 -11.82
CA ARG G 201 22.70 -25.40 -12.48
C ARG G 201 21.31 -24.85 -12.32
N TRP G 202 20.64 -25.21 -11.24
CA TRP G 202 19.39 -24.55 -10.93
C TRP G 202 19.46 -23.01 -11.13
N VAL G 203 20.56 -22.36 -10.77
CA VAL G 203 20.55 -20.87 -10.82
C VAL G 203 20.48 -20.37 -12.25
N ASP G 204 21.03 -21.16 -13.17
CA ASP G 204 21.03 -20.75 -14.57
C ASP G 204 19.63 -21.02 -15.19
N LYS G 205 19.14 -22.25 -15.03
CA LYS G 205 17.84 -22.68 -15.56
C LYS G 205 16.61 -21.97 -14.99
N SER G 206 16.66 -21.63 -13.70
CA SER G 206 15.56 -20.93 -13.04
C SER G 206 15.39 -19.49 -13.50
N GLY G 207 16.43 -18.96 -14.14
CA GLY G 207 16.52 -17.54 -14.47
C GLY G 207 17.18 -16.70 -13.34
N LEU G 208 17.66 -17.35 -12.28
CA LEU G 208 18.29 -16.56 -11.18
C LEU G 208 19.39 -15.62 -11.63
N LEU G 209 20.34 -16.08 -12.41
CA LEU G 209 21.43 -15.22 -12.79
C LEU G 209 20.95 -13.98 -13.55
N ASP G 210 19.92 -14.16 -14.41
CA ASP G 210 19.31 -13.02 -15.04
C ASP G 210 18.70 -12.07 -14.04
N THR G 211 17.94 -12.59 -13.07
CA THR G 211 17.38 -11.75 -12.03
C THR G 211 18.52 -11.02 -11.28
N LEU G 212 19.61 -11.72 -10.96
CA LEU G 212 20.71 -11.03 -10.24
C LEU G 212 21.33 -9.91 -11.09
N GLN G 213 21.63 -10.22 -12.34
CA GLN G 213 22.20 -9.23 -13.27
C GLN G 213 21.30 -7.99 -13.43
N ASN G 214 20.02 -8.24 -13.60
CA ASN G 214 19.06 -7.15 -13.79
C ASN G 214 18.79 -6.28 -12.58
N ASN G 215 19.26 -6.72 -11.41
CA ASN G 215 19.06 -5.95 -10.20
C ASN G 215 20.41 -5.55 -9.57
N GLY G 216 21.51 -5.86 -10.27
CA GLY G 216 22.82 -5.42 -9.79
C GLY G 216 23.30 -6.19 -8.58
N VAL G 217 22.82 -7.43 -8.42
CA VAL G 217 23.13 -8.21 -7.20
C VAL G 217 24.27 -9.21 -7.50
N GLY G 218 25.22 -9.38 -6.58
CA GLY G 218 26.29 -10.32 -6.85
C GLY G 218 25.89 -11.77 -6.63
N CYS G 219 26.80 -12.67 -6.96
CA CYS G 219 26.51 -14.08 -6.79
C CYS G 219 27.73 -14.82 -6.25
N ILE G 220 27.58 -15.53 -5.12
CA ILE G 220 28.74 -16.28 -4.60
C ILE G 220 28.33 -17.74 -4.48
N ALA G 221 29.05 -18.62 -5.16
CA ALA G 221 28.59 -20.00 -5.36
C ALA G 221 28.91 -20.79 -4.11
N PHE G 222 27.92 -21.46 -3.54
CA PHE G 222 28.11 -22.34 -2.38
C PHE G 222 28.27 -23.79 -2.91
N THR G 223 29.07 -24.61 -2.21
CA THR G 223 29.46 -25.93 -2.69
C THR G 223 29.89 -25.95 -4.15
N PRO G 224 30.91 -25.15 -4.51
CA PRO G 224 31.36 -25.11 -5.89
C PRO G 224 32.02 -26.45 -6.28
N LEU G 225 32.38 -27.25 -5.27
CA LEU G 225 33.01 -28.56 -5.54
C LEU G 225 32.04 -29.70 -5.33
N ALA G 226 30.76 -29.35 -5.20
CA ALA G 226 29.68 -30.33 -5.03
C ALA G 226 30.01 -31.33 -3.93
N GLN G 227 30.53 -30.81 -2.81
CA GLN G 227 30.99 -31.64 -1.70
C GLN G 227 31.82 -32.85 -2.11
N GLY G 228 32.89 -32.64 -2.87
CA GLY G 228 33.80 -33.73 -3.15
C GLY G 228 33.60 -34.46 -4.47
N LEU G 229 32.35 -34.51 -4.96
CA LEU G 229 32.06 -35.07 -6.28
C LEU G 229 32.92 -34.50 -7.41
N LEU G 230 33.29 -33.23 -7.31
CA LEU G 230 34.11 -32.61 -8.36
C LEU G 230 35.56 -32.45 -7.90
N THR G 231 36.06 -33.42 -7.13
CA THR G 231 37.48 -33.40 -6.70
C THR G 231 38.27 -34.65 -7.09
N GLY G 232 37.60 -35.69 -7.54
CA GLY G 232 38.30 -36.95 -7.78
C GLY G 232 38.62 -37.69 -6.50
N LYS G 233 38.02 -37.26 -5.39
CA LYS G 233 38.01 -38.06 -4.17
C LYS G 233 37.28 -39.37 -4.42
N TYR G 234 36.71 -39.53 -5.63
CA TYR G 234 35.90 -40.71 -5.96
C TYR G 234 36.39 -41.59 -7.11
N LEU G 235 37.25 -41.05 -7.97
CA LEU G 235 37.61 -41.72 -9.24
C LEU G 235 38.17 -43.13 -9.07
N THR G 260 26.39 -44.43 -9.38
CA THR G 260 26.29 -45.54 -10.33
C THR G 260 27.62 -45.80 -11.03
N GLU G 261 27.58 -46.60 -12.10
CA GLU G 261 28.77 -46.90 -12.90
C GLU G 261 28.89 -45.93 -14.08
N ALA G 262 27.73 -45.47 -14.57
CA ALA G 262 27.67 -44.39 -15.56
C ALA G 262 28.05 -43.03 -14.93
N ASN G 263 27.63 -42.83 -13.68
CA ASN G 263 28.20 -41.79 -12.83
C ASN G 263 29.74 -41.83 -12.84
N LEU G 264 30.32 -42.78 -12.11
CA LEU G 264 31.77 -42.83 -12.00
C LEU G 264 32.48 -42.62 -13.33
N ASN G 265 31.92 -43.20 -14.38
CA ASN G 265 32.59 -43.20 -15.66
C ASN G 265 32.68 -41.81 -16.28
N SER G 266 31.62 -41.01 -16.11
CA SER G 266 31.58 -39.63 -16.60
C SER G 266 32.49 -38.70 -15.81
N LEU G 267 32.58 -38.91 -14.50
CA LEU G 267 33.56 -38.22 -13.67
C LEU G 267 35.00 -38.44 -14.15
N ARG G 268 35.35 -39.68 -14.51
CA ARG G 268 36.68 -39.97 -15.07
C ARG G 268 36.92 -39.22 -16.37
N LEU G 269 35.84 -39.00 -17.12
CA LEU G 269 35.95 -38.34 -18.41
C LEU G 269 36.08 -36.82 -18.24
N LEU G 270 35.33 -36.26 -17.30
CA LEU G 270 35.51 -34.87 -16.90
C LEU G 270 36.91 -34.68 -16.32
N ASN G 271 37.38 -35.65 -15.53
CA ASN G 271 38.72 -35.55 -14.97
C ASN G 271 39.86 -35.53 -16.01
N GLU G 272 39.70 -36.26 -17.11
CA GLU G 272 40.71 -36.23 -18.19
C GLU G 272 40.69 -34.92 -18.97
N MET G 273 39.50 -34.37 -19.17
CA MET G 273 39.37 -33.01 -19.73
C MET G 273 40.18 -32.05 -18.87
N ALA G 274 40.02 -32.18 -17.56
CA ALA G 274 40.79 -31.36 -16.62
C ALA G 274 42.29 -31.58 -16.85
N GLN G 275 42.71 -32.84 -16.96
CA GLN G 275 44.13 -33.13 -17.23
C GLN G 275 44.63 -32.47 -18.51
N GLN G 276 43.78 -32.46 -19.55
CA GLN G 276 44.16 -31.81 -20.81
C GLN G 276 44.43 -30.33 -20.61
N ARG G 277 43.61 -29.70 -19.76
CA ARG G 277 43.69 -28.25 -19.59
C ARG G 277 44.83 -27.90 -18.66
N GLY G 278 45.54 -28.92 -18.17
CA GLY G 278 46.61 -28.68 -17.19
C GLY G 278 46.12 -28.45 -15.76
N GLN G 279 44.93 -28.98 -15.44
CA GLN G 279 44.24 -28.72 -14.18
C GLN G 279 43.83 -30.00 -13.47
N SER G 280 43.77 -29.94 -12.15
CA SER G 280 43.06 -30.95 -11.40
C SER G 280 41.58 -30.79 -11.61
N MET G 281 40.83 -31.79 -11.21
CA MET G 281 39.41 -31.77 -11.39
C MET G 281 38.76 -30.60 -10.61
N ALA G 282 39.16 -30.43 -9.33
CA ALA G 282 38.63 -29.31 -8.53
C ALA G 282 38.95 -27.98 -9.17
N GLN G 283 40.15 -27.84 -9.74
CA GLN G 283 40.52 -26.56 -10.35
C GLN G 283 39.66 -26.23 -11.57
N MET G 284 39.40 -27.24 -12.41
CA MET G 284 38.55 -27.04 -13.59
C MET G 284 37.14 -26.68 -13.16
N ALA G 285 36.66 -27.37 -12.14
CA ALA G 285 35.34 -27.09 -11.58
C ALA G 285 35.17 -25.63 -11.08
N LEU G 286 36.23 -25.08 -10.50
CA LEU G 286 36.20 -23.69 -10.02
C LEU G 286 36.39 -22.74 -11.19
N SER G 287 37.34 -23.09 -12.09
CA SER G 287 37.56 -22.29 -13.28
C SER G 287 36.27 -22.17 -14.08
N TRP G 288 35.50 -23.25 -14.09
CA TRP G 288 34.20 -23.29 -14.81
C TRP G 288 33.24 -22.22 -14.32
N LEU G 289 33.08 -22.15 -12.99
CA LEU G 289 32.19 -21.15 -12.39
C LEU G 289 32.68 -19.75 -12.67
N LEU G 290 33.99 -19.56 -12.68
CA LEU G 290 34.60 -18.25 -12.83
C LEU G 290 34.95 -17.89 -14.29
N LYS G 291 34.43 -18.68 -15.25
CA LYS G 291 34.83 -18.53 -16.67
C LYS G 291 34.40 -17.19 -17.26
N ASP G 292 33.32 -16.63 -16.69
CA ASP G 292 32.76 -15.35 -17.13
C ASP G 292 32.37 -14.51 -15.90
N ASP G 293 31.72 -13.38 -16.14
CA ASP G 293 31.46 -12.44 -15.05
C ASP G 293 30.22 -12.73 -14.25
N ARG G 294 29.60 -13.88 -14.44
CA ARG G 294 28.28 -14.10 -13.85
C ARG G 294 28.34 -14.57 -12.37
N VAL G 295 29.52 -14.92 -11.93
CA VAL G 295 29.71 -15.41 -10.56
C VAL G 295 30.80 -14.47 -9.97
N THR G 296 30.46 -13.86 -8.85
CA THR G 296 31.35 -12.90 -8.19
C THR G 296 32.48 -13.66 -7.50
N SER G 297 32.15 -14.84 -6.92
CA SER G 297 33.15 -15.57 -6.14
C SER G 297 32.67 -17.01 -5.96
N VAL G 298 33.59 -17.92 -5.59
CA VAL G 298 33.20 -19.30 -5.25
C VAL G 298 33.66 -19.57 -3.83
N LEU G 299 32.77 -20.16 -3.01
CA LEU G 299 33.14 -20.44 -1.60
C LEU G 299 33.85 -21.78 -1.48
N ILE G 300 35.11 -21.73 -1.03
CA ILE G 300 35.92 -22.92 -0.81
C ILE G 300 35.89 -23.29 0.68
N GLY G 301 35.57 -24.53 0.97
CA GLY G 301 35.53 -24.96 2.36
C GLY G 301 36.74 -25.80 2.72
N ALA G 302 37.91 -25.19 2.77
CA ALA G 302 39.16 -25.94 3.08
C ALA G 302 39.32 -26.62 4.45
N SER G 303 39.90 -27.82 4.48
CA SER G 303 40.30 -28.46 5.76
C SER G 303 41.78 -28.42 6.05
N ARG G 304 42.59 -27.98 5.08
CA ARG G 304 43.99 -27.71 5.35
C ARG G 304 44.51 -26.62 4.43
N ALA G 305 45.61 -25.99 4.82
CA ALA G 305 46.17 -24.86 4.04
C ALA G 305 46.49 -25.22 2.60
N GLU G 306 47.00 -26.43 2.37
CA GLU G 306 47.41 -26.88 1.04
C GLU G 306 46.27 -26.86 0.03
N GLN G 307 45.07 -27.16 0.50
CA GLN G 307 43.94 -27.15 -0.40
C GLN G 307 43.74 -25.78 -0.99
N LEU G 308 44.00 -24.74 -0.17
CA LEU G 308 43.85 -23.37 -0.66
C LEU G 308 44.85 -23.08 -1.76
N GLU G 309 46.11 -23.44 -1.52
CA GLU G 309 47.19 -23.11 -2.45
CA GLU G 309 47.19 -23.11 -2.44
C GLU G 309 46.88 -23.77 -3.79
N GLU G 310 46.30 -24.95 -3.75
CA GLU G 310 45.95 -25.66 -4.97
C GLU G 310 44.73 -25.02 -5.63
N ASN G 311 43.67 -24.77 -4.86
CA ASN G 311 42.44 -24.23 -5.45
C ASN G 311 42.64 -22.86 -6.13
N VAL G 312 43.46 -21.98 -5.56
CA VAL G 312 43.60 -20.61 -6.11
C VAL G 312 44.28 -20.65 -7.48
N GLN G 313 44.95 -21.77 -7.79
CA GLN G 313 45.60 -21.87 -9.10
CA GLN G 313 45.59 -21.97 -9.11
C GLN G 313 44.56 -22.01 -10.22
N ALA G 314 43.30 -22.21 -9.84
CA ALA G 314 42.23 -22.22 -10.83
C ALA G 314 42.25 -20.94 -11.68
N LEU G 315 42.73 -19.84 -11.10
CA LEU G 315 42.73 -18.53 -11.75
C LEU G 315 43.71 -18.42 -12.92
N ASN G 316 44.66 -19.36 -12.98
CA ASN G 316 45.65 -19.44 -14.05
C ASN G 316 45.07 -19.87 -15.40
N ASN G 317 43.85 -20.42 -15.39
CA ASN G 317 43.19 -20.89 -16.63
C ASN G 317 41.66 -20.83 -16.50
N LEU G 318 41.11 -19.66 -16.82
CA LEU G 318 39.69 -19.42 -16.73
C LEU G 318 39.04 -19.46 -18.11
N THR G 319 39.75 -20.03 -19.09
CA THR G 319 39.27 -20.04 -20.47
C THR G 319 38.82 -21.42 -20.96
N PHE G 320 37.57 -21.45 -21.45
CA PHE G 320 36.98 -22.64 -22.05
C PHE G 320 36.51 -22.34 -23.48
N SER G 321 36.97 -23.14 -24.44
CA SER G 321 36.43 -23.09 -25.80
C SER G 321 34.95 -23.52 -25.79
N THR G 322 34.14 -22.94 -26.69
CA THR G 322 32.72 -23.36 -26.86
C THR G 322 32.54 -24.88 -26.99
N LYS G 323 33.57 -25.55 -27.52
CA LYS G 323 33.62 -27.03 -27.67
C LYS G 323 33.85 -27.76 -26.34
N GLU G 324 34.85 -27.30 -25.58
CA GLU G 324 35.05 -27.71 -24.17
C GLU G 324 33.74 -27.65 -23.42
N LEU G 325 33.05 -26.53 -23.51
CA LEU G 325 31.79 -26.36 -22.79
C LEU G 325 30.75 -27.42 -23.15
N ALA G 326 30.50 -27.62 -24.45
CA ALA G 326 29.51 -28.60 -24.94
C ALA G 326 29.93 -30.01 -24.53
N GLN G 327 31.22 -30.26 -24.73
CA GLN G 327 31.88 -31.49 -24.33
C GLN G 327 31.66 -31.82 -22.84
N ILE G 328 31.79 -30.80 -21.98
CA ILE G 328 31.51 -30.97 -20.55
C ILE G 328 30.04 -31.31 -20.27
N ASP G 329 29.10 -30.56 -20.84
CA ASP G 329 27.69 -30.90 -20.65
C ASP G 329 27.36 -32.29 -21.20
N GLN G 330 27.92 -32.61 -22.37
CA GLN G 330 27.85 -33.97 -22.93
C GLN G 330 28.09 -35.06 -21.86
N HIS G 331 29.26 -35.08 -21.23
CA HIS G 331 29.57 -36.13 -20.24
C HIS G 331 28.64 -36.11 -19.02
N ILE G 332 28.13 -34.92 -18.68
CA ILE G 332 27.17 -34.78 -17.59
C ILE G 332 25.77 -35.27 -18.01
N ALA G 333 25.41 -34.97 -19.27
CA ALA G 333 24.31 -35.64 -19.95
C ALA G 333 24.44 -37.17 -19.90
N ASP G 334 25.50 -37.71 -20.50
CA ASP G 334 25.69 -39.18 -20.59
C ASP G 334 25.75 -39.87 -19.24
N GLY G 335 26.59 -39.36 -18.34
CA GLY G 335 26.54 -39.77 -16.93
C GLY G 335 25.20 -39.33 -16.37
N GLU G 336 24.85 -39.81 -15.20
CA GLU G 336 23.58 -39.40 -14.61
C GLU G 336 23.75 -38.16 -13.71
N LEU G 337 24.90 -37.48 -13.86
CA LEU G 337 25.39 -36.54 -12.83
C LEU G 337 24.52 -35.27 -12.76
N ASN G 338 24.06 -34.93 -11.56
CA ASN G 338 22.96 -33.97 -11.31
C ASN G 338 22.09 -34.49 -10.18
N VAL H 2 21.73 -23.79 39.59
CA VAL H 2 21.64 -23.90 38.10
C VAL H 2 20.35 -24.61 37.80
N TRP H 3 19.53 -23.97 36.98
CA TRP H 3 18.23 -24.55 36.60
C TRP H 3 18.21 -24.89 35.13
N LEU H 4 17.90 -26.15 34.85
CA LEU H 4 17.85 -26.67 33.50
C LEU H 4 16.35 -26.84 33.14
N ALA H 5 15.91 -26.16 32.09
CA ALA H 5 14.50 -26.21 31.73
C ALA H 5 14.19 -27.59 31.14
N ASN H 6 12.92 -27.96 31.18
CA ASN H 6 12.50 -29.27 30.64
C ASN H 6 12.92 -29.43 29.16
N PRO H 7 13.74 -30.42 28.82
CA PRO H 7 14.19 -30.52 27.44
C PRO H 7 13.05 -30.82 26.45
N GLU H 8 11.91 -31.26 26.97
CA GLU H 8 10.74 -31.55 26.13
C GLU H 8 9.74 -30.41 26.07
N ARG H 9 10.11 -29.23 26.56
CA ARG H 9 9.16 -28.13 26.69
C ARG H 9 8.50 -27.74 25.36
N TYR H 10 9.16 -27.98 24.23
CA TYR H 10 8.55 -27.59 22.94
C TYR H 10 7.81 -28.73 22.26
N GLY H 11 7.64 -29.83 22.99
CA GLY H 11 7.17 -31.05 22.33
C GLY H 11 5.66 -31.13 22.26
N GLN H 12 4.95 -30.41 23.13
CA GLN H 12 3.50 -30.56 23.16
C GLN H 12 2.69 -29.26 23.03
N MET H 13 3.24 -28.12 23.44
CA MET H 13 2.55 -26.86 23.30
C MET H 13 2.24 -26.52 21.82
N GLN H 14 1.13 -25.86 21.60
CA GLN H 14 0.74 -25.45 20.24
C GLN H 14 1.12 -23.97 20.08
N TYR H 15 1.80 -23.65 18.99
CA TYR H 15 2.19 -22.27 18.69
C TYR H 15 1.34 -21.79 17.53
N ARG H 16 0.94 -20.51 17.55
CA ARG H 16 0.16 -19.93 16.48
C ARG H 16 0.91 -18.72 15.97
N TYR H 17 1.05 -18.62 14.65
CA TYR H 17 1.54 -17.38 14.09
C TYR H 17 0.69 -16.21 14.49
N CYS H 18 1.34 -15.10 14.83
CA CYS H 18 0.60 -13.94 15.31
C CYS H 18 0.17 -13.04 14.11
N GLY H 19 -1.11 -13.09 13.73
CA GLY H 19 -1.56 -12.32 12.56
C GLY H 19 -0.85 -12.77 11.32
N LYS H 20 -0.38 -11.82 10.52
CA LYS H 20 0.37 -12.10 9.30
C LYS H 20 1.87 -12.19 9.58
N SER H 21 2.29 -11.93 10.82
CA SER H 21 3.72 -11.91 11.16
C SER H 21 4.36 -13.30 11.14
N GLY H 22 5.68 -13.36 11.24
CA GLY H 22 6.34 -14.62 11.42
C GLY H 22 6.58 -15.00 12.88
N LEU H 23 6.04 -14.22 13.82
CA LEU H 23 6.22 -14.51 15.26
C LEU H 23 5.16 -15.50 15.77
N ARG H 24 5.62 -16.62 16.27
CA ARG H 24 4.72 -17.60 16.87
C ARG H 24 4.56 -17.47 18.36
N LEU H 25 3.34 -17.19 18.80
CA LEU H 25 3.03 -17.21 20.21
C LEU H 25 2.52 -18.57 20.67
N PRO H 26 2.76 -18.92 21.94
CA PRO H 26 2.12 -20.13 22.46
C PRO H 26 0.62 -19.88 22.59
N ALA H 27 -0.17 -20.93 22.40
CA ALA H 27 -1.63 -20.82 22.45
C ALA H 27 -2.12 -20.34 23.79
N LEU H 28 -1.38 -20.68 24.84
CA LEU H 28 -1.57 -20.06 26.14
C LEU H 28 -0.31 -19.27 26.53
N SER H 29 -0.51 -18.03 26.95
CA SER H 29 0.57 -17.15 27.44
C SER H 29 0.40 -16.93 28.91
N LEU H 30 1.50 -16.59 29.61
CA LEU H 30 1.41 -16.22 31.00
C LEU H 30 1.30 -14.74 31.16
N GLY H 31 0.31 -14.30 31.92
CA GLY H 31 0.14 -12.89 32.29
C GLY H 31 0.54 -12.64 33.74
N LEU H 32 1.08 -11.44 34.00
CA LEU H 32 1.67 -11.12 35.31
C LEU H 32 0.90 -9.99 36.00
N TRP H 33 -0.35 -9.79 35.59
CA TRP H 33 -1.22 -8.77 36.20
C TRP H 33 -1.31 -8.90 37.73
N HIS H 34 -1.53 -10.11 38.22
CA HIS H 34 -1.49 -10.38 39.65
C HIS H 34 -0.47 -11.44 39.96
N ASN H 35 -0.09 -11.54 41.23
CA ASN H 35 0.70 -12.67 41.75
C ASN H 35 2.22 -12.42 41.68
N PHE H 36 2.63 -11.30 41.06
CA PHE H 36 4.05 -11.03 40.88
C PHE H 36 4.45 -9.70 41.51
N GLY H 37 3.60 -9.21 42.43
CA GLY H 37 3.91 -8.00 43.17
C GLY H 37 4.90 -8.18 44.32
N HIS H 38 5.21 -7.08 45.03
CA HIS H 38 6.01 -7.16 46.26
C HIS H 38 5.17 -7.76 47.41
N VAL H 39 3.87 -7.86 47.21
CA VAL H 39 2.99 -8.57 48.14
C VAL H 39 2.98 -10.10 47.96
N ASN H 40 3.69 -10.62 46.95
CA ASN H 40 3.72 -12.06 46.66
C ASN H 40 5.15 -12.59 46.90
N ALA H 41 5.32 -13.61 47.75
CA ALA H 41 6.66 -14.21 47.88
C ALA H 41 7.31 -14.55 46.54
N LEU H 42 8.60 -14.25 46.44
CA LEU H 42 9.30 -14.57 45.23
C LEU H 42 9.36 -16.06 44.93
N GLU H 43 9.45 -16.88 45.96
CA GLU H 43 9.50 -18.33 45.66
C GLU H 43 8.23 -18.84 44.91
N SER H 44 7.06 -18.34 45.28
CA SER H 44 5.87 -18.73 44.52
C SER H 44 5.93 -18.22 43.07
N GLN H 45 6.45 -17.01 42.88
CA GLN H 45 6.58 -16.44 41.52
C GLN H 45 7.54 -17.32 40.71
N ARG H 46 8.65 -17.73 41.32
CA ARG H 46 9.66 -18.52 40.62
C ARG H 46 9.09 -19.83 40.12
N ALA H 47 8.26 -20.46 40.96
CA ALA H 47 7.68 -21.76 40.57
C ALA H 47 6.72 -21.60 39.38
N ILE H 48 5.97 -20.50 39.35
CA ILE H 48 5.03 -20.21 38.24
C ILE H 48 5.85 -20.03 36.94
N LEU H 49 6.90 -19.17 36.99
CA LEU H 49 7.63 -18.92 35.73
C LEU H 49 8.26 -20.19 35.21
N ARG H 50 8.92 -20.95 36.09
CA ARG H 50 9.59 -22.16 35.65
C ARG H 50 8.64 -23.16 35.01
N LYS H 51 7.48 -23.34 35.65
CA LYS H 51 6.49 -24.29 35.14
C LYS H 51 6.00 -23.80 33.79
N ALA H 52 5.72 -22.50 33.66
CA ALA H 52 5.27 -21.99 32.36
C ALA H 52 6.27 -22.31 31.27
N PHE H 53 7.55 -21.98 31.48
CA PHE H 53 8.55 -22.27 30.45
C PHE H 53 8.68 -23.78 30.22
N ASP H 54 8.54 -24.59 31.29
CA ASP H 54 8.66 -26.04 31.14
C ASP H 54 7.49 -26.65 30.33
N LEU H 55 6.38 -25.96 30.32
CA LEU H 55 5.23 -26.42 29.52
C LEU H 55 5.31 -25.87 28.11
N GLY H 56 6.31 -25.05 27.81
CA GLY H 56 6.40 -24.45 26.45
C GLY H 56 5.76 -23.08 26.30
N ILE H 57 5.35 -22.49 27.43
CA ILE H 57 4.82 -21.14 27.40
C ILE H 57 6.01 -20.15 27.33
N THR H 58 6.16 -19.50 26.18
CA THR H 58 7.35 -18.69 25.90
C THR H 58 7.04 -17.20 26.01
N HIS H 59 5.76 -16.87 26.23
CA HIS H 59 5.30 -15.49 26.26
C HIS H 59 4.81 -15.07 27.64
N PHE H 60 5.44 -13.98 28.13
CA PHE H 60 5.28 -13.42 29.45
C PHE H 60 4.86 -12.00 29.28
N ASP H 61 3.69 -11.71 29.80
CA ASP H 61 3.04 -10.48 29.45
C ASP H 61 2.96 -9.63 30.68
N LEU H 62 3.59 -8.44 30.60
CA LEU H 62 3.64 -7.51 31.69
C LEU H 62 3.07 -6.14 31.28
N ALA H 63 3.03 -5.24 32.25
CA ALA H 63 2.72 -3.81 32.05
C ALA H 63 3.39 -3.01 33.13
N ASN H 64 3.58 -1.71 32.87
CA ASN H 64 4.27 -0.90 33.86
C ASN H 64 3.66 -0.96 35.24
N ASN H 65 2.33 -0.94 35.33
CA ASN H 65 1.74 -0.76 36.65
C ASN H 65 1.39 -2.09 37.37
N TYR H 66 1.81 -3.22 36.80
CA TYR H 66 1.51 -4.55 37.37
C TYR H 66 2.21 -4.67 38.71
N GLY H 67 1.54 -5.30 39.68
CA GLY H 67 2.07 -5.35 41.05
C GLY H 67 1.07 -6.11 41.91
N PRO H 68 0.72 -5.53 43.06
CA PRO H 68 1.12 -4.21 43.49
C PRO H 68 2.39 -4.29 44.33
N PRO H 69 3.08 -3.16 44.52
CA PRO H 69 2.74 -1.87 43.92
C PRO H 69 3.26 -1.72 42.48
N PRO H 70 2.86 -0.64 41.77
CA PRO H 70 3.17 -0.52 40.35
C PRO H 70 4.67 -0.69 40.09
N GLY H 71 5.03 -1.47 39.08
CA GLY H 71 6.43 -1.63 38.73
C GLY H 71 7.03 -2.86 39.36
N SER H 72 6.41 -3.37 40.42
CA SER H 72 7.06 -4.46 41.15
C SER H 72 7.01 -5.77 40.38
N ALA H 73 6.02 -5.98 39.52
CA ALA H 73 6.01 -7.21 38.72
C ALA H 73 7.16 -7.23 37.72
N GLU H 74 7.38 -6.11 37.03
CA GLU H 74 8.59 -5.91 36.18
C GLU H 74 9.88 -6.12 37.00
N GLU H 75 10.00 -5.55 38.20
CA GLU H 75 11.23 -5.74 39.01
C GLU H 75 11.46 -7.22 39.34
N ASN H 76 10.39 -7.86 39.84
CA ASN H 76 10.49 -9.24 40.27
C ASN H 76 10.75 -10.17 39.10
N PHE H 77 10.05 -9.91 38.00
CA PHE H 77 10.34 -10.65 36.75
C PHE H 77 11.82 -10.48 36.34
N GLY H 78 12.30 -9.24 36.35
CA GLY H 78 13.70 -8.97 36.00
C GLY H 78 14.68 -9.73 36.90
N ARG H 79 14.38 -9.81 38.19
CA ARG H 79 15.22 -10.63 39.08
C ARG H 79 15.23 -12.11 38.73
N LEU H 80 14.05 -12.69 38.51
CA LEU H 80 13.95 -14.08 38.09
C LEU H 80 14.56 -14.35 36.72
N LEU H 81 14.46 -13.40 35.81
CA LEU H 81 15.10 -13.62 34.51
C LEU H 81 16.61 -13.74 34.71
N ARG H 82 17.19 -12.84 35.49
CA ARG H 82 18.65 -12.92 35.78
C ARG H 82 19.05 -14.21 36.54
N GLU H 83 18.25 -14.64 37.52
CA GLU H 83 18.59 -15.83 38.31
C GLU H 83 18.37 -17.12 37.51
N ASP H 84 17.24 -17.22 36.82
CA ASP H 84 16.82 -18.50 36.25
C ASP H 84 16.86 -18.59 34.73
N PHE H 85 16.76 -17.44 34.06
CA PHE H 85 16.55 -17.44 32.62
C PHE H 85 17.67 -16.71 31.86
N ALA H 86 18.85 -16.61 32.45
CA ALA H 86 19.96 -15.95 31.76
C ALA H 86 20.30 -16.62 30.43
N ALA H 87 20.19 -17.94 30.31
CA ALA H 87 20.52 -18.63 29.07
C ALA H 87 19.38 -18.67 28.05
N TYR H 88 18.20 -18.22 28.48
CA TYR H 88 16.94 -18.52 27.76
C TYR H 88 16.25 -17.22 27.29
N ARG H 89 16.88 -16.06 27.43
CA ARG H 89 16.11 -14.85 27.12
C ARG H 89 15.69 -14.81 25.64
N ASP H 90 16.53 -15.35 24.76
CA ASP H 90 16.18 -15.31 23.32
C ASP H 90 15.14 -16.39 22.90
N GLU H 91 14.76 -17.22 23.86
CA GLU H 91 13.63 -18.12 23.73
C GLU H 91 12.32 -17.53 24.28
N LEU H 92 12.35 -16.30 24.82
CA LEU H 92 11.17 -15.69 25.46
C LEU H 92 10.68 -14.50 24.67
N ILE H 93 9.36 -14.31 24.69
CA ILE H 93 8.76 -13.07 24.18
C ILE H 93 8.22 -12.33 25.37
N ILE H 94 8.82 -11.18 25.67
CA ILE H 94 8.46 -10.41 26.83
C ILE H 94 7.75 -9.11 26.42
N SER H 95 6.59 -8.80 27.01
CA SER H 95 5.96 -7.53 26.67
C SER H 95 5.89 -6.61 27.84
N THR H 96 5.80 -5.32 27.57
CA THR H 96 5.22 -4.41 28.54
C THR H 96 4.38 -3.33 27.86
N LYS H 97 3.84 -2.40 28.64
CA LYS H 97 2.84 -1.48 28.09
C LYS H 97 2.91 -0.27 28.91
N ALA H 98 2.36 0.84 28.38
CA ALA H 98 2.09 2.06 29.14
C ALA H 98 0.76 2.64 28.67
N GLY H 99 -0.03 3.18 29.58
CA GLY H 99 -1.26 3.87 29.20
C GLY H 99 -2.14 4.19 30.38
N TYR H 100 -2.14 3.28 31.36
CA TYR H 100 -2.85 3.54 32.62
C TYR H 100 -2.04 4.38 33.61
N ASP H 101 -2.64 4.64 34.77
CA ASP H 101 -1.99 5.43 35.82
C ASP H 101 -0.76 4.66 36.33
N MET H 102 0.40 5.31 36.33
CA MET H 102 1.65 4.63 36.70
C MET H 102 2.34 5.45 37.76
N TRP H 103 2.55 6.72 37.47
CA TRP H 103 3.13 7.64 38.41
C TRP H 103 2.33 8.96 38.48
N PRO H 104 2.48 9.72 39.57
CA PRO H 104 1.69 10.94 39.80
C PRO H 104 1.89 12.00 38.72
N GLY H 105 0.86 12.82 38.51
CA GLY H 105 0.99 14.00 37.68
C GLY H 105 0.61 13.73 36.22
N PRO H 106 0.69 14.78 35.40
CA PRO H 106 0.18 14.83 34.05
C PRO H 106 0.98 13.99 33.05
N TYR H 107 2.18 13.53 33.43
CA TYR H 107 3.02 12.69 32.51
C TYR H 107 3.02 11.22 32.89
N GLY H 108 2.21 10.84 33.88
CA GLY H 108 2.24 9.47 34.43
C GLY H 108 1.07 8.57 34.01
N SER H 109 0.36 9.00 32.97
CA SER H 109 -0.80 8.30 32.48
C SER H 109 -0.99 8.74 31.03
N GLY H 110 -1.61 7.91 30.20
CA GLY H 110 -2.15 8.40 28.92
C GLY H 110 -1.39 7.93 27.71
N GLY H 111 -1.38 8.75 26.65
CA GLY H 111 -0.80 8.29 25.38
C GLY H 111 0.31 9.19 24.82
N SER H 112 0.80 10.13 25.62
CA SER H 112 1.77 11.15 25.17
C SER H 112 3.17 10.54 24.91
N ARG H 113 3.95 11.22 24.08
CA ARG H 113 5.29 10.73 23.72
C ARG H 113 6.10 10.71 25.01
N LYS H 114 5.96 11.76 25.81
CA LYS H 114 6.66 11.87 27.12
C LYS H 114 6.41 10.65 27.97
N TYR H 115 5.13 10.31 28.18
CA TYR H 115 4.79 9.24 29.11
C TYR H 115 5.26 7.90 28.54
N LEU H 116 5.00 7.65 27.26
CA LEU H 116 5.27 6.33 26.69
C LEU H 116 6.79 6.08 26.68
N LEU H 117 7.56 7.09 26.25
CA LEU H 117 9.01 6.85 26.13
C LEU H 117 9.72 6.84 27.48
N ALA H 118 9.29 7.71 28.41
CA ALA H 118 9.85 7.69 29.75
C ALA H 118 9.49 6.39 30.43
N SER H 119 8.25 5.94 30.20
CA SER H 119 7.81 4.70 30.83
C SER H 119 8.52 3.47 30.30
N LEU H 120 8.73 3.41 29.00
CA LEU H 120 9.45 2.29 28.39
C LEU H 120 10.86 2.24 29.01
N ASP H 121 11.55 3.40 29.03
CA ASP H 121 12.86 3.48 29.74
C ASP H 121 12.77 2.91 31.16
N GLN H 122 11.78 3.35 31.94
CA GLN H 122 11.64 2.78 33.30
C GLN H 122 11.45 1.26 33.30
N SER H 123 10.58 0.77 32.42
CA SER H 123 10.31 -0.70 32.37
C SER H 123 11.60 -1.50 32.02
N LEU H 124 12.40 -0.98 31.09
CA LEU H 124 13.62 -1.64 30.68
C LEU H 124 14.65 -1.73 31.83
N LYS H 125 14.73 -0.65 32.59
CA LYS H 125 15.57 -0.60 33.81
C LYS H 125 15.07 -1.56 34.91
N ARG H 126 13.77 -1.56 35.16
CA ARG H 126 13.24 -2.51 36.17
C ARG H 126 13.43 -3.97 35.77
N MET H 127 13.19 -4.31 34.51
CA MET H 127 13.37 -5.70 34.04
C MET H 127 14.83 -6.09 33.75
N GLY H 128 15.72 -5.09 33.71
CA GLY H 128 17.12 -5.31 33.35
C GLY H 128 17.26 -5.80 31.92
N LEU H 129 16.50 -5.22 30.99
CA LEU H 129 16.46 -5.71 29.64
C LEU H 129 16.95 -4.63 28.69
N GLU H 130 17.57 -5.02 27.59
CA GLU H 130 17.99 -4.04 26.56
C GLU H 130 16.77 -3.66 25.73
N TYR H 131 15.88 -4.63 25.52
CA TYR H 131 14.60 -4.33 24.82
C TYR H 131 13.50 -5.28 25.25
N VAL H 132 12.23 -4.88 25.01
CA VAL H 132 11.13 -5.85 25.10
C VAL H 132 10.83 -6.37 23.67
N ASP H 133 10.21 -7.54 23.59
CA ASP H 133 9.83 -8.05 22.30
C ASP H 133 8.58 -7.32 21.78
N ILE H 134 7.69 -6.93 22.70
CA ILE H 134 6.47 -6.18 22.35
C ILE H 134 6.23 -5.04 23.29
N PHE H 135 6.06 -3.83 22.75
CA PHE H 135 5.68 -2.72 23.60
C PHE H 135 4.26 -2.28 23.17
N TYR H 136 3.36 -2.13 24.13
CA TYR H 136 1.94 -1.77 23.84
C TYR H 136 1.66 -0.36 24.27
N SER H 137 0.82 0.32 23.51
CA SER H 137 -0.04 1.35 24.07
C SER H 137 -1.15 0.61 24.83
N HIS H 138 -1.29 0.88 26.11
CA HIS H 138 -2.11 0.02 27.01
C HIS H 138 -3.63 0.35 26.94
N ARG H 139 -3.97 1.52 26.40
CA ARG H 139 -5.41 1.89 26.29
C ARG H 139 -5.46 3.10 25.41
N VAL H 140 -6.67 3.55 25.06
CA VAL H 140 -6.87 4.71 24.21
C VAL H 140 -6.78 5.94 25.09
N ASP H 141 -6.08 6.97 24.63
CA ASP H 141 -6.12 8.30 25.25
C ASP H 141 -6.74 9.26 24.23
N GLU H 142 -7.95 9.73 24.51
CA GLU H 142 -8.69 10.53 23.52
C GLU H 142 -8.03 11.90 23.44
N ASN H 143 -7.20 12.22 24.43
CA ASN H 143 -6.60 13.54 24.50
C ASN H 143 -5.18 13.66 23.90
N THR H 144 -4.67 12.58 23.32
CA THR H 144 -3.43 12.61 22.56
C THR H 144 -3.75 12.21 21.13
N PRO H 145 -3.27 12.99 20.13
CA PRO H 145 -3.51 12.58 18.75
C PRO H 145 -2.91 11.21 18.61
N MET H 146 -3.54 10.30 17.87
CA MET H 146 -2.95 8.98 17.66
C MET H 146 -1.62 9.08 16.86
N GLU H 147 -1.45 10.16 16.11
CA GLU H 147 -0.19 10.38 15.41
C GLU H 147 0.97 10.41 16.43
N GLU H 148 0.71 11.05 17.57
CA GLU H 148 1.74 11.22 18.60
C GLU H 148 2.08 9.90 19.32
N THR H 149 1.03 9.16 19.68
CA THR H 149 1.17 7.81 20.22
C THR H 149 1.90 6.89 19.25
N ALA H 150 1.50 6.93 17.99
CA ALA H 150 2.09 6.01 17.01
C ALA H 150 3.56 6.32 16.73
N SER H 151 3.89 7.62 16.65
CA SER H 151 5.28 8.03 16.52
C SER H 151 6.15 7.62 17.75
N ALA H 152 5.58 7.67 18.95
CA ALA H 152 6.26 7.15 20.15
C ALA H 152 6.51 5.65 20.04
N LEU H 153 5.48 4.85 19.70
CA LEU H 153 5.74 3.44 19.34
C LEU H 153 6.82 3.21 18.24
N ALA H 154 6.73 3.97 17.15
CA ALA H 154 7.75 3.93 16.12
C ALA H 154 9.19 4.21 16.65
N HIS H 155 9.33 5.24 17.48
CA HIS H 155 10.64 5.56 18.01
C HIS H 155 11.17 4.38 18.85
N ALA H 156 10.28 3.71 19.57
CA ALA H 156 10.69 2.57 20.39
C ALA H 156 11.29 1.46 19.52
N VAL H 157 10.69 1.22 18.36
CA VAL H 157 11.18 0.21 17.42
C VAL H 157 12.45 0.70 16.71
N GLN H 158 12.47 1.95 16.23
CA GLN H 158 13.67 2.47 15.57
C GLN H 158 14.91 2.46 16.48
N SER H 159 14.70 2.85 17.73
CA SER H 159 15.79 2.95 18.72
C SER H 159 16.24 1.59 19.30
N GLY H 160 15.61 0.50 18.85
CA GLY H 160 15.98 -0.86 19.28
C GLY H 160 15.52 -1.18 20.70
N LYS H 161 14.55 -0.43 21.23
CA LYS H 161 14.02 -0.74 22.56
C LYS H 161 12.78 -1.68 22.56
N ALA H 162 12.18 -1.89 21.39
CA ALA H 162 11.06 -2.84 21.23
C ALA H 162 11.19 -3.47 19.85
N LEU H 163 11.07 -4.80 19.77
CA LEU H 163 11.12 -5.49 18.47
C LEU H 163 9.80 -5.25 17.67
N TYR H 164 8.68 -5.22 18.40
CA TYR H 164 7.33 -5.13 17.81
C TYR H 164 6.46 -4.26 18.70
N VAL H 165 5.36 -3.74 18.15
CA VAL H 165 4.45 -2.91 18.93
C VAL H 165 3.01 -3.45 18.88
N GLY H 166 2.32 -3.31 19.98
CA GLY H 166 0.92 -3.72 20.09
C GLY H 166 0.02 -2.63 20.63
N ILE H 167 -1.30 -2.85 20.55
CA ILE H 167 -2.21 -1.95 21.20
C ILE H 167 -3.22 -2.77 22.00
N SER H 168 -3.85 -2.15 22.99
CA SER H 168 -4.77 -2.87 23.82
C SER H 168 -6.02 -1.99 24.06
N SER H 169 -7.19 -2.59 23.88
CA SER H 169 -8.52 -1.98 24.09
C SER H 169 -8.83 -0.78 23.21
N TYR H 170 -8.33 -0.85 21.98
CA TYR H 170 -8.66 0.10 20.92
C TYR H 170 -9.87 -0.43 20.13
N SER H 171 -10.81 0.46 19.83
CA SER H 171 -11.94 0.12 18.94
C SER H 171 -11.52 -0.28 17.52
N PRO H 172 -12.45 -0.90 16.74
CA PRO H 172 -12.06 -1.28 15.39
C PRO H 172 -11.56 -0.07 14.61
N GLU H 173 -12.16 1.10 14.86
CA GLU H 173 -11.85 2.30 14.07
C GLU H 173 -10.43 2.77 14.42
N ARG H 174 -10.21 2.87 15.74
CA ARG H 174 -8.92 3.34 16.26
C ARG H 174 -7.79 2.36 15.97
N THR H 175 -8.06 1.06 16.10
CA THR H 175 -7.17 0.03 15.57
C THR H 175 -6.73 0.22 14.13
N GLN H 176 -7.70 0.53 13.26
CA GLN H 176 -7.41 0.72 11.84
C GLN H 176 -6.64 2.02 11.56
N LYS H 177 -6.90 3.08 12.32
CA LYS H 177 -6.12 4.31 12.20
C LYS H 177 -4.66 4.10 12.72
N MET H 178 -4.50 3.24 13.74
CA MET H 178 -3.15 2.94 14.25
C MET H 178 -2.36 2.13 13.25
N VAL H 179 -3.01 1.18 12.59
CA VAL H 179 -2.36 0.37 11.55
C VAL H 179 -1.83 1.28 10.47
N GLU H 180 -2.66 2.25 10.06
CA GLU H 180 -2.28 3.17 8.99
C GLU H 180 -1.12 4.05 9.42
N LEU H 181 -1.23 4.58 10.63
CA LEU H 181 -0.27 5.53 11.15
C LEU H 181 1.09 4.86 11.28
N LEU H 182 1.12 3.62 11.80
CA LEU H 182 2.38 2.86 11.91
C LEU H 182 2.96 2.45 10.55
N ARG H 183 2.08 2.26 9.55
CA ARG H 183 2.54 1.96 8.20
CA ARG H 183 2.52 1.97 8.19
C ARG H 183 3.32 3.12 7.59
N GLU H 184 2.97 4.36 7.96
CA GLU H 184 3.74 5.52 7.52
C GLU H 184 5.19 5.43 7.99
N TRP H 185 5.40 4.67 9.07
CA TRP H 185 6.77 4.41 9.58
C TRP H 185 7.33 3.07 9.07
N LYS H 186 6.54 2.38 8.26
CA LYS H 186 6.92 1.07 7.73
C LYS H 186 6.99 0.04 8.87
N ILE H 187 6.10 0.18 9.84
CA ILE H 187 6.00 -0.75 10.95
C ILE H 187 4.59 -1.35 10.96
N PRO H 188 4.50 -2.69 10.94
CA PRO H 188 3.21 -3.33 11.08
C PRO H 188 2.77 -3.36 12.53
N LEU H 189 1.50 -3.11 12.81
CA LEU H 189 0.99 -3.41 14.13
C LEU H 189 1.04 -4.91 14.33
N LEU H 190 1.70 -5.40 15.40
CA LEU H 190 1.80 -6.84 15.56
C LEU H 190 0.50 -7.48 16.09
N ILE H 191 -0.10 -6.88 17.12
CA ILE H 191 -1.01 -7.63 17.94
C ILE H 191 -1.96 -6.68 18.63
N HIS H 192 -3.17 -7.16 18.90
CA HIS H 192 -4.13 -6.36 19.67
C HIS H 192 -4.47 -7.20 20.90
N GLN H 193 -4.55 -6.61 22.07
CA GLN H 193 -4.93 -7.35 23.29
C GLN H 193 -6.24 -6.78 23.90
N PRO H 194 -7.40 -7.42 23.56
CA PRO H 194 -8.72 -7.08 24.10
C PRO H 194 -9.12 -8.04 25.24
N SER H 195 -9.97 -7.56 26.15
CA SER H 195 -10.78 -8.42 27.01
C SER H 195 -11.68 -9.30 26.20
N TYR H 196 -11.59 -10.60 26.39
CA TYR H 196 -12.35 -11.51 25.55
C TYR H 196 -12.49 -12.89 26.21
N ASN H 197 -13.74 -13.27 26.50
CA ASN H 197 -14.07 -14.57 27.09
C ASN H 197 -15.55 -14.89 26.77
N LEU H 198 -15.98 -16.10 27.14
CA LEU H 198 -17.40 -16.51 26.96
C LEU H 198 -18.46 -15.45 27.32
N LEU H 199 -18.25 -14.74 28.43
CA LEU H 199 -19.22 -13.77 28.94
C LEU H 199 -19.03 -12.33 28.43
N ASN H 200 -18.16 -12.14 27.44
CA ASN H 200 -17.75 -10.79 27.05
C ASN H 200 -17.24 -10.85 25.64
N ARG H 201 -18.13 -10.57 24.69
CA ARG H 201 -17.84 -10.77 23.28
C ARG H 201 -17.85 -9.49 22.45
N TRP H 202 -17.61 -8.35 23.09
CA TRP H 202 -17.47 -7.09 22.37
CA TRP H 202 -17.51 -7.10 22.33
C TRP H 202 -16.54 -7.18 21.15
N VAL H 203 -15.47 -7.97 21.24
CA VAL H 203 -14.54 -8.02 20.09
C VAL H 203 -15.18 -8.63 18.84
N ASP H 204 -16.05 -9.60 19.06
CA ASP H 204 -16.80 -10.21 17.96
C ASP H 204 -17.87 -9.24 17.43
N LYS H 205 -18.77 -8.83 18.32
CA LYS H 205 -19.89 -7.99 17.94
C LYS H 205 -19.45 -6.67 17.31
N SER H 206 -18.31 -6.14 17.75
CA SER H 206 -17.82 -4.83 17.29
C SER H 206 -17.25 -4.90 15.87
N GLY H 207 -16.96 -6.10 15.37
CA GLY H 207 -16.17 -6.25 14.14
C GLY H 207 -14.64 -6.20 14.34
N LEU H 208 -14.19 -6.05 15.60
CA LEU H 208 -12.72 -6.08 15.87
C LEU H 208 -12.05 -7.28 15.26
N LEU H 209 -12.57 -8.48 15.51
CA LEU H 209 -11.89 -9.67 14.98
C LEU H 209 -11.69 -9.58 13.46
N ASP H 210 -12.63 -8.94 12.76
CA ASP H 210 -12.52 -8.75 11.31
C ASP H 210 -11.46 -7.73 10.93
N THR H 211 -11.50 -6.58 11.59
CA THR H 211 -10.49 -5.53 11.43
C THR H 211 -9.08 -6.15 11.60
N LEU H 212 -8.90 -6.94 12.66
CA LEU H 212 -7.59 -7.51 13.00
C LEU H 212 -7.18 -8.47 11.91
N GLN H 213 -8.12 -9.32 11.50
CA GLN H 213 -7.86 -10.29 10.44
C GLN H 213 -7.54 -9.61 9.13
N ASN H 214 -8.28 -8.54 8.84
CA ASN H 214 -8.08 -7.79 7.60
C ASN H 214 -6.71 -7.12 7.53
N ASN H 215 -6.16 -6.72 8.68
CA ASN H 215 -4.88 -6.00 8.67
C ASN H 215 -3.72 -6.90 9.12
N GLY H 216 -3.96 -8.20 9.18
CA GLY H 216 -2.99 -9.17 9.65
C GLY H 216 -2.46 -8.94 11.07
N VAL H 217 -3.27 -8.37 11.94
CA VAL H 217 -2.89 -8.17 13.34
C VAL H 217 -3.28 -9.41 14.15
N GLY H 218 -2.51 -9.75 15.18
CA GLY H 218 -2.84 -10.90 16.06
C GLY H 218 -3.83 -10.53 17.15
N CYS H 219 -4.36 -11.54 17.84
CA CYS H 219 -5.30 -11.26 18.93
C CYS H 219 -4.95 -12.08 20.17
N ILE H 220 -4.67 -11.39 21.28
CA ILE H 220 -4.44 -12.08 22.52
C ILE H 220 -5.49 -11.72 23.56
N ALA H 221 -6.19 -12.75 24.06
CA ALA H 221 -7.31 -12.53 24.98
C ALA H 221 -6.93 -12.35 26.44
N PHE H 222 -7.24 -11.18 26.94
CA PHE H 222 -7.08 -10.84 28.32
C PHE H 222 -8.32 -11.35 29.12
N THR H 223 -8.08 -11.84 30.34
CA THR H 223 -9.14 -12.45 31.19
C THR H 223 -10.01 -13.44 30.43
N PRO H 224 -9.37 -14.41 29.75
CA PRO H 224 -10.14 -15.46 29.10
C PRO H 224 -11.07 -16.22 30.08
N LEU H 225 -10.80 -16.12 31.38
CA LEU H 225 -11.62 -16.83 32.39
C LEU H 225 -12.53 -15.90 33.18
N ALA H 226 -12.77 -14.71 32.64
CA ALA H 226 -13.62 -13.69 33.28
C ALA H 226 -13.37 -13.58 34.77
N GLN H 227 -12.09 -13.58 35.15
CA GLN H 227 -11.68 -13.40 36.56
C GLN H 227 -12.32 -14.33 37.58
N GLY H 228 -12.07 -15.63 37.47
CA GLY H 228 -12.57 -16.62 38.45
C GLY H 228 -14.01 -17.07 38.19
N LEU H 229 -14.73 -16.27 37.40
CA LEU H 229 -16.14 -16.51 37.09
C LEU H 229 -16.38 -17.63 36.07
N LEU H 230 -15.35 -18.02 35.34
CA LEU H 230 -15.44 -19.22 34.51
C LEU H 230 -14.58 -20.35 35.07
N THR H 231 -14.52 -20.44 36.40
CA THR H 231 -13.85 -21.56 37.09
C THR H 231 -14.80 -22.12 38.16
N GLY H 232 -14.32 -23.02 39.01
CA GLY H 232 -15.03 -23.30 40.28
C GLY H 232 -14.98 -22.12 41.25
N LYS H 233 -16.14 -21.51 41.52
CA LYS H 233 -16.27 -20.43 42.52
C LYS H 233 -17.72 -20.29 42.93
N LEU H 259 -23.63 -13.24 41.80
CA LEU H 259 -24.23 -12.93 43.10
C LEU H 259 -25.78 -13.02 43.06
N THR H 260 -26.34 -13.37 41.90
CA THR H 260 -27.77 -13.76 41.81
C THR H 260 -27.99 -15.26 41.53
N GLU H 261 -29.26 -15.69 41.50
CA GLU H 261 -29.61 -17.10 41.51
C GLU H 261 -29.74 -17.75 40.14
N ALA H 262 -30.18 -16.99 39.13
CA ALA H 262 -30.09 -17.45 37.73
C ALA H 262 -28.66 -17.27 37.20
N ASN H 263 -27.86 -16.50 37.94
CA ASN H 263 -26.41 -16.45 37.75
C ASN H 263 -25.71 -17.79 38.09
N LEU H 264 -25.74 -18.18 39.36
CA LEU H 264 -25.13 -19.45 39.80
C LEU H 264 -25.68 -20.61 38.99
N ASN H 265 -26.72 -20.32 38.22
CA ASN H 265 -27.51 -21.34 37.56
C ASN H 265 -27.04 -21.66 36.15
N SER H 266 -26.86 -20.61 35.34
CA SER H 266 -26.20 -20.73 34.04
C SER H 266 -24.84 -21.39 34.24
N LEU H 267 -24.10 -20.92 35.24
CA LEU H 267 -22.77 -21.44 35.54
C LEU H 267 -22.81 -22.92 35.90
N ARG H 268 -23.79 -23.31 36.72
CA ARG H 268 -24.04 -24.73 37.05
C ARG H 268 -24.15 -25.60 35.80
N LEU H 269 -24.94 -25.13 34.84
CA LEU H 269 -25.23 -25.91 33.64
C LEU H 269 -24.07 -25.85 32.64
N LEU H 270 -23.39 -24.70 32.60
CA LEU H 270 -22.15 -24.58 31.83
C LEU H 270 -21.08 -25.52 32.32
N ASN H 271 -20.90 -25.55 33.63
CA ASN H 271 -19.96 -26.48 34.26
C ASN H 271 -20.27 -27.94 33.93
N GLU H 272 -21.55 -28.26 33.77
CA GLU H 272 -21.97 -29.64 33.47
C GLU H 272 -21.71 -30.04 32.02
N MET H 273 -21.88 -29.08 31.10
CA MET H 273 -21.44 -29.29 29.72
C MET H 273 -19.95 -29.64 29.69
N ALA H 274 -19.16 -28.89 30.46
CA ALA H 274 -17.71 -29.13 30.52
C ALA H 274 -17.46 -30.55 31.01
N GLN H 275 -18.06 -30.90 32.15
CA GLN H 275 -18.14 -32.31 32.60
C GLN H 275 -18.36 -33.36 31.49
N GLN H 276 -19.42 -33.20 30.69
CA GLN H 276 -19.65 -34.11 29.56
CA GLN H 276 -19.69 -34.06 29.51
C GLN H 276 -18.52 -34.07 28.55
N ARG H 277 -17.88 -32.92 28.39
CA ARG H 277 -16.74 -32.79 27.48
C ARG H 277 -15.48 -33.49 28.02
N GLY H 278 -15.45 -33.72 29.33
CA GLY H 278 -14.25 -34.26 29.99
C GLY H 278 -13.29 -33.17 30.45
N GLN H 279 -13.84 -31.98 30.65
CA GLN H 279 -13.09 -30.74 30.83
C GLN H 279 -13.56 -30.10 32.11
N SER H 280 -12.70 -29.32 32.74
CA SER H 280 -13.15 -28.48 33.80
C SER H 280 -13.89 -27.32 33.15
N MET H 281 -14.51 -26.50 33.99
CA MET H 281 -15.10 -25.26 33.54
C MET H 281 -13.99 -24.43 32.85
N ALA H 282 -12.87 -24.25 33.57
CA ALA H 282 -11.74 -23.45 33.10
C ALA H 282 -11.24 -23.95 31.76
N GLN H 283 -11.13 -25.26 31.60
CA GLN H 283 -10.60 -25.82 30.37
C GLN H 283 -11.48 -25.55 29.16
N MET H 284 -12.81 -25.68 29.34
CA MET H 284 -13.75 -25.52 28.22
C MET H 284 -13.76 -24.08 27.73
N ALA H 285 -13.79 -23.14 28.67
CA ALA H 285 -13.75 -21.70 28.37
C ALA H 285 -12.52 -21.24 27.58
N LEU H 286 -11.35 -21.77 27.93
CA LEU H 286 -10.13 -21.59 27.12
C LEU H 286 -10.24 -22.29 25.80
N SER H 287 -10.75 -23.51 25.81
CA SER H 287 -10.85 -24.30 24.59
C SER H 287 -11.73 -23.56 23.57
N TRP H 288 -12.73 -22.87 24.12
CA TRP H 288 -13.71 -22.11 23.34
C TRP H 288 -13.03 -20.98 22.59
N LEU H 289 -12.37 -20.08 23.34
CA LEU H 289 -11.55 -19.03 22.73
C LEU H 289 -10.63 -19.56 21.65
N LEU H 290 -10.00 -20.70 21.89
CA LEU H 290 -9.05 -21.28 20.95
C LEU H 290 -9.67 -22.21 19.91
N LYS H 291 -11.01 -22.21 19.86
CA LYS H 291 -11.73 -23.15 18.99
C LYS H 291 -11.41 -22.91 17.52
N ASP H 292 -11.10 -21.67 17.15
CA ASP H 292 -10.67 -21.35 15.78
C ASP H 292 -9.40 -20.47 15.75
N ASP H 293 -8.98 -20.07 14.54
CA ASP H 293 -7.69 -19.38 14.39
C ASP H 293 -7.83 -17.87 14.49
N ARG H 294 -8.91 -17.40 15.12
CA ARG H 294 -9.15 -15.97 15.24
C ARG H 294 -8.39 -15.40 16.44
N VAL H 295 -8.05 -16.29 17.38
CA VAL H 295 -7.40 -15.92 18.63
C VAL H 295 -6.00 -16.51 18.50
N THR H 296 -5.00 -15.68 18.69
CA THR H 296 -3.61 -16.10 18.59
C THR H 296 -3.26 -16.81 19.90
N SER H 297 -3.69 -16.27 21.02
CA SER H 297 -3.30 -16.80 22.32
C SER H 297 -4.27 -16.36 23.39
N VAL H 298 -4.35 -17.11 24.49
CA VAL H 298 -5.11 -16.66 25.61
C VAL H 298 -4.17 -16.45 26.79
N LEU H 299 -4.42 -15.37 27.53
CA LEU H 299 -3.59 -14.95 28.66
C LEU H 299 -4.06 -15.49 30.01
N ILE H 300 -3.30 -16.44 30.49
CA ILE H 300 -3.53 -17.08 31.77
C ILE H 300 -2.83 -16.34 32.88
N GLY H 301 -3.61 -15.85 33.84
CA GLY H 301 -3.05 -15.21 35.01
C GLY H 301 -2.90 -16.17 36.17
N ALA H 302 -2.05 -17.17 36.03
CA ALA H 302 -1.89 -18.24 37.04
C ALA H 302 -1.37 -17.83 38.43
N SER H 303 -1.91 -18.43 39.49
CA SER H 303 -1.42 -18.16 40.85
C SER H 303 -0.64 -19.29 41.54
N ARG H 304 -0.53 -20.42 40.86
CA ARG H 304 0.21 -21.56 41.36
C ARG H 304 0.53 -22.41 40.15
N ALA H 305 1.67 -23.11 40.16
CA ALA H 305 2.11 -23.93 39.01
C ALA H 305 1.06 -24.90 38.51
N GLU H 306 0.29 -25.49 39.43
CA GLU H 306 -0.61 -26.60 39.06
C GLU H 306 -1.74 -26.06 38.24
N GLN H 307 -2.09 -24.80 38.47
CA GLN H 307 -3.07 -24.19 37.60
C GLN H 307 -2.67 -24.23 36.12
N LEU H 308 -1.37 -24.08 35.83
CA LEU H 308 -0.92 -24.06 34.47
C LEU H 308 -1.03 -25.42 33.86
N GLU H 309 -0.63 -26.43 34.63
CA GLU H 309 -0.71 -27.81 34.20
C GLU H 309 -2.15 -28.15 33.82
N GLU H 310 -3.09 -27.73 34.67
CA GLU H 310 -4.52 -27.91 34.39
C GLU H 310 -4.92 -27.20 33.07
N ASN H 311 -4.61 -25.92 32.92
CA ASN H 311 -5.11 -25.12 31.78
C ASN H 311 -4.59 -25.53 30.40
N VAL H 312 -3.32 -25.94 30.31
CA VAL H 312 -2.77 -26.30 29.00
C VAL H 312 -3.42 -27.55 28.44
N GLN H 313 -4.14 -28.30 29.28
CA GLN H 313 -4.82 -29.49 28.77
C GLN H 313 -6.07 -29.14 27.97
N ALA H 314 -6.55 -27.90 28.09
CA ALA H 314 -7.53 -27.37 27.14
C ALA H 314 -7.17 -27.69 25.67
N LEU H 315 -5.88 -27.77 25.36
CA LEU H 315 -5.44 -28.06 23.98
C LEU H 315 -5.79 -29.48 23.50
N ASN H 316 -6.09 -30.39 24.42
CA ASN H 316 -6.47 -31.76 24.05
C ASN H 316 -7.87 -31.88 23.42
N ASN H 317 -8.73 -30.90 23.70
CA ASN H 317 -10.08 -30.89 23.16
C ASN H 317 -10.48 -29.51 22.69
N LEU H 318 -10.11 -29.17 21.46
CA LEU H 318 -10.43 -27.86 20.88
C LEU H 318 -11.67 -27.83 19.99
N THR H 319 -12.38 -28.96 19.94
CA THR H 319 -13.47 -29.18 18.98
C THR H 319 -14.85 -29.03 19.64
N PHE H 320 -15.68 -28.22 19.00
CA PHE H 320 -17.00 -27.85 19.55
C PHE H 320 -18.06 -28.05 18.46
N SER H 321 -19.02 -28.94 18.68
CA SER H 321 -20.12 -29.11 17.69
C SER H 321 -21.06 -27.93 17.80
N THR H 322 -21.86 -27.73 16.76
CA THR H 322 -22.71 -26.54 16.70
C THR H 322 -23.87 -26.61 17.69
N LYS H 323 -24.30 -27.84 18.01
CA LYS H 323 -25.13 -28.09 19.20
C LYS H 323 -24.50 -27.44 20.46
N GLU H 324 -23.28 -27.89 20.79
CA GLU H 324 -22.52 -27.36 21.94
C GLU H 324 -22.46 -25.84 21.89
N LEU H 325 -22.03 -25.27 20.76
CA LEU H 325 -21.87 -23.81 20.70
C LEU H 325 -23.19 -23.13 21.05
N ALA H 326 -24.26 -23.61 20.43
CA ALA H 326 -25.57 -22.96 20.56
C ALA H 326 -26.09 -23.11 21.99
N GLN H 327 -25.93 -24.31 22.53
CA GLN H 327 -26.33 -24.60 23.91
C GLN H 327 -25.59 -23.73 24.94
N ILE H 328 -24.27 -23.57 24.72
CA ILE H 328 -23.45 -22.66 25.51
C ILE H 328 -24.01 -21.24 25.46
N ASP H 329 -24.26 -20.73 24.25
CA ASP H 329 -24.94 -19.44 24.10
C ASP H 329 -26.26 -19.36 24.88
N GLN H 330 -27.13 -20.35 24.66
CA GLN H 330 -28.40 -20.47 25.41
C GLN H 330 -28.21 -20.36 26.93
N HIS H 331 -27.53 -21.34 27.53
CA HIS H 331 -27.27 -21.36 28.99
C HIS H 331 -26.87 -19.98 29.58
N ILE H 332 -26.17 -19.16 28.79
CA ILE H 332 -25.47 -17.96 29.29
C ILE H 332 -26.40 -16.79 29.60
MG MG I . -14.96 4.29 -49.06
MG MG J . -34.46 -25.25 -40.96
MG MG K . -55.77 -5.12 -19.40
MG MG L . -36.11 24.36 -27.54
MG MG M . -41.43 17.26 -14.50
MG MG N . 24.90 20.52 47.83
MG MG O . 52.88 16.72 25.10
MG MG P . 45.69 -18.77 22.07
MG MG Q . 17.64 -15.02 44.88
#